data_9F2J
#
_entry.id   9F2J
#
_cell.length_a   1.00
_cell.length_b   1.00
_cell.length_c   1.00
_cell.angle_alpha   90.00
_cell.angle_beta   90.00
_cell.angle_gamma   90.00
#
_symmetry.space_group_name_H-M   'P 1'
#
loop_
_entity.id
_entity.type
_entity.pdbx_description
1 polymer 'Botulinum neurotoxin type A'
2 polymer 'Synaptic vesicle glycoprotein 2B'
3 branched alpha-L-fucopyranose-(1-6)-2-acetamido-2-deoxy-beta-D-glucopyranose
4 branched alpha-D-mannopyranose-(1-3)-[alpha-D-mannopyranose-(1-6)]beta-D-mannopyranose-(1-4)-2-acetamido-2-deoxy-beta-D-glucopyranose-(1-4)-[alpha-L-fucopyranose-(1-6)]2-acetamido-2-deoxy-beta-D-glucopyranose
5 non-polymer 2-acetamido-2-deoxy-beta-D-glucopyranose
#
loop_
_entity_poly.entity_id
_entity_poly.type
_entity_poly.pdbx_seq_one_letter_code
_entity_poly.pdbx_strand_id
1 'polypeptide(L)'
;MRGSHHHHHHGSLVPRGSPFVNKQFNYKDPVNGVDIAYIKIPNAGQMQPVKAFKIHNKIWVIPERDTFTNPEEGDLNPPP
EAKQVPVSYYDSTYLSTDNEKDNYLKGVTKLFERIYSTDLGRMLLTSIVRGIPFWGGSTIDTELKVIDTNCINVIQPDGS
YRSEELNLVIIGPSADIIQFECKSFGHEVLNLTRNGYGSTQYIRFSPDFTFGFEESLEVDTNPLLGAGKFATDPAVTLAH
QLIHAGHRLYGIAINPNRVFKVNTNAYYEMSGLEVSFEELRTFGGHDAKFIDSLQENEFRLYYYNKFKDIASTLNKAKSI
VGTTASLQYMKNVFKEKYLLSEDTSGKFSVDKLKFDKLYKMLTEIYTEDNFVKFFKVLNAKTFLNFDKAVFKINIVPKVN
YTIYDGFNLRNTNLAANFNGQNTEINNMNFTKLKNFTGLFEFYKLLCVRGIITSKTKSLDKGYNKALNDLCIKVNNWDLF
FSPSEDNFTNDLNKGEEITSDTNIEAAEENISLDLIQQYYLTFNFDNEPENISIENLSSDIIGQLELMPNIERFPNGKKY
ELDKYTMFHYLRAQEFEHGKSRIALTNSVNEALLNPSRVYTFFSSDYVKKVNKATEAAMFLGWVEQLVYDFTDETSEVST
TDKIADITIIIPYIGPALNIGNMLYKDDFVGALIFSGAVILLEFIPEIAIPVLGTFALVSYIANKVLTVQTIDNALSKRN
EKWDEVYKYIVTNWLAKVNTQIDLIRKKMKEALENQAEATKAIINYQYNQYTEEEKNNINFNIDDLSSKLNESINKAMIN
INKFLNQCSVSYLMNSMIPYGVKRLEDFDASLKDALLKYIYDNRGTLIGQVDRLKDKVNNTLSTDIPFQLSKYVDNQRLL
STFTEYIKNIINTSILNLRYESNHLIDLSRYASKINIGSKVNFDPIDKNQIQLFNLESSKIEVILKNAIVYNSMYENFST
SFWIRIPKYFNSISLNNEYTIINCMENNSGWKVSLNYGEIIWTLQDTQEIKQRVVFKYSQMINISDYINRWIFVTITNNR
LNNSKIYINGRLIDQKPISNLGNIHASNNIMFKLDGCRDTHRYIWIKYFNLFDKELNEKEIKDLYDNQSNSGILKDFWGD
YLQYDKPYYMLNLYDPNKYVDVNNVGIRGYMYLKGPRGSVMTTNIYLNSSLYRGAKFIIKKYASGNKDNIVRNNDRVYIN
VVVKNKEYRLATNASQAGVEKILSALEIPDVGNLSQVVVMKSKNDQGITNKCKMNLQDNNGNDIGFIGFHQFNNIAKLVA
SNWYNRQIERSSRTLGCSWEFIPVDDGWGERPLVPPTPGSAWSHPQFEK
;
B
2 'polypeptide(L)'
;MDDYKYQDNYGGYAPSDGYYRGNESNPEEDAQSDVTEGHDEEDEIYEGEYQGIPHPDDVKAKQAKMAPSRMDSLRGQTDL
MAERLEDEEQLAHQYETIMDECGHGRFQWILFFVLGLALMADGVEVFVVSFALPSAEKDMCLSSSKKGMLGMIVYLGMMA
GAFILGGLADKLGRKRVLSMSLAVNASFASLSSFVQGYGAFLFCRLISGIGIGGALPIVFAYFSEFLSREKRGEHLSWLG
IFWMTGGLYASAMAWSIIPHYGWGFSMGTNYHFHSWRVFVIVCALPCTVSMVALKFMPESPRFLLEMGKHDEAWMILKQV
HDTNMRAKGTPEKVFTVSNIKTPKQMDEFIEIQSSTGTWYQRWLVRFKTIFKQVWDNALYCVMGPYRMNTLILAVVWFAM
AFSYYGLTVWFPDMIRYFQDEEYKSKMKVFFGEHVYGATINFTMENQIHQHGKLVNDKFTRMYFKHVLFEDTFFDECYFE
DVTSTDTYFKNCTIESTIFYNTDLYEHKFINCRFINSTFLEQKEGCHMDLEQDNDFLIYLVSFLGSLSVLPGNIISALLM
DRIGRLKMIGGSMLISAVCCFFLFFGNSESAMIGWQCLFCGTSIAAWNALDVITVELYPTNQRATAFGILNGLCKFGAIL
GNTIFASFVGITKVVPILLAAASLVGGGLIALRLPETREQVLM
;
A
#
# COMPACT_ATOMS: atom_id res chain seq x y z
N SER A 18 -56.65 -33.70 -19.96
CA SER A 18 -57.02 -35.09 -19.75
C SER A 18 -56.55 -35.57 -18.38
N PRO A 19 -57.49 -35.88 -17.50
CA PRO A 19 -57.12 -36.35 -16.15
C PRO A 19 -56.57 -37.76 -16.20
N PHE A 20 -55.76 -38.08 -15.18
CA PHE A 20 -55.18 -39.41 -15.07
C PHE A 20 -56.26 -40.47 -14.88
N VAL A 21 -56.96 -40.42 -13.76
CA VAL A 21 -58.00 -41.40 -13.45
C VAL A 21 -59.32 -40.86 -13.99
N ASN A 22 -59.97 -41.65 -14.84
CA ASN A 22 -61.22 -41.26 -15.46
C ASN A 22 -62.40 -41.86 -14.70
N LYS A 23 -63.50 -41.10 -14.63
CA LYS A 23 -64.78 -41.61 -14.15
C LYS A 23 -64.66 -42.12 -12.70
N GLN A 24 -64.51 -41.15 -11.78
CA GLN A 24 -64.38 -41.41 -10.36
C GLN A 24 -65.32 -42.51 -9.90
N PHE A 25 -64.84 -43.33 -8.95
CA PHE A 25 -65.42 -44.64 -8.70
C PHE A 25 -66.29 -44.74 -7.45
N ASN A 26 -66.38 -43.69 -6.63
CA ASN A 26 -67.06 -43.77 -5.35
C ASN A 26 -66.52 -44.96 -4.57
N TYR A 27 -67.37 -45.71 -3.87
CA TYR A 27 -66.91 -47.00 -3.35
C TYR A 27 -67.88 -48.14 -3.63
N LYS A 28 -69.18 -47.89 -3.51
CA LYS A 28 -70.17 -48.96 -3.49
C LYS A 28 -70.76 -49.23 -4.87
N ASP A 29 -70.04 -48.90 -5.93
CA ASP A 29 -70.46 -49.26 -7.28
C ASP A 29 -70.36 -50.77 -7.45
N PRO A 30 -71.06 -51.33 -8.46
CA PRO A 30 -71.14 -52.79 -8.55
C PRO A 30 -69.82 -53.49 -8.84
N VAL A 31 -69.89 -54.80 -9.03
CA VAL A 31 -68.73 -55.68 -9.11
C VAL A 31 -68.40 -55.98 -10.56
N ASN A 32 -68.68 -55.01 -11.44
CA ASN A 32 -68.73 -55.16 -12.90
C ASN A 32 -67.71 -56.14 -13.47
N GLY A 33 -66.44 -55.95 -13.18
CA GLY A 33 -65.45 -56.90 -13.64
C GLY A 33 -64.30 -56.32 -14.43
N VAL A 34 -64.39 -55.04 -14.80
CA VAL A 34 -63.35 -54.38 -15.58
C VAL A 34 -62.71 -53.23 -14.81
N ASP A 35 -63.50 -52.46 -14.05
CA ASP A 35 -62.98 -51.31 -13.32
C ASP A 35 -63.17 -51.40 -11.83
N ILE A 36 -64.15 -52.17 -11.36
CA ILE A 36 -64.45 -52.37 -9.95
C ILE A 36 -64.85 -53.83 -9.79
N ALA A 37 -63.99 -54.63 -9.16
CA ALA A 37 -64.33 -56.05 -9.09
C ALA A 37 -63.59 -56.70 -7.93
N TYR A 38 -64.09 -57.88 -7.54
CA TYR A 38 -63.41 -58.68 -6.55
C TYR A 38 -62.19 -59.33 -7.19
N ILE A 39 -61.03 -59.18 -6.55
CA ILE A 39 -59.78 -59.68 -7.07
C ILE A 39 -59.11 -60.55 -6.02
N LYS A 40 -58.22 -61.42 -6.48
CA LYS A 40 -57.44 -62.29 -5.60
C LYS A 40 -55.97 -62.11 -5.92
N ILE A 41 -55.27 -61.30 -5.14
CA ILE A 41 -53.84 -61.08 -5.33
C ILE A 41 -53.09 -62.34 -4.93
N PRO A 42 -51.86 -62.55 -5.41
CA PRO A 42 -51.09 -63.72 -4.95
C PRO A 42 -50.85 -63.67 -3.46
N ASN A 43 -50.81 -64.85 -2.84
CA ASN A 43 -50.62 -64.95 -1.41
C ASN A 43 -50.03 -66.32 -1.09
N ALA A 44 -49.54 -66.45 0.14
CA ALA A 44 -48.89 -67.71 0.55
C ALA A 44 -49.88 -68.86 0.57
N GLY A 45 -51.08 -68.64 1.10
CA GLY A 45 -52.07 -69.71 1.20
C GLY A 45 -53.34 -69.43 0.43
N GLN A 46 -54.46 -69.39 1.15
CA GLN A 46 -55.77 -69.10 0.56
C GLN A 46 -56.30 -67.81 1.18
N MET A 47 -56.78 -66.90 0.33
CA MET A 47 -57.29 -65.61 0.78
C MET A 47 -58.65 -65.35 0.16
N GLN A 48 -59.54 -64.78 0.97
CA GLN A 48 -60.86 -64.41 0.48
C GLN A 48 -60.73 -63.28 -0.54
N PRO A 49 -61.50 -63.33 -1.64
CA PRO A 49 -61.42 -62.24 -2.62
C PRO A 49 -61.75 -60.89 -2.00
N VAL A 50 -61.01 -59.88 -2.42
CA VAL A 50 -61.11 -58.54 -1.86
C VAL A 50 -61.48 -57.57 -2.98
N LYS A 51 -62.38 -56.64 -2.67
CA LYS A 51 -62.85 -55.70 -3.68
C LYS A 51 -61.74 -54.70 -4.02
N ALA A 52 -61.34 -54.66 -5.30
CA ALA A 52 -60.30 -53.77 -5.76
C ALA A 52 -60.77 -53.03 -7.00
N PHE A 53 -60.37 -51.76 -7.11
CA PHE A 53 -60.83 -50.89 -8.20
C PHE A 53 -59.63 -50.48 -9.03
N LYS A 54 -59.73 -50.63 -10.34
CA LYS A 54 -58.67 -50.21 -11.24
C LYS A 54 -58.82 -48.73 -11.54
N ILE A 55 -57.75 -47.95 -11.38
CA ILE A 55 -57.83 -46.52 -11.58
C ILE A 55 -57.23 -46.08 -12.92
N HIS A 56 -56.44 -46.92 -13.56
CA HIS A 56 -55.81 -46.60 -14.84
C HIS A 56 -55.29 -47.90 -15.42
N ASN A 57 -54.52 -47.82 -16.50
CA ASN A 57 -53.92 -49.00 -17.08
C ASN A 57 -52.93 -49.61 -16.10
N LYS A 58 -53.12 -50.89 -15.78
CA LYS A 58 -52.21 -51.66 -14.94
C LYS A 58 -52.02 -51.06 -13.55
N ILE A 59 -52.98 -50.28 -13.06
CA ILE A 59 -52.90 -49.70 -11.73
C ILE A 59 -54.19 -50.01 -10.99
N TRP A 60 -54.10 -50.76 -9.90
CA TRP A 60 -55.23 -51.10 -9.06
C TRP A 60 -55.04 -50.52 -7.67
N VAL A 61 -56.14 -50.22 -7.00
CA VAL A 61 -56.14 -49.81 -5.61
C VAL A 61 -57.06 -50.73 -4.84
N ILE A 62 -56.58 -51.19 -3.68
CA ILE A 62 -57.34 -52.08 -2.80
C ILE A 62 -57.51 -51.37 -1.47
N PRO A 63 -58.65 -50.71 -1.25
CA PRO A 63 -58.84 -49.98 0.01
C PRO A 63 -59.02 -50.92 1.20
N GLU A 64 -57.99 -51.69 1.52
CA GLU A 64 -58.02 -52.61 2.65
C GLU A 64 -56.64 -52.64 3.30
N ARG A 65 -56.63 -53.01 4.58
CA ARG A 65 -55.38 -53.17 5.30
C ARG A 65 -54.59 -54.35 4.73
N ASP A 66 -53.29 -54.19 4.65
CA ASP A 66 -52.43 -55.22 4.06
C ASP A 66 -52.19 -56.30 5.11
N THR A 67 -53.07 -57.30 5.11
CA THR A 67 -52.89 -58.50 5.94
C THR A 67 -52.84 -59.76 5.08
N PHE A 68 -52.64 -59.61 3.77
CA PHE A 68 -52.67 -60.73 2.84
C PHE A 68 -51.29 -61.14 2.36
N THR A 69 -50.51 -60.17 1.85
CA THR A 69 -49.24 -60.52 1.21
C THR A 69 -48.27 -61.16 2.20
N ASN A 70 -48.18 -60.63 3.41
CA ASN A 70 -47.23 -61.14 4.39
C ASN A 70 -47.98 -61.98 5.42
N PRO A 71 -47.73 -63.29 5.49
CA PRO A 71 -48.45 -64.11 6.47
C PRO A 71 -48.07 -63.80 7.91
N GLU A 72 -46.86 -63.31 8.15
CA GLU A 72 -46.47 -62.92 9.49
C GLU A 72 -47.29 -61.72 9.98
N GLU A 73 -47.55 -60.76 9.10
CA GLU A 73 -48.33 -59.57 9.44
C GLU A 73 -49.83 -59.90 9.36
N GLY A 74 -50.28 -60.71 10.31
CA GLY A 74 -51.68 -61.07 10.38
C GLY A 74 -52.44 -60.33 11.47
N ASP A 75 -51.73 -59.58 12.29
CA ASP A 75 -52.32 -58.88 13.42
C ASP A 75 -52.15 -57.38 13.26
N LEU A 76 -53.03 -56.62 13.90
CA LEU A 76 -53.04 -55.17 13.81
C LEU A 76 -52.69 -54.49 15.13
N ASN A 77 -52.30 -55.25 16.15
CA ASN A 77 -51.94 -54.69 17.43
C ASN A 77 -50.45 -54.32 17.46
N PRO A 78 -50.08 -53.33 18.28
CA PRO A 78 -48.67 -52.95 18.39
C PRO A 78 -47.82 -54.11 18.89
N PRO A 79 -46.63 -54.31 18.33
CA PRO A 79 -45.76 -55.39 18.79
C PRO A 79 -45.14 -55.05 20.12
N PRO A 80 -44.74 -56.06 20.91
CA PRO A 80 -44.09 -55.77 22.19
C PRO A 80 -42.80 -55.00 22.05
N GLU A 81 -42.02 -55.24 21.00
CA GLU A 81 -40.75 -54.58 20.78
C GLU A 81 -40.93 -53.51 19.71
N ALA A 82 -40.85 -52.25 20.11
CA ALA A 82 -41.01 -51.16 19.17
C ALA A 82 -39.84 -51.12 18.19
N LYS A 83 -40.12 -50.63 16.99
CA LYS A 83 -39.14 -50.61 15.92
C LYS A 83 -38.14 -49.47 16.12
N GLN A 84 -37.01 -49.59 15.43
CA GLN A 84 -35.98 -48.54 15.44
C GLN A 84 -36.43 -47.41 14.52
N VAL A 85 -37.46 -46.71 14.97
CA VAL A 85 -38.14 -45.73 14.12
C VAL A 85 -38.39 -44.45 14.92
N PRO A 86 -38.17 -43.27 14.33
CA PRO A 86 -38.33 -42.03 15.11
C PRO A 86 -39.78 -41.69 15.41
N VAL A 87 -40.72 -42.08 14.55
CA VAL A 87 -42.13 -41.75 14.76
C VAL A 87 -42.98 -42.82 14.09
N SER A 88 -43.97 -43.33 14.83
CA SER A 88 -44.83 -44.38 14.30
C SER A 88 -46.13 -44.38 15.08
N TYR A 89 -47.24 -44.56 14.37
CA TYR A 89 -48.56 -44.58 14.95
C TYR A 89 -49.20 -45.94 14.69
N TYR A 90 -49.77 -46.55 15.73
CA TYR A 90 -50.36 -47.86 15.64
C TYR A 90 -51.87 -47.78 15.86
N ASP A 91 -52.62 -48.53 15.07
CA ASP A 91 -54.07 -48.48 15.15
C ASP A 91 -54.64 -49.82 14.70
N SER A 92 -55.90 -50.06 15.05
CA SER A 92 -56.55 -51.31 14.73
C SER A 92 -57.89 -51.10 14.03
N THR A 93 -58.56 -49.98 14.34
CA THR A 93 -59.86 -49.69 13.77
C THR A 93 -59.77 -48.91 12.46
N TYR A 94 -58.57 -48.57 12.02
CA TYR A 94 -58.41 -47.79 10.80
C TYR A 94 -58.83 -48.59 9.58
N LEU A 95 -59.49 -47.91 8.64
CA LEU A 95 -59.90 -48.51 7.36
C LEU A 95 -60.78 -49.74 7.58
N SER A 96 -61.63 -49.70 8.59
CA SER A 96 -62.55 -50.78 8.87
C SER A 96 -64.00 -50.45 8.52
N THR A 97 -64.32 -49.19 8.29
CA THR A 97 -65.67 -48.75 7.98
C THR A 97 -65.75 -48.28 6.54
N ASP A 98 -66.98 -48.27 6.01
CA ASP A 98 -67.19 -47.91 4.61
C ASP A 98 -66.75 -46.48 4.34
N ASN A 99 -67.07 -45.56 5.25
CA ASN A 99 -66.67 -44.17 5.07
C ASN A 99 -65.16 -44.04 5.00
N GLU A 100 -64.44 -44.79 5.84
CA GLU A 100 -62.99 -44.73 5.82
C GLU A 100 -62.44 -45.21 4.48
N LYS A 101 -63.00 -46.30 3.94
CA LYS A 101 -62.53 -46.81 2.66
C LYS A 101 -62.81 -45.83 1.53
N ASP A 102 -63.99 -45.22 1.52
CA ASP A 102 -64.29 -44.24 0.47
C ASP A 102 -63.36 -43.03 0.58
N ASN A 103 -63.11 -42.56 1.81
CA ASN A 103 -62.18 -41.44 1.98
C ASN A 103 -60.78 -41.80 1.54
N TYR A 104 -60.33 -43.02 1.83
CA TYR A 104 -59.05 -43.50 1.36
C TYR A 104 -58.98 -43.48 -0.16
N LEU A 105 -60.04 -43.95 -0.81
CA LEU A 105 -60.07 -43.98 -2.26
C LEU A 105 -59.99 -42.57 -2.85
N LYS A 106 -60.78 -41.66 -2.32
CA LYS A 106 -60.76 -40.29 -2.83
C LYS A 106 -59.39 -39.64 -2.62
N GLY A 107 -58.78 -39.87 -1.46
CA GLY A 107 -57.47 -39.32 -1.21
C GLY A 107 -56.43 -39.86 -2.17
N VAL A 108 -56.43 -41.19 -2.39
CA VAL A 108 -55.45 -41.79 -3.29
C VAL A 108 -55.64 -41.26 -4.71
N THR A 109 -56.89 -41.20 -5.17
CA THR A 109 -57.14 -40.72 -6.53
C THR A 109 -56.72 -39.26 -6.68
N LYS A 110 -57.03 -38.42 -5.69
CA LYS A 110 -56.64 -37.02 -5.76
C LYS A 110 -55.13 -36.87 -5.78
N LEU A 111 -54.43 -37.66 -4.96
CA LEU A 111 -52.97 -37.58 -4.97
C LEU A 111 -52.39 -38.03 -6.30
N PHE A 112 -52.97 -39.07 -6.90
CA PHE A 112 -52.51 -39.52 -8.22
C PHE A 112 -52.72 -38.42 -9.26
N GLU A 113 -53.87 -37.75 -9.24
CA GLU A 113 -54.10 -36.65 -10.18
C GLU A 113 -53.12 -35.52 -9.94
N ARG A 114 -52.84 -35.20 -8.67
CA ARG A 114 -51.89 -34.14 -8.37
C ARG A 114 -50.50 -34.45 -8.89
N ILE A 115 -50.07 -35.71 -8.75
CA ILE A 115 -48.79 -36.09 -9.31
C ILE A 115 -48.83 -36.03 -10.83
N TYR A 116 -49.94 -36.46 -11.44
CA TYR A 116 -50.02 -36.52 -12.89
C TYR A 116 -50.00 -35.14 -13.53
N SER A 117 -50.52 -34.12 -12.84
CA SER A 117 -50.53 -32.79 -13.42
C SER A 117 -49.11 -32.28 -13.67
N THR A 118 -48.21 -32.51 -12.74
CA THR A 118 -46.83 -32.06 -12.88
C THR A 118 -46.16 -32.78 -14.05
N ASP A 119 -45.37 -32.02 -14.83
CA ASP A 119 -44.70 -32.59 -15.99
C ASP A 119 -43.82 -33.77 -15.59
N LEU A 120 -43.03 -33.61 -14.53
CA LEU A 120 -42.24 -34.72 -14.03
C LEU A 120 -43.12 -35.86 -13.57
N GLY A 121 -44.22 -35.56 -12.89
CA GLY A 121 -45.16 -36.59 -12.50
C GLY A 121 -45.79 -37.27 -13.70
N ARG A 122 -46.10 -36.50 -14.75
CA ARG A 122 -46.65 -37.10 -15.95
C ARG A 122 -45.67 -38.09 -16.56
N MET A 123 -44.39 -37.71 -16.64
CA MET A 123 -43.39 -38.63 -17.16
C MET A 123 -43.27 -39.86 -16.28
N LEU A 124 -43.30 -39.68 -14.95
CA LEU A 124 -43.16 -40.82 -14.05
C LEU A 124 -44.31 -41.79 -14.23
N LEU A 125 -45.55 -41.29 -14.27
CA LEU A 125 -46.70 -42.17 -14.44
C LEU A 125 -46.69 -42.86 -15.78
N THR A 126 -46.30 -42.14 -16.85
CA THR A 126 -46.23 -42.78 -18.16
C THR A 126 -45.19 -43.89 -18.16
N SER A 127 -44.03 -43.65 -17.54
CA SER A 127 -42.99 -44.68 -17.50
C SER A 127 -43.43 -45.88 -16.68
N ILE A 128 -44.12 -45.64 -15.56
CA ILE A 128 -44.59 -46.75 -14.72
C ILE A 128 -45.63 -47.57 -15.47
N VAL A 129 -46.54 -46.91 -16.19
CA VAL A 129 -47.55 -47.64 -16.94
C VAL A 129 -46.92 -48.43 -18.07
N ARG A 130 -45.94 -47.84 -18.76
CA ARG A 130 -45.32 -48.52 -19.89
C ARG A 130 -44.52 -49.74 -19.47
N GLY A 131 -43.80 -49.64 -18.35
CA GLY A 131 -42.85 -50.67 -17.97
C GLY A 131 -43.42 -51.92 -17.37
N ILE A 132 -44.04 -52.77 -18.20
CA ILE A 132 -44.61 -54.03 -17.72
C ILE A 132 -43.47 -54.98 -17.38
N PRO A 133 -43.69 -55.93 -16.47
CA PRO A 133 -42.65 -56.92 -16.17
C PRO A 133 -42.36 -57.84 -17.34
N PHE A 134 -41.10 -58.26 -17.44
CA PHE A 134 -40.66 -59.12 -18.53
C PHE A 134 -41.23 -60.53 -18.38
N TRP A 135 -41.45 -61.17 -19.52
CA TRP A 135 -42.00 -62.53 -19.57
C TRP A 135 -40.84 -63.52 -19.59
N GLY A 136 -40.46 -63.98 -18.40
CA GLY A 136 -39.35 -64.92 -18.30
C GLY A 136 -39.68 -66.15 -17.47
N GLY A 137 -40.90 -66.64 -17.56
CA GLY A 137 -41.33 -67.78 -16.79
C GLY A 137 -41.15 -69.13 -17.46
N SER A 138 -40.52 -69.17 -18.63
CA SER A 138 -40.34 -70.41 -19.37
C SER A 138 -38.98 -71.00 -19.06
N THR A 139 -38.95 -72.29 -18.71
CA THR A 139 -37.69 -72.97 -18.45
C THR A 139 -36.87 -73.09 -19.74
N ILE A 140 -37.52 -73.41 -20.85
CA ILE A 140 -36.83 -73.54 -22.12
C ILE A 140 -36.46 -72.15 -22.62
N ASP A 141 -35.23 -72.00 -23.11
CA ASP A 141 -34.66 -70.68 -23.39
C ASP A 141 -35.26 -69.99 -24.61
N THR A 142 -36.00 -70.70 -25.47
CA THR A 142 -36.55 -70.09 -26.67
C THR A 142 -38.06 -69.86 -26.56
N GLU A 143 -38.56 -69.61 -25.35
CA GLU A 143 -39.97 -69.32 -25.14
C GLU A 143 -40.10 -68.17 -24.14
N LEU A 144 -41.21 -67.46 -24.22
CA LEU A 144 -41.56 -66.41 -23.28
C LEU A 144 -42.85 -66.80 -22.56
N LYS A 145 -42.81 -66.75 -21.23
CA LYS A 145 -43.99 -67.08 -20.43
C LYS A 145 -44.07 -66.10 -19.26
N VAL A 146 -45.31 -65.68 -18.95
CA VAL A 146 -45.51 -64.72 -17.87
C VAL A 146 -45.16 -65.35 -16.53
N ILE A 147 -44.66 -64.52 -15.61
CA ILE A 147 -44.43 -64.96 -14.24
C ILE A 147 -45.78 -65.15 -13.56
N ASP A 148 -45.98 -66.32 -12.96
CA ASP A 148 -47.27 -66.61 -12.34
C ASP A 148 -47.58 -65.70 -11.17
N THR A 149 -46.57 -65.10 -10.56
CA THR A 149 -46.76 -64.24 -9.40
C THR A 149 -46.91 -62.77 -9.75
N ASN A 150 -46.91 -62.44 -11.04
CA ASN A 150 -47.03 -61.06 -11.51
C ASN A 150 -48.39 -60.79 -12.14
N CYS A 151 -49.45 -61.36 -11.56
CA CYS A 151 -50.77 -61.22 -12.14
C CYS A 151 -51.83 -61.50 -11.08
N ILE A 152 -53.03 -60.98 -11.32
CA ILE A 152 -54.15 -61.10 -10.40
C ILE A 152 -55.29 -61.82 -11.11
N ASN A 153 -56.31 -62.18 -10.34
CA ASN A 153 -57.52 -62.81 -10.85
C ASN A 153 -58.70 -61.95 -10.43
N VAL A 154 -59.32 -61.28 -11.40
CA VAL A 154 -60.59 -60.60 -11.16
C VAL A 154 -61.72 -61.58 -11.46
N ILE A 155 -62.57 -61.83 -10.46
CA ILE A 155 -63.68 -62.76 -10.63
C ILE A 155 -64.88 -62.00 -11.15
N GLN A 156 -65.40 -62.44 -12.30
CA GLN A 156 -66.56 -61.80 -12.89
C GLN A 156 -67.81 -62.18 -12.11
N PRO A 157 -68.87 -61.36 -12.20
CA PRO A 157 -70.13 -61.71 -11.54
C PRO A 157 -70.71 -63.04 -12.01
N ASP A 158 -70.40 -63.48 -13.23
CA ASP A 158 -70.89 -64.77 -13.70
C ASP A 158 -70.33 -65.93 -12.88
N GLY A 159 -69.11 -65.78 -12.37
CA GLY A 159 -68.55 -66.80 -11.50
C GLY A 159 -67.10 -67.14 -11.75
N SER A 160 -66.67 -67.06 -13.02
CA SER A 160 -65.30 -67.38 -13.37
C SER A 160 -64.40 -66.15 -13.24
N TYR A 161 -63.10 -66.41 -13.14
CA TYR A 161 -62.10 -65.35 -13.05
C TYR A 161 -61.44 -65.15 -14.40
N ARG A 162 -60.86 -63.98 -14.58
CA ARG A 162 -60.13 -63.63 -15.80
C ARG A 162 -58.75 -63.12 -15.39
N SER A 163 -57.74 -63.99 -15.46
CA SER A 163 -56.40 -63.61 -15.04
C SER A 163 -55.90 -62.42 -15.84
N GLU A 164 -55.34 -61.44 -15.15
CA GLU A 164 -54.87 -60.21 -15.78
C GLU A 164 -53.50 -59.83 -15.24
N GLU A 165 -52.71 -59.20 -16.09
CA GLU A 165 -51.39 -58.72 -15.72
C GLU A 165 -51.49 -57.25 -15.34
N LEU A 166 -50.77 -56.87 -14.29
CA LEU A 166 -50.82 -55.51 -13.77
C LEU A 166 -49.42 -55.07 -13.35
N ASN A 167 -49.29 -53.78 -13.04
CA ASN A 167 -48.02 -53.17 -12.71
C ASN A 167 -47.94 -52.70 -11.26
N LEU A 168 -48.90 -51.88 -10.83
CA LEU A 168 -48.89 -51.28 -9.50
C LEU A 168 -50.14 -51.69 -8.73
N VAL A 169 -49.99 -51.81 -7.42
CA VAL A 169 -51.12 -52.02 -6.52
C VAL A 169 -50.92 -51.11 -5.31
N ILE A 170 -52.00 -50.47 -4.86
CA ILE A 170 -51.97 -49.61 -3.69
C ILE A 170 -52.86 -50.23 -2.62
N ILE A 171 -52.28 -50.50 -1.46
CA ILE A 171 -52.97 -51.13 -0.35
C ILE A 171 -52.82 -50.24 0.87
N GLY A 172 -53.83 -50.22 1.74
CA GLY A 172 -53.71 -49.51 2.98
C GLY A 172 -52.59 -50.11 3.81
N PRO A 173 -52.09 -49.37 4.79
CA PRO A 173 -50.89 -49.78 5.50
C PRO A 173 -51.11 -51.01 6.36
N SER A 174 -50.00 -51.60 6.78
CA SER A 174 -50.01 -52.75 7.69
C SER A 174 -50.28 -52.27 9.11
N ALA A 175 -49.94 -53.09 10.10
CA ALA A 175 -50.13 -52.70 11.49
C ALA A 175 -49.54 -51.32 11.76
N ASP A 176 -48.31 -51.09 11.32
CA ASP A 176 -47.72 -49.77 11.41
C ASP A 176 -48.41 -48.84 10.42
N ILE A 177 -49.24 -47.94 10.93
CA ILE A 177 -50.10 -47.13 10.06
C ILE A 177 -49.27 -46.23 9.16
N ILE A 178 -48.21 -45.63 9.70
CA ILE A 178 -47.55 -44.54 9.00
C ILE A 178 -46.17 -45.04 8.59
N GLN A 179 -46.07 -46.32 8.28
CA GLN A 179 -44.89 -46.90 7.65
C GLN A 179 -45.24 -47.28 6.23
N PHE A 180 -44.68 -46.56 5.27
CA PHE A 180 -44.97 -46.74 3.85
C PHE A 180 -43.80 -47.46 3.19
N GLU A 181 -44.09 -48.52 2.45
CA GLU A 181 -43.04 -49.29 1.81
C GLU A 181 -43.59 -49.96 0.56
N CYS A 182 -42.69 -50.32 -0.34
CA CYS A 182 -43.05 -50.94 -1.61
C CYS A 182 -42.54 -52.38 -1.63
N LYS A 183 -43.47 -53.33 -1.56
CA LYS A 183 -43.14 -54.75 -1.53
C LYS A 183 -43.28 -55.35 -2.92
N SER A 184 -42.70 -56.54 -3.09
CA SER A 184 -42.73 -57.23 -4.37
C SER A 184 -42.76 -58.73 -4.12
N PHE A 185 -43.24 -59.46 -5.12
CA PHE A 185 -43.32 -60.91 -5.04
C PHE A 185 -42.15 -61.53 -5.78
N GLY A 186 -41.33 -62.29 -5.07
CA GLY A 186 -40.10 -62.82 -5.63
C GLY A 186 -40.30 -64.11 -6.39
N HIS A 187 -39.18 -64.62 -6.90
CA HIS A 187 -39.14 -65.85 -7.66
C HIS A 187 -38.22 -66.84 -6.96
N GLU A 188 -38.23 -68.08 -7.46
CA GLU A 188 -37.45 -69.13 -6.82
C GLU A 188 -35.95 -68.97 -7.09
N VAL A 189 -35.57 -68.56 -8.30
CA VAL A 189 -34.17 -68.53 -8.68
C VAL A 189 -33.78 -67.13 -9.17
N LEU A 190 -34.75 -66.39 -9.70
CA LEU A 190 -34.49 -65.11 -10.34
C LEU A 190 -34.77 -63.97 -9.37
N ASN A 191 -33.86 -63.00 -9.33
CA ASN A 191 -34.08 -61.75 -8.58
C ASN A 191 -34.72 -60.77 -9.55
N LEU A 192 -36.06 -60.79 -9.60
CA LEU A 192 -36.77 -60.01 -10.60
C LEU A 192 -36.56 -58.52 -10.43
N THR A 193 -36.29 -58.05 -9.21
CA THR A 193 -36.23 -56.63 -8.95
C THR A 193 -34.83 -56.04 -9.13
N ARG A 194 -33.84 -56.85 -9.49
CA ARG A 194 -32.49 -56.31 -9.68
C ARG A 194 -31.76 -56.91 -10.87
N ASN A 195 -32.42 -57.68 -11.73
CA ASN A 195 -31.80 -58.24 -12.91
C ASN A 195 -32.42 -57.72 -14.20
N GLY A 196 -33.25 -56.70 -14.13
CA GLY A 196 -33.85 -56.09 -15.30
C GLY A 196 -35.18 -56.67 -15.72
N TYR A 197 -35.53 -57.87 -15.24
CA TYR A 197 -36.81 -58.46 -15.60
C TYR A 197 -37.97 -57.64 -15.05
N GLY A 198 -37.88 -57.20 -13.82
CA GLY A 198 -38.93 -56.43 -13.19
C GLY A 198 -40.05 -57.30 -12.66
N SER A 199 -40.84 -56.71 -11.75
CA SER A 199 -41.96 -57.42 -11.15
C SER A 199 -42.95 -56.40 -10.64
N THR A 200 -44.18 -56.87 -10.39
CA THR A 200 -45.21 -56.00 -9.87
C THR A 200 -44.84 -55.47 -8.49
N GLN A 201 -45.28 -54.25 -8.20
CA GLN A 201 -44.97 -53.59 -6.95
C GLN A 201 -46.25 -53.26 -6.20
N TYR A 202 -46.35 -53.71 -4.95
CA TYR A 202 -47.47 -53.41 -4.09
C TYR A 202 -47.04 -52.34 -3.09
N ILE A 203 -47.64 -51.17 -3.17
CA ILE A 203 -47.28 -50.04 -2.31
C ILE A 203 -48.23 -50.01 -1.12
N ARG A 204 -47.68 -49.87 0.07
CA ARG A 204 -48.49 -49.69 1.28
C ARG A 204 -48.52 -48.20 1.59
N PHE A 205 -49.58 -47.52 1.17
CA PHE A 205 -49.69 -46.08 1.32
C PHE A 205 -51.04 -45.72 1.93
N SER A 206 -51.03 -44.66 2.73
CA SER A 206 -52.23 -44.13 3.36
C SER A 206 -52.19 -42.61 3.28
N PRO A 207 -53.22 -41.95 2.74
CA PRO A 207 -53.18 -40.50 2.59
C PRO A 207 -53.68 -39.74 3.81
N ASP A 208 -54.42 -40.42 4.69
CA ASP A 208 -54.99 -39.75 5.86
C ASP A 208 -53.94 -39.37 6.90
N PHE A 209 -52.72 -39.88 6.79
CA PHE A 209 -51.69 -39.66 7.79
C PHE A 209 -50.45 -39.08 7.13
N THR A 210 -49.80 -38.15 7.83
CA THR A 210 -48.61 -37.48 7.28
C THR A 210 -47.59 -37.23 8.39
N PHE A 211 -46.33 -37.58 8.15
CA PHE A 211 -45.27 -37.29 9.13
C PHE A 211 -45.13 -35.78 9.24
N GLY A 212 -44.62 -35.28 10.35
CA GLY A 212 -44.39 -33.83 10.49
C GLY A 212 -42.96 -33.52 10.86
N PHE A 213 -42.34 -32.56 10.19
CA PHE A 213 -40.90 -32.24 10.43
C PHE A 213 -40.81 -30.84 11.03
N GLU A 214 -39.58 -30.31 11.13
CA GLU A 214 -39.38 -28.94 11.65
C GLU A 214 -38.29 -28.29 10.82
N GLU A 215 -38.56 -27.13 10.22
CA GLU A 215 -37.56 -26.54 9.31
C GLU A 215 -36.98 -25.27 9.92
N SER A 216 -35.66 -25.16 9.96
CA SER A 216 -35.02 -23.98 10.54
C SER A 216 -34.09 -23.27 9.57
N LEU A 217 -34.27 -23.46 8.27
CA LEU A 217 -33.46 -22.81 7.24
C LEU A 217 -34.34 -22.15 6.19
N GLU A 218 -35.47 -21.60 6.62
CA GLU A 218 -36.41 -20.93 5.73
C GLU A 218 -36.45 -19.42 5.96
N VAL A 219 -35.90 -18.95 7.08
CA VAL A 219 -35.94 -17.54 7.45
C VAL A 219 -35.29 -16.64 6.39
N ASP A 220 -34.44 -17.22 5.54
CA ASP A 220 -33.77 -16.42 4.51
C ASP A 220 -34.75 -15.79 3.53
N THR A 221 -35.97 -16.32 3.44
CA THR A 221 -37.01 -15.76 2.58
C THR A 221 -38.13 -15.09 3.35
N ASN A 222 -38.54 -15.65 4.49
CA ASN A 222 -39.63 -15.12 5.31
C ASN A 222 -39.13 -14.91 6.73
N PRO A 223 -38.50 -13.76 7.02
CA PRO A 223 -38.06 -13.49 8.39
C PRO A 223 -39.20 -13.40 9.40
N LEU A 224 -40.42 -13.16 8.95
CA LEU A 224 -41.56 -13.03 9.85
C LEU A 224 -42.10 -14.39 10.31
N LEU A 225 -41.57 -15.49 9.78
CA LEU A 225 -42.05 -16.81 10.17
C LEU A 225 -41.73 -17.08 11.64
N GLY A 226 -42.61 -17.85 12.29
CA GLY A 226 -42.47 -18.14 13.69
C GLY A 226 -41.65 -19.39 13.96
N ALA A 227 -42.25 -20.37 14.62
CA ALA A 227 -41.58 -21.64 14.89
C ALA A 227 -41.61 -22.50 13.62
N GLY A 228 -41.16 -23.74 13.74
CA GLY A 228 -41.17 -24.66 12.62
C GLY A 228 -42.42 -25.51 12.57
N LYS A 229 -42.25 -26.82 12.77
CA LYS A 229 -43.36 -27.78 12.83
C LYS A 229 -44.18 -27.73 11.53
N PHE A 230 -43.52 -28.11 10.46
CA PHE A 230 -44.15 -28.18 9.15
C PHE A 230 -44.62 -29.60 8.85
N ALA A 231 -45.71 -29.68 8.08
CA ALA A 231 -46.30 -30.98 7.80
C ALA A 231 -45.91 -31.42 6.39
N THR A 232 -45.46 -32.66 6.26
CA THR A 232 -45.04 -33.18 4.96
C THR A 232 -46.24 -33.38 4.06
N ASP A 233 -46.13 -32.91 2.82
CA ASP A 233 -47.22 -33.07 1.86
C ASP A 233 -47.30 -34.52 1.41
N PRO A 234 -48.46 -35.18 1.52
CA PRO A 234 -48.54 -36.59 1.13
C PRO A 234 -48.22 -36.85 -0.32
N ALA A 235 -48.36 -35.85 -1.20
CA ALA A 235 -48.04 -36.05 -2.60
C ALA A 235 -46.56 -36.40 -2.77
N VAL A 236 -45.68 -35.77 -2.01
CA VAL A 236 -44.26 -36.07 -2.09
C VAL A 236 -43.99 -37.50 -1.65
N THR A 237 -44.66 -37.95 -0.58
CA THR A 237 -44.47 -39.32 -0.11
C THR A 237 -44.94 -40.32 -1.16
N LEU A 238 -46.09 -40.08 -1.77
CA LEU A 238 -46.56 -40.96 -2.83
C LEU A 238 -45.60 -40.95 -4.00
N ALA A 239 -45.02 -39.79 -4.31
CA ALA A 239 -44.03 -39.72 -5.39
C ALA A 239 -42.80 -40.55 -5.05
N HIS A 240 -42.37 -40.52 -3.79
CA HIS A 240 -41.23 -41.33 -3.36
C HIS A 240 -41.53 -42.82 -3.56
N GLN A 241 -42.72 -43.26 -3.16
CA GLN A 241 -43.08 -44.65 -3.36
C GLN A 241 -43.17 -45.00 -4.84
N LEU A 242 -43.70 -44.08 -5.65
CA LEU A 242 -43.78 -44.33 -7.08
C LEU A 242 -42.39 -44.43 -7.70
N ILE A 243 -41.44 -43.63 -7.22
CA ILE A 243 -40.07 -43.72 -7.71
C ILE A 243 -39.47 -45.08 -7.35
N HIS A 244 -39.71 -45.54 -6.13
CA HIS A 244 -39.25 -46.89 -5.76
C HIS A 244 -39.85 -47.94 -6.69
N ALA A 245 -41.15 -47.84 -6.97
CA ALA A 245 -41.80 -48.80 -7.84
C ALA A 245 -41.24 -48.71 -9.26
N GLY A 246 -40.94 -47.51 -9.73
CA GLY A 246 -40.37 -47.35 -11.05
C GLY A 246 -38.98 -47.96 -11.16
N HIS A 247 -38.17 -47.81 -10.11
CA HIS A 247 -36.87 -48.47 -10.11
C HIS A 247 -37.02 -49.97 -10.14
N ARG A 248 -37.91 -50.51 -9.31
CA ARG A 248 -38.05 -51.96 -9.22
C ARG A 248 -38.78 -52.57 -10.41
N LEU A 249 -39.54 -51.76 -11.17
CA LEU A 249 -40.29 -52.29 -12.30
C LEU A 249 -39.37 -52.59 -13.49
N TYR A 250 -38.29 -51.83 -13.63
CA TYR A 250 -37.30 -52.10 -14.65
C TYR A 250 -36.16 -52.98 -14.13
N GLY A 251 -36.25 -53.44 -12.89
CA GLY A 251 -35.26 -54.36 -12.36
C GLY A 251 -33.88 -53.78 -12.24
N ILE A 252 -33.77 -52.49 -11.92
CA ILE A 252 -32.48 -51.85 -11.74
C ILE A 252 -32.29 -51.35 -10.31
N ALA A 253 -33.00 -51.95 -9.35
CA ALA A 253 -32.87 -51.56 -7.96
C ALA A 253 -31.62 -52.17 -7.35
N ILE A 254 -30.95 -51.40 -6.48
CA ILE A 254 -29.74 -51.88 -5.83
C ILE A 254 -30.11 -52.97 -4.83
N ASN A 255 -29.20 -53.92 -4.66
CA ASN A 255 -29.41 -54.99 -3.69
C ASN A 255 -29.55 -54.40 -2.29
N PRO A 256 -30.45 -54.93 -1.46
CA PRO A 256 -30.66 -54.35 -0.13
C PRO A 256 -29.45 -54.44 0.79
N ASN A 257 -28.54 -55.38 0.58
CA ASN A 257 -27.39 -55.49 1.47
C ASN A 257 -26.37 -54.38 1.23
N ARG A 258 -26.43 -53.71 0.08
CA ARG A 258 -25.60 -52.53 -0.14
C ARG A 258 -26.13 -51.38 0.69
N VAL A 259 -25.57 -51.20 1.89
CA VAL A 259 -26.11 -50.30 2.89
C VAL A 259 -25.03 -49.32 3.32
N PHE A 260 -25.42 -48.06 3.54
CA PHE A 260 -24.53 -47.01 4.01
C PHE A 260 -24.17 -47.25 5.47
N LYS A 261 -23.05 -47.91 5.72
CA LYS A 261 -22.68 -48.28 7.08
C LYS A 261 -22.04 -47.09 7.80
N VAL A 262 -22.28 -47.05 9.12
CA VAL A 262 -21.75 -46.00 9.98
C VAL A 262 -21.00 -46.65 11.14
N ASN A 263 -20.47 -45.81 12.02
CA ASN A 263 -19.80 -46.27 13.24
C ASN A 263 -20.70 -46.01 14.44
N THR A 264 -20.71 -46.95 15.39
CA THR A 264 -21.58 -46.87 16.55
C THR A 264 -20.85 -47.04 17.88
N ASN A 265 -19.52 -47.17 17.88
CA ASN A 265 -18.82 -47.47 19.12
C ASN A 265 -18.72 -46.26 20.03
N ALA A 266 -18.47 -45.08 19.47
CA ALA A 266 -18.23 -43.90 20.29
C ALA A 266 -19.53 -43.42 20.94
N TYR A 267 -19.38 -42.50 21.89
CA TYR A 267 -20.52 -41.99 22.65
C TYR A 267 -21.32 -40.95 21.89
N TYR A 268 -20.76 -40.35 20.84
CA TYR A 268 -21.42 -39.29 20.09
C TYR A 268 -22.02 -39.80 18.78
N GLU A 269 -22.19 -41.10 18.63
CA GLU A 269 -22.59 -41.71 17.38
C GLU A 269 -23.97 -42.33 17.51
N MET A 270 -24.73 -42.30 16.41
CA MET A 270 -26.05 -42.91 16.40
C MET A 270 -25.92 -44.41 16.62
N SER A 271 -26.80 -44.95 17.49
CA SER A 271 -26.72 -46.37 17.82
C SER A 271 -27.00 -47.23 16.59
N GLY A 272 -27.95 -46.81 15.75
CA GLY A 272 -28.26 -47.55 14.55
C GLY A 272 -29.10 -46.77 13.57
N LEU A 273 -28.67 -46.73 12.30
CA LEU A 273 -29.42 -46.06 11.25
C LEU A 273 -29.06 -46.75 9.93
N GLU A 274 -29.92 -47.64 9.49
CA GLU A 274 -29.74 -48.29 8.19
C GLU A 274 -30.32 -47.40 7.10
N VAL A 275 -29.54 -47.19 6.04
CA VAL A 275 -30.00 -46.46 4.88
C VAL A 275 -29.37 -47.06 3.62
N SER A 276 -30.17 -47.77 2.84
CA SER A 276 -29.64 -48.48 1.69
C SER A 276 -29.27 -47.49 0.59
N PHE A 277 -28.51 -47.99 -0.39
CA PHE A 277 -28.16 -47.16 -1.53
C PHE A 277 -29.39 -46.82 -2.35
N GLU A 278 -30.42 -47.67 -2.31
CA GLU A 278 -31.66 -47.39 -3.04
C GLU A 278 -32.34 -46.13 -2.50
N GLU A 279 -32.38 -45.98 -1.18
CA GLU A 279 -32.97 -44.78 -0.61
C GLU A 279 -32.16 -43.54 -0.97
N LEU A 280 -30.83 -43.67 -1.00
CA LEU A 280 -29.99 -42.55 -1.41
C LEU A 280 -30.24 -42.15 -2.86
N ARG A 281 -30.39 -43.15 -3.74
CA ARG A 281 -30.72 -42.84 -5.13
C ARG A 281 -32.08 -42.17 -5.22
N THR A 282 -33.07 -42.67 -4.49
CA THR A 282 -34.42 -42.13 -4.59
C THR A 282 -34.50 -40.71 -4.07
N PHE A 283 -33.82 -40.41 -2.96
CA PHE A 283 -33.88 -39.08 -2.39
C PHE A 283 -33.32 -38.04 -3.35
N GLY A 284 -32.17 -38.32 -3.95
CA GLY A 284 -31.57 -37.40 -4.88
C GLY A 284 -31.12 -36.11 -4.22
N GLY A 285 -30.74 -35.17 -5.07
CA GLY A 285 -30.31 -33.86 -4.58
C GLY A 285 -29.08 -33.98 -3.71
N HIS A 286 -29.17 -33.46 -2.49
CA HIS A 286 -28.03 -33.52 -1.57
C HIS A 286 -27.71 -34.95 -1.19
N ASP A 287 -28.73 -35.78 -0.99
CA ASP A 287 -28.51 -37.15 -0.54
C ASP A 287 -27.72 -37.97 -1.56
N ALA A 288 -28.06 -37.84 -2.84
CA ALA A 288 -27.44 -38.67 -3.87
C ALA A 288 -25.94 -38.44 -3.99
N LYS A 289 -25.43 -37.31 -3.48
CA LYS A 289 -24.01 -37.05 -3.51
C LYS A 289 -23.24 -37.89 -2.48
N PHE A 290 -23.93 -38.58 -1.58
CA PHE A 290 -23.26 -39.38 -0.57
C PHE A 290 -22.63 -40.65 -1.13
N ILE A 291 -22.93 -41.01 -2.39
CA ILE A 291 -22.34 -42.17 -3.04
C ILE A 291 -21.36 -41.66 -4.09
N ASP A 292 -20.13 -42.16 -4.02
CA ASP A 292 -19.07 -41.68 -4.91
C ASP A 292 -19.34 -42.12 -6.35
N SER A 293 -18.54 -41.57 -7.26
CA SER A 293 -18.77 -41.82 -8.67
C SER A 293 -18.36 -43.23 -9.08
N LEU A 294 -17.42 -43.84 -8.36
CA LEU A 294 -16.99 -45.20 -8.71
C LEU A 294 -18.14 -46.20 -8.56
N GLN A 295 -18.90 -46.09 -7.47
CA GLN A 295 -20.01 -47.01 -7.27
C GLN A 295 -21.13 -46.76 -8.28
N GLU A 296 -21.35 -45.50 -8.65
CA GLU A 296 -22.32 -45.21 -9.71
C GLU A 296 -21.88 -45.85 -11.02
N ASN A 297 -20.58 -45.77 -11.34
CA ASN A 297 -20.08 -46.40 -12.55
C ASN A 297 -20.26 -47.91 -12.49
N GLU A 298 -19.98 -48.52 -11.34
CA GLU A 298 -20.15 -49.96 -11.21
C GLU A 298 -21.61 -50.37 -11.40
N PHE A 299 -22.53 -49.62 -10.79
CA PHE A 299 -23.95 -49.93 -10.96
C PHE A 299 -24.40 -49.76 -12.40
N ARG A 300 -23.94 -48.69 -13.05
CA ARG A 300 -24.34 -48.45 -14.43
C ARG A 300 -23.83 -49.56 -15.34
N LEU A 301 -22.60 -50.00 -15.14
CA LEU A 301 -22.07 -51.11 -15.95
C LEU A 301 -22.82 -52.40 -15.68
N TYR A 302 -23.14 -52.66 -14.40
CA TYR A 302 -23.87 -53.88 -14.07
C TYR A 302 -25.24 -53.91 -14.74
N TYR A 303 -25.97 -52.79 -14.68
CA TYR A 303 -27.31 -52.77 -15.26
C TYR A 303 -27.26 -52.72 -16.77
N TYR A 304 -26.21 -52.12 -17.36
CA TYR A 304 -26.04 -52.21 -18.81
C TYR A 304 -25.82 -53.65 -19.24
N ASN A 305 -25.01 -54.40 -18.50
CA ASN A 305 -24.82 -55.80 -18.81
C ASN A 305 -26.12 -56.58 -18.66
N LYS A 306 -26.92 -56.25 -17.64
CA LYS A 306 -28.20 -56.92 -17.47
C LYS A 306 -29.13 -56.63 -18.65
N PHE A 307 -29.17 -55.38 -19.11
CA PHE A 307 -30.03 -55.03 -20.24
C PHE A 307 -29.55 -55.72 -21.51
N LYS A 308 -28.24 -55.82 -21.70
CA LYS A 308 -27.72 -56.57 -22.85
C LYS A 308 -28.11 -58.04 -22.76
N ASP A 309 -28.05 -58.61 -21.57
CA ASP A 309 -28.41 -60.02 -21.39
C ASP A 309 -29.87 -60.25 -21.74
N ILE A 310 -30.76 -59.38 -21.25
CA ILE A 310 -32.18 -59.59 -21.54
C ILE A 310 -32.47 -59.33 -23.01
N ALA A 311 -31.75 -58.38 -23.63
CA ALA A 311 -31.91 -58.17 -25.07
C ALA A 311 -31.50 -59.41 -25.86
N SER A 312 -30.39 -60.04 -25.48
CA SER A 312 -29.98 -61.27 -26.14
C SER A 312 -31.01 -62.39 -25.93
N THR A 313 -31.55 -62.49 -24.71
CA THR A 313 -32.58 -63.48 -24.44
C THR A 313 -33.81 -63.25 -25.31
N LEU A 314 -34.22 -62.00 -25.46
CA LEU A 314 -35.34 -61.66 -26.33
C LEU A 314 -35.03 -62.02 -27.77
N ASN A 315 -33.80 -61.75 -28.22
CA ASN A 315 -33.41 -62.06 -29.59
C ASN A 315 -33.47 -63.56 -29.86
N LYS A 316 -32.97 -64.37 -28.93
CA LYS A 316 -32.89 -65.80 -29.16
C LYS A 316 -34.27 -66.44 -29.28
N ALA A 317 -35.21 -66.03 -28.44
CA ALA A 317 -36.52 -66.66 -28.40
C ALA A 317 -37.30 -66.38 -29.68
N LYS A 318 -38.11 -67.36 -30.07
CA LYS A 318 -38.94 -67.23 -31.26
C LYS A 318 -40.35 -67.78 -31.08
N SER A 319 -40.71 -68.27 -29.90
CA SER A 319 -42.04 -68.81 -29.67
C SER A 319 -42.59 -68.28 -28.35
N ILE A 320 -43.91 -68.21 -28.25
CA ILE A 320 -44.59 -67.72 -27.07
C ILE A 320 -45.72 -68.68 -26.74
N VAL A 321 -45.85 -69.00 -25.45
CA VAL A 321 -46.86 -69.94 -24.97
C VAL A 321 -47.62 -69.30 -23.82
N GLY A 322 -48.95 -69.39 -23.87
CA GLY A 322 -49.79 -68.89 -22.80
C GLY A 322 -50.65 -67.69 -23.14
N THR A 323 -50.61 -67.19 -24.37
CA THR A 323 -51.41 -66.03 -24.72
C THR A 323 -51.76 -66.08 -26.20
N THR A 324 -52.86 -65.37 -26.54
CA THR A 324 -53.32 -65.30 -27.91
C THR A 324 -52.49 -64.32 -28.74
N ALA A 325 -52.05 -63.22 -28.14
CA ALA A 325 -51.44 -62.13 -28.90
C ALA A 325 -50.18 -62.60 -29.62
N SER A 326 -49.94 -62.00 -30.80
CA SER A 326 -48.82 -62.38 -31.63
C SER A 326 -47.50 -62.05 -30.95
N LEU A 327 -46.48 -62.86 -31.25
CA LEU A 327 -45.17 -62.67 -30.62
C LEU A 327 -44.55 -61.33 -31.01
N GLN A 328 -44.71 -60.93 -32.28
CA GLN A 328 -44.07 -59.71 -32.74
C GLN A 328 -44.54 -58.50 -31.93
N TYR A 329 -45.81 -58.49 -31.55
CA TYR A 329 -46.31 -57.41 -30.70
C TYR A 329 -45.61 -57.40 -29.35
N MET A 330 -45.38 -58.58 -28.78
CA MET A 330 -44.66 -58.66 -27.50
C MET A 330 -43.23 -58.16 -27.64
N LYS A 331 -42.56 -58.56 -28.72
CA LYS A 331 -41.19 -58.10 -28.94
C LYS A 331 -41.15 -56.59 -29.12
N ASN A 332 -42.13 -56.03 -29.82
CA ASN A 332 -42.19 -54.58 -29.96
C ASN A 332 -42.44 -53.91 -28.62
N VAL A 333 -43.29 -54.51 -27.78
CA VAL A 333 -43.57 -53.94 -26.46
C VAL A 333 -42.29 -53.90 -25.62
N PHE A 334 -41.55 -55.01 -25.62
CA PHE A 334 -40.33 -55.03 -24.81
C PHE A 334 -39.25 -54.13 -25.43
N LYS A 335 -39.23 -54.00 -26.75
CA LYS A 335 -38.28 -53.10 -27.39
C LYS A 335 -38.55 -51.65 -27.00
N GLU A 336 -39.83 -51.25 -26.98
CA GLU A 336 -40.14 -49.89 -26.60
C GLU A 336 -40.03 -49.67 -25.10
N LYS A 337 -40.11 -50.73 -24.29
CA LYS A 337 -39.87 -50.58 -22.86
C LYS A 337 -38.39 -50.39 -22.57
N TYR A 338 -37.53 -51.20 -23.19
CA TYR A 338 -36.10 -51.17 -22.93
C TYR A 338 -35.32 -50.30 -23.90
N LEU A 339 -36.00 -49.67 -24.87
CA LEU A 339 -35.35 -48.85 -25.89
C LEU A 339 -34.28 -49.63 -26.64
N LEU A 340 -34.56 -50.90 -26.96
CA LEU A 340 -33.65 -51.68 -27.78
C LEU A 340 -33.69 -51.17 -29.22
N SER A 341 -32.64 -51.51 -29.97
CA SER A 341 -32.50 -51.07 -31.35
C SER A 341 -32.35 -52.29 -32.26
N GLU A 342 -33.44 -52.69 -32.91
CA GLU A 342 -33.35 -53.70 -33.95
C GLU A 342 -32.83 -53.07 -35.24
N ASP A 343 -32.37 -53.92 -36.15
CA ASP A 343 -31.74 -53.46 -37.39
C ASP A 343 -32.38 -54.12 -38.60
N THR A 344 -33.71 -54.10 -38.65
CA THR A 344 -34.52 -54.59 -39.76
C THR A 344 -34.30 -56.06 -40.07
N SER A 345 -33.58 -56.79 -39.21
CA SER A 345 -33.35 -58.21 -39.38
C SER A 345 -33.79 -59.01 -38.16
N GLY A 346 -34.58 -58.41 -37.28
CA GLY A 346 -34.98 -59.07 -36.06
C GLY A 346 -33.84 -59.37 -35.12
N LYS A 347 -32.86 -58.47 -35.04
CA LYS A 347 -31.69 -58.65 -34.19
C LYS A 347 -31.65 -57.48 -33.20
N PHE A 348 -32.34 -57.63 -32.08
CA PHE A 348 -32.33 -56.61 -31.04
C PHE A 348 -30.95 -56.48 -30.42
N SER A 349 -30.56 -55.24 -30.14
CA SER A 349 -29.30 -54.96 -29.47
C SER A 349 -29.43 -53.64 -28.73
N VAL A 350 -28.60 -53.48 -27.71
CA VAL A 350 -28.60 -52.26 -26.91
C VAL A 350 -27.60 -51.28 -27.51
N ASP A 351 -27.87 -49.99 -27.33
CA ASP A 351 -26.96 -48.92 -27.71
C ASP A 351 -26.66 -48.10 -26.46
N LYS A 352 -25.40 -47.70 -26.32
CA LYS A 352 -24.97 -47.07 -25.07
C LYS A 352 -25.65 -45.73 -24.86
N LEU A 353 -25.89 -44.97 -25.93
CA LEU A 353 -26.47 -43.64 -25.77
C LEU A 353 -27.90 -43.70 -25.24
N LYS A 354 -28.75 -44.52 -25.86
CA LYS A 354 -30.14 -44.58 -25.44
C LYS A 354 -30.28 -45.17 -24.04
N PHE A 355 -29.50 -46.21 -23.73
CA PHE A 355 -29.56 -46.78 -22.39
C PHE A 355 -29.02 -45.81 -21.36
N ASP A 356 -27.99 -45.04 -21.71
CA ASP A 356 -27.49 -44.02 -20.80
C ASP A 356 -28.58 -43.00 -20.52
N LYS A 357 -29.30 -42.58 -21.56
CA LYS A 357 -30.39 -41.63 -21.38
C LYS A 357 -31.49 -42.20 -20.48
N LEU A 358 -31.87 -43.46 -20.73
CA LEU A 358 -32.93 -44.08 -19.93
C LEU A 358 -32.51 -44.26 -18.48
N TYR A 359 -31.27 -44.70 -18.25
CA TYR A 359 -30.78 -44.87 -16.89
C TYR A 359 -30.71 -43.54 -16.16
N LYS A 360 -30.23 -42.50 -16.83
CA LYS A 360 -30.18 -41.18 -16.21
C LYS A 360 -31.57 -40.68 -15.87
N MET A 361 -32.54 -40.92 -16.75
CA MET A 361 -33.92 -40.52 -16.46
C MET A 361 -34.47 -41.28 -15.26
N LEU A 362 -34.30 -42.59 -15.23
CA LEU A 362 -34.87 -43.39 -14.15
C LEU A 362 -34.14 -43.22 -12.83
N THR A 363 -32.91 -42.71 -12.85
CA THR A 363 -32.11 -42.58 -11.65
C THR A 363 -31.98 -41.15 -11.16
N GLU A 364 -31.66 -40.21 -12.05
CA GLU A 364 -31.40 -38.83 -11.67
C GLU A 364 -32.59 -37.91 -11.88
N ILE A 365 -33.34 -38.08 -12.98
CA ILE A 365 -34.48 -37.21 -13.23
C ILE A 365 -35.61 -37.49 -12.26
N TYR A 366 -35.91 -38.77 -12.02
CA TYR A 366 -36.96 -39.16 -11.09
C TYR A 366 -36.38 -39.20 -9.70
N THR A 367 -36.45 -38.07 -8.99
CA THR A 367 -35.95 -37.99 -7.63
C THR A 367 -36.93 -37.18 -6.79
N GLU A 368 -36.92 -37.43 -5.49
CA GLU A 368 -37.82 -36.73 -4.60
C GLU A 368 -37.54 -35.23 -4.55
N ASP A 369 -36.26 -34.84 -4.66
CA ASP A 369 -35.94 -33.41 -4.64
C ASP A 369 -36.51 -32.69 -5.84
N ASN A 370 -36.45 -33.31 -7.01
CA ASN A 370 -37.03 -32.70 -8.20
C ASN A 370 -38.54 -32.56 -8.06
N PHE A 371 -39.19 -33.57 -7.49
CA PHE A 371 -40.63 -33.47 -7.24
C PHE A 371 -40.93 -32.34 -6.25
N VAL A 372 -40.09 -32.17 -5.23
CA VAL A 372 -40.27 -31.08 -4.28
C VAL A 372 -40.15 -29.74 -4.98
N LYS A 373 -39.16 -29.60 -5.86
CA LYS A 373 -38.99 -28.35 -6.60
C LYS A 373 -40.16 -28.07 -7.52
N PHE A 374 -40.67 -29.11 -8.20
CA PHE A 374 -41.81 -28.91 -9.09
C PHE A 374 -43.08 -28.56 -8.31
N PHE A 375 -43.30 -29.22 -7.17
CA PHE A 375 -44.48 -28.95 -6.36
C PHE A 375 -44.37 -27.64 -5.57
N LYS A 376 -43.16 -27.15 -5.37
CA LYS A 376 -42.90 -25.94 -4.58
C LYS A 376 -43.49 -26.08 -3.18
N VAL A 377 -43.01 -27.10 -2.46
CA VAL A 377 -43.43 -27.37 -1.10
C VAL A 377 -42.20 -27.64 -0.24
N LEU A 378 -42.39 -27.54 1.07
CA LEU A 378 -41.32 -27.83 2.00
C LEU A 378 -41.08 -29.33 2.15
N ASN A 379 -39.83 -29.69 2.37
CA ASN A 379 -39.46 -31.05 2.71
C ASN A 379 -38.08 -31.01 3.36
N ALA A 380 -37.76 -32.08 4.08
CA ALA A 380 -36.43 -32.21 4.67
C ALA A 380 -35.39 -32.31 3.56
N LYS A 381 -34.47 -31.34 3.51
CA LYS A 381 -33.48 -31.33 2.44
C LYS A 381 -32.57 -32.54 2.49
N THR A 382 -32.43 -33.15 3.66
CA THR A 382 -31.63 -34.36 3.81
C THR A 382 -32.39 -35.33 4.72
N PHE A 383 -32.06 -36.62 4.59
CA PHE A 383 -32.72 -37.62 5.40
C PHE A 383 -32.39 -37.49 6.88
N LEU A 384 -31.34 -36.73 7.22
CA LEU A 384 -30.97 -36.57 8.62
C LEU A 384 -32.01 -35.76 9.39
N ASN A 385 -32.71 -34.84 8.71
CA ASN A 385 -33.72 -34.02 9.36
C ASN A 385 -34.94 -34.91 9.65
N PHE A 386 -34.86 -35.62 10.76
CA PHE A 386 -35.81 -36.68 11.06
C PHE A 386 -37.21 -36.12 11.33
N ASP A 387 -38.19 -36.98 11.12
CA ASP A 387 -39.58 -36.64 11.42
C ASP A 387 -39.79 -36.62 12.93
N LYS A 388 -40.81 -35.88 13.35
CA LYS A 388 -41.01 -35.70 14.78
C LYS A 388 -42.41 -36.10 15.26
N ALA A 389 -43.44 -35.87 14.47
CA ALA A 389 -44.80 -36.11 14.94
C ALA A 389 -45.61 -36.82 13.87
N VAL A 390 -46.78 -37.32 14.28
CA VAL A 390 -47.76 -37.90 13.37
C VAL A 390 -48.93 -36.94 13.28
N PHE A 391 -49.34 -36.60 12.06
CA PHE A 391 -50.44 -35.69 11.84
C PHE A 391 -51.52 -36.41 11.04
N LYS A 392 -52.72 -36.48 11.61
CA LYS A 392 -53.88 -36.94 10.87
C LYS A 392 -54.43 -35.79 10.06
N ILE A 393 -54.63 -36.02 8.75
CA ILE A 393 -55.07 -34.99 7.83
C ILE A 393 -56.26 -35.52 7.03
N ASN A 394 -57.01 -34.60 6.45
CA ASN A 394 -58.13 -34.91 5.57
C ASN A 394 -57.86 -34.32 4.20
N ILE A 395 -57.91 -35.16 3.17
CA ILE A 395 -57.53 -34.77 1.83
C ILE A 395 -58.74 -34.60 0.90
N VAL A 396 -59.82 -35.34 1.13
CA VAL A 396 -60.95 -35.35 0.19
C VAL A 396 -61.53 -33.96 -0.05
N PRO A 397 -61.87 -33.17 0.97
CA PRO A 397 -62.48 -31.86 0.69
C PRO A 397 -61.51 -30.95 -0.04
N LYS A 398 -62.06 -30.18 -0.99
CA LYS A 398 -61.26 -29.24 -1.75
C LYS A 398 -60.90 -28.00 -0.94
N VAL A 399 -61.64 -27.72 0.14
CA VAL A 399 -61.37 -26.53 0.94
C VAL A 399 -60.10 -26.66 1.76
N ASN A 400 -59.58 -27.88 1.94
CA ASN A 400 -58.36 -28.10 2.69
C ASN A 400 -57.16 -28.50 1.82
N TYR A 401 -57.40 -29.02 0.63
CA TYR A 401 -56.32 -29.51 -0.22
C TYR A 401 -56.78 -29.43 -1.67
N THR A 402 -56.33 -28.40 -2.38
CA THR A 402 -56.68 -28.28 -3.78
C THR A 402 -55.75 -29.12 -4.64
N ILE A 403 -56.24 -29.50 -5.82
CA ILE A 403 -55.55 -30.47 -6.65
C ILE A 403 -54.25 -29.88 -7.20
N TYR A 404 -54.24 -28.59 -7.53
CA TYR A 404 -53.11 -27.97 -8.20
C TYR A 404 -52.04 -27.48 -7.23
N ASP A 405 -52.44 -26.88 -6.11
CA ASP A 405 -51.50 -26.30 -5.17
C ASP A 405 -51.27 -27.16 -3.93
N GLY A 406 -52.29 -27.87 -3.45
CA GLY A 406 -52.15 -28.63 -2.23
C GLY A 406 -52.53 -27.83 -1.01
N PHE A 407 -51.77 -27.97 0.08
CA PHE A 407 -52.06 -27.20 1.28
C PHE A 407 -51.80 -25.71 1.10
N ASN A 408 -50.95 -25.33 0.15
CA ASN A 408 -50.65 -23.92 -0.09
C ASN A 408 -51.68 -23.34 -1.06
N LEU A 409 -52.91 -23.24 -0.55
CA LEU A 409 -54.01 -22.71 -1.35
C LEU A 409 -53.75 -21.25 -1.73
N ARG A 410 -54.06 -20.91 -2.97
CA ARG A 410 -53.79 -19.58 -3.49
C ARG A 410 -54.86 -18.58 -3.03
N ASN A 411 -54.49 -17.29 -3.09
CA ASN A 411 -55.37 -16.18 -2.76
C ASN A 411 -55.87 -16.22 -1.33
N THR A 412 -55.13 -16.88 -0.43
CA THR A 412 -55.44 -16.93 0.98
C THR A 412 -54.18 -16.66 1.78
N ASN A 413 -54.33 -16.63 3.11
CA ASN A 413 -53.18 -16.40 3.98
C ASN A 413 -52.19 -17.56 3.94
N LEU A 414 -52.59 -18.73 3.45
CA LEU A 414 -51.72 -19.88 3.32
C LEU A 414 -50.91 -19.87 2.03
N ALA A 415 -51.16 -18.91 1.15
CA ALA A 415 -50.47 -18.91 -0.15
C ALA A 415 -48.99 -18.59 -0.01
N ALA A 416 -48.65 -17.64 0.86
CA ALA A 416 -47.29 -17.14 0.97
C ALA A 416 -46.57 -17.74 2.17
N ASN A 417 -45.25 -17.87 2.05
CA ASN A 417 -44.37 -18.36 3.09
C ASN A 417 -44.70 -19.79 3.51
N PHE A 418 -45.35 -20.55 2.63
CA PHE A 418 -45.72 -21.94 2.90
C PHE A 418 -46.52 -22.07 4.19
N ASN A 419 -47.41 -21.11 4.43
CA ASN A 419 -48.24 -21.15 5.62
C ASN A 419 -49.28 -22.26 5.59
N GLY A 420 -49.50 -22.88 4.43
CA GLY A 420 -50.42 -24.01 4.37
C GLY A 420 -49.89 -25.26 5.01
N GLN A 421 -48.57 -25.39 5.11
CA GLN A 421 -47.94 -26.56 5.72
C GLN A 421 -47.51 -26.32 7.16
N ASN A 422 -47.77 -25.13 7.71
CA ASN A 422 -47.40 -24.83 9.08
C ASN A 422 -48.55 -25.22 10.00
N THR A 423 -48.29 -26.12 10.94
CA THR A 423 -49.34 -26.59 11.81
C THR A 423 -49.78 -25.55 12.82
N GLU A 424 -48.92 -24.58 13.15
CA GLU A 424 -49.27 -23.55 14.12
C GLU A 424 -50.06 -22.41 13.50
N ILE A 425 -50.11 -22.30 12.18
CA ILE A 425 -51.01 -21.36 11.51
C ILE A 425 -52.24 -22.12 11.06
N ASN A 426 -52.03 -23.17 10.27
CA ASN A 426 -53.13 -24.01 9.77
C ASN A 426 -53.37 -25.16 10.75
N ASN A 427 -53.89 -24.79 11.92
CA ASN A 427 -54.13 -25.79 12.97
C ASN A 427 -55.28 -26.72 12.63
N MET A 428 -56.32 -26.20 11.97
CA MET A 428 -57.53 -26.99 11.74
C MET A 428 -57.35 -28.13 10.75
N ASN A 429 -56.24 -28.14 9.99
CA ASN A 429 -56.06 -29.14 8.96
C ASN A 429 -55.25 -30.35 9.40
N PHE A 430 -54.45 -30.22 10.45
CA PHE A 430 -53.64 -31.33 10.96
C PHE A 430 -53.96 -31.56 12.42
N THR A 431 -54.17 -32.81 12.81
CA THR A 431 -54.39 -33.16 14.21
C THR A 431 -53.20 -33.98 14.69
N LYS A 432 -52.56 -33.50 15.75
CA LYS A 432 -51.40 -34.20 16.30
C LYS A 432 -51.84 -35.50 16.97
N LEU A 433 -51.05 -36.55 16.78
CA LEU A 433 -51.35 -37.86 17.35
C LEU A 433 -50.19 -38.33 18.21
N LYS A 434 -50.49 -39.29 19.08
CA LYS A 434 -49.51 -39.83 20.03
C LYS A 434 -48.76 -40.98 19.36
N ASN A 435 -47.49 -40.74 19.03
CA ASN A 435 -46.68 -41.77 18.41
C ASN A 435 -46.19 -42.75 19.46
N PHE A 436 -46.09 -44.02 19.08
CA PHE A 436 -45.85 -45.08 20.04
C PHE A 436 -44.38 -45.24 20.42
N THR A 437 -43.45 -44.64 19.67
CA THR A 437 -42.04 -44.72 20.03
C THR A 437 -41.75 -43.63 21.05
N GLY A 438 -41.53 -44.03 22.30
CA GLY A 438 -41.28 -43.07 23.35
C GLY A 438 -40.04 -42.25 23.09
N LEU A 439 -40.00 -41.06 23.70
CA LEU A 439 -38.89 -40.15 23.49
C LEU A 439 -37.57 -40.74 23.98
N PHE A 440 -37.62 -41.65 24.94
CA PHE A 440 -36.43 -42.25 25.51
C PHE A 440 -36.45 -43.77 25.39
N GLU A 441 -37.08 -44.28 24.33
CA GLU A 441 -37.12 -45.74 24.14
C GLU A 441 -35.79 -46.28 23.65
N PHE A 442 -35.15 -45.59 22.71
CA PHE A 442 -33.84 -45.97 22.17
C PHE A 442 -32.89 -44.83 22.51
N TYR A 443 -32.02 -45.06 23.50
CA TYR A 443 -31.23 -43.99 24.07
C TYR A 443 -29.81 -44.49 24.37
N LYS A 444 -28.94 -43.54 24.66
CA LYS A 444 -27.60 -43.79 25.17
C LYS A 444 -27.45 -43.10 26.51
N LEU A 445 -26.86 -43.80 27.47
CA LEU A 445 -26.76 -43.32 28.85
C LEU A 445 -25.36 -42.77 29.08
N LEU A 446 -25.22 -41.44 29.03
CA LEU A 446 -23.93 -40.79 29.19
C LEU A 446 -23.82 -40.17 30.57
N CYS A 447 -22.62 -40.21 31.14
CA CYS A 447 -22.33 -39.48 32.36
C CYS A 447 -20.83 -39.43 32.59
N VAL A 448 -20.44 -38.62 33.57
CA VAL A 448 -19.05 -38.38 33.89
C VAL A 448 -18.72 -39.17 35.16
N ARG A 449 -17.43 -39.26 35.48
CA ARG A 449 -16.99 -39.96 36.68
C ARG A 449 -17.56 -39.33 37.94
N ASP A 469 -23.58 -39.97 41.12
CA ASP A 469 -23.25 -39.34 39.84
C ASP A 469 -24.49 -38.73 39.18
N LEU A 470 -24.30 -38.19 37.98
CA LEU A 470 -25.37 -37.52 37.23
C LEU A 470 -25.37 -38.11 35.82
N CYS A 471 -26.15 -39.17 35.64
CA CYS A 471 -26.23 -39.86 34.36
C CYS A 471 -27.51 -39.44 33.62
N ILE A 472 -27.34 -39.01 32.37
CA ILE A 472 -28.45 -38.52 31.56
C ILE A 472 -28.61 -39.44 30.35
N LYS A 473 -29.85 -39.70 29.98
CA LYS A 473 -30.18 -40.48 28.81
C LYS A 473 -30.46 -39.55 27.65
N VAL A 474 -29.78 -39.79 26.52
CA VAL A 474 -29.93 -38.97 25.32
C VAL A 474 -30.53 -39.83 24.23
N ASN A 475 -31.57 -39.31 23.58
CA ASN A 475 -32.27 -40.06 22.55
C ASN A 475 -31.33 -40.40 21.40
N ASN A 476 -31.51 -41.59 20.83
CA ASN A 476 -30.62 -42.03 19.76
C ASN A 476 -30.73 -41.13 18.53
N TRP A 477 -31.90 -40.54 18.30
CA TRP A 477 -32.11 -39.67 17.14
C TRP A 477 -31.63 -38.25 17.38
N ASP A 478 -30.76 -38.06 18.37
CA ASP A 478 -30.19 -36.77 18.70
C ASP A 478 -28.69 -36.95 18.92
N LEU A 479 -28.04 -37.62 17.96
CA LEU A 479 -26.61 -37.88 18.02
C LEU A 479 -26.02 -37.70 16.64
N PHE A 480 -24.70 -37.51 16.60
CA PHE A 480 -24.02 -37.20 15.36
C PHE A 480 -24.00 -38.41 14.42
N PHE A 481 -24.03 -38.12 13.12
CA PHE A 481 -24.05 -39.14 12.08
C PHE A 481 -22.65 -39.21 11.48
N SER A 482 -21.95 -40.32 11.77
CA SER A 482 -20.55 -40.48 11.37
C SER A 482 -20.40 -41.64 10.41
N PRO A 483 -20.40 -41.40 9.10
CA PRO A 483 -20.21 -42.50 8.16
C PRO A 483 -18.80 -43.08 8.24
N SER A 484 -18.71 -44.37 7.97
CA SER A 484 -17.43 -45.05 7.99
C SER A 484 -16.65 -44.75 6.72
N GLU A 485 -15.35 -45.06 6.76
CA GLU A 485 -14.49 -44.84 5.60
C GLU A 485 -14.65 -45.89 4.52
N ASP A 486 -15.40 -46.97 4.79
CA ASP A 486 -15.56 -48.02 3.80
C ASP A 486 -16.45 -47.58 2.64
N ASN A 487 -17.41 -46.69 2.89
CA ASN A 487 -18.35 -46.30 1.85
C ASN A 487 -17.72 -45.47 0.74
N PHE A 488 -16.51 -44.94 0.94
CA PHE A 488 -15.83 -44.13 -0.06
C PHE A 488 -14.66 -44.91 -0.63
N THR A 489 -14.65 -45.08 -1.95
CA THR A 489 -13.59 -45.81 -2.63
C THR A 489 -13.10 -45.01 -3.83
N ASN A 490 -11.86 -45.26 -4.22
CA ASN A 490 -11.22 -44.51 -5.30
C ASN A 490 -10.52 -45.45 -6.27
N ASP A 491 -10.63 -45.12 -7.56
CA ASP A 491 -9.81 -45.74 -8.60
C ASP A 491 -8.69 -44.82 -9.04
N LEU A 492 -8.35 -43.81 -8.23
CA LEU A 492 -7.35 -42.82 -8.61
C LEU A 492 -5.99 -43.46 -8.81
N ASN A 493 -5.63 -44.41 -7.95
CA ASN A 493 -4.27 -44.98 -8.00
C ASN A 493 -4.02 -45.72 -9.31
N LYS A 494 -5.05 -46.38 -9.85
CA LYS A 494 -4.87 -47.16 -11.06
C LYS A 494 -4.51 -46.26 -12.24
N GLY A 495 -3.54 -46.71 -13.04
CA GLY A 495 -3.04 -45.95 -14.15
C GLY A 495 -3.97 -45.97 -15.35
N GLU A 496 -3.59 -45.19 -16.36
CA GLU A 496 -4.40 -45.03 -17.56
C GLU A 496 -3.49 -44.92 -18.78
N GLU A 497 -3.89 -45.57 -19.86
CA GLU A 497 -3.18 -45.52 -21.13
C GLU A 497 -3.98 -44.73 -22.15
N ILE A 498 -3.29 -43.87 -22.89
CA ILE A 498 -3.93 -42.97 -23.86
C ILE A 498 -3.54 -43.41 -25.27
N THR A 499 -4.54 -43.46 -26.15
CA THR A 499 -4.38 -43.82 -27.55
C THR A 499 -4.95 -42.70 -28.41
N SER A 500 -5.09 -42.98 -29.71
CA SER A 500 -5.49 -41.95 -30.66
C SER A 500 -6.85 -41.33 -30.30
N ASP A 501 -7.81 -42.16 -29.90
CA ASP A 501 -9.17 -41.70 -29.62
C ASP A 501 -9.63 -42.28 -28.28
N THR A 502 -9.45 -41.51 -27.21
CA THR A 502 -9.95 -41.85 -25.89
C THR A 502 -10.80 -40.69 -25.39
N ASN A 503 -12.11 -40.93 -25.27
CA ASN A 503 -13.02 -39.90 -24.76
C ASN A 503 -13.94 -40.51 -23.72
N SER A 512 -31.53 -29.18 -12.96
CA SER A 512 -31.96 -27.98 -13.65
C SER A 512 -33.29 -28.20 -14.37
N LEU A 513 -34.22 -27.25 -14.20
CA LEU A 513 -35.56 -27.44 -14.75
C LEU A 513 -35.57 -27.43 -16.27
N ASP A 514 -34.62 -26.72 -16.90
CA ASP A 514 -34.58 -26.70 -18.36
C ASP A 514 -34.25 -28.09 -18.91
N LEU A 515 -33.37 -28.82 -18.24
CA LEU A 515 -33.04 -30.18 -18.67
C LEU A 515 -34.26 -31.09 -18.56
N ILE A 516 -35.03 -30.95 -17.48
CA ILE A 516 -36.26 -31.72 -17.33
C ILE A 516 -37.25 -31.37 -18.43
N GLN A 517 -37.35 -30.09 -18.77
CA GLN A 517 -38.23 -29.66 -19.85
C GLN A 517 -37.79 -30.26 -21.18
N GLN A 518 -36.48 -30.28 -21.44
CA GLN A 518 -35.99 -30.86 -22.68
C GLN A 518 -36.33 -32.35 -22.74
N TYR A 519 -36.19 -33.04 -21.61
CA TYR A 519 -36.61 -34.43 -21.56
C TYR A 519 -38.11 -34.56 -21.82
N TYR A 520 -38.90 -33.61 -21.32
CA TYR A 520 -40.35 -33.67 -21.53
C TYR A 520 -40.70 -33.57 -23.01
N LEU A 521 -40.07 -32.63 -23.73
CA LEU A 521 -40.28 -32.60 -25.18
C LEU A 521 -39.77 -33.87 -25.85
N THR A 522 -38.62 -34.37 -25.42
CA THR A 522 -38.05 -35.56 -26.06
C THR A 522 -38.84 -36.83 -25.73
N PHE A 523 -39.61 -36.83 -24.64
CA PHE A 523 -40.29 -38.04 -24.21
C PHE A 523 -41.34 -38.48 -25.22
N ASN A 524 -41.62 -39.78 -25.22
CA ASN A 524 -42.57 -40.40 -26.14
C ASN A 524 -43.86 -40.74 -25.41
N PHE A 525 -44.98 -40.34 -25.99
CA PHE A 525 -46.31 -40.60 -25.45
C PHE A 525 -47.13 -41.40 -26.46
N ASP A 526 -48.42 -41.53 -26.16
CA ASP A 526 -49.42 -42.08 -27.08
C ASP A 526 -49.24 -43.57 -27.34
N ASN A 527 -48.22 -44.18 -26.74
CA ASN A 527 -47.97 -45.60 -26.88
C ASN A 527 -47.95 -46.23 -25.48
N GLU A 528 -49.08 -46.79 -25.07
CA GLU A 528 -49.19 -47.47 -23.79
C GLU A 528 -49.57 -48.91 -24.04
N PRO A 529 -48.80 -49.90 -23.56
CA PRO A 529 -49.11 -51.30 -23.81
C PRO A 529 -50.57 -51.66 -23.61
N GLU A 530 -51.23 -52.05 -24.69
CA GLU A 530 -52.65 -52.38 -24.65
C GLU A 530 -52.88 -53.63 -23.81
N ASN A 531 -54.07 -53.71 -23.23
CA ASN A 531 -54.41 -54.86 -22.40
C ASN A 531 -54.40 -56.13 -23.24
N ILE A 532 -53.82 -57.19 -22.68
CA ILE A 532 -53.63 -58.45 -23.37
C ILE A 532 -54.41 -59.53 -22.64
N SER A 533 -55.07 -60.40 -23.41
CA SER A 533 -55.79 -61.52 -22.84
C SER A 533 -54.81 -62.61 -22.44
N ILE A 534 -54.88 -63.04 -21.19
CA ILE A 534 -54.02 -64.09 -20.65
C ILE A 534 -54.90 -65.26 -20.24
N GLU A 535 -54.52 -66.46 -20.65
CA GLU A 535 -55.25 -67.65 -20.23
C GLU A 535 -55.27 -67.75 -18.72
N ASN A 536 -56.44 -68.02 -18.15
CA ASN A 536 -56.62 -67.94 -16.71
C ASN A 536 -55.75 -68.98 -16.00
N LEU A 537 -55.22 -68.59 -14.85
CA LEU A 537 -54.36 -69.45 -14.05
C LEU A 537 -55.18 -70.13 -12.96
N SER A 538 -54.48 -70.78 -12.03
CA SER A 538 -55.14 -71.49 -10.95
C SER A 538 -55.86 -70.51 -10.03
N SER A 539 -56.81 -71.05 -9.26
CA SER A 539 -57.58 -70.21 -8.34
C SER A 539 -56.68 -69.59 -7.28
N ASP A 540 -55.75 -70.35 -6.74
CA ASP A 540 -54.82 -69.86 -5.74
C ASP A 540 -53.45 -69.63 -6.38
N ILE A 541 -52.98 -68.40 -6.36
CA ILE A 541 -51.68 -68.04 -6.91
C ILE A 541 -50.65 -68.17 -5.79
N ILE A 542 -49.84 -69.21 -5.84
CA ILE A 542 -48.82 -69.43 -4.82
C ILE A 542 -47.64 -68.51 -5.10
N GLY A 543 -47.15 -67.85 -4.06
CA GLY A 543 -46.02 -66.93 -4.20
C GLY A 543 -45.62 -66.30 -2.89
N GLN A 544 -44.32 -66.18 -2.66
CA GLN A 544 -43.79 -65.62 -1.43
C GLN A 544 -43.09 -64.30 -1.74
N LEU A 545 -43.20 -63.35 -0.82
CA LEU A 545 -42.61 -62.03 -1.03
C LEU A 545 -41.10 -62.13 -1.27
N GLU A 546 -40.54 -61.04 -1.79
CA GLU A 546 -39.10 -60.97 -1.99
C GLU A 546 -38.41 -61.04 -0.63
N LEU A 547 -37.44 -61.95 -0.52
CA LEU A 547 -36.77 -62.18 0.75
C LEU A 547 -35.92 -60.96 1.12
N MET A 548 -36.05 -60.52 2.34
CA MET A 548 -35.31 -59.37 2.81
C MET A 548 -34.18 -59.81 3.75
N PRO A 549 -33.05 -59.12 3.74
CA PRO A 549 -31.98 -59.46 4.67
C PRO A 549 -32.39 -59.19 6.12
N ASN A 550 -31.83 -59.99 7.02
CA ASN A 550 -32.13 -59.85 8.44
C ASN A 550 -31.32 -58.70 9.03
N ILE A 551 -32.00 -57.81 9.76
CA ILE A 551 -31.38 -56.66 10.39
C ILE A 551 -31.28 -56.94 11.88
N GLU A 552 -30.06 -56.99 12.40
CA GLU A 552 -29.85 -57.28 13.81
C GLU A 552 -30.26 -56.09 14.66
N ARG A 553 -30.86 -56.38 15.82
CA ARG A 553 -31.30 -55.33 16.72
C ARG A 553 -30.11 -54.69 17.41
N PHE A 554 -29.97 -53.38 17.28
CA PHE A 554 -28.88 -52.68 17.93
C PHE A 554 -29.09 -52.67 19.44
N PRO A 555 -28.01 -52.79 20.23
CA PRO A 555 -28.16 -52.79 21.68
C PRO A 555 -28.68 -51.46 22.18
N ASN A 556 -29.41 -51.51 23.30
CA ASN A 556 -30.06 -50.35 23.88
C ASN A 556 -29.48 -50.04 25.24
N GLY A 557 -29.47 -48.75 25.58
CA GLY A 557 -29.05 -48.31 26.91
C GLY A 557 -27.60 -48.55 27.23
N LYS A 558 -26.70 -48.29 26.28
CA LYS A 558 -25.28 -48.42 26.55
C LYS A 558 -24.82 -47.33 27.51
N LYS A 559 -24.03 -47.72 28.50
CA LYS A 559 -23.54 -46.80 29.52
C LYS A 559 -22.13 -46.35 29.16
N TYR A 560 -21.93 -45.03 29.16
CA TYR A 560 -20.64 -44.44 28.85
C TYR A 560 -20.16 -43.62 30.03
N GLU A 561 -18.88 -43.78 30.37
CA GLU A 561 -18.24 -43.00 31.42
C GLU A 561 -17.16 -42.14 30.80
N LEU A 562 -17.30 -40.83 30.91
CA LEU A 562 -16.40 -39.86 30.30
C LEU A 562 -15.74 -39.02 31.39
N ASP A 563 -14.93 -38.06 30.95
CA ASP A 563 -14.18 -37.20 31.86
C ASP A 563 -14.53 -35.72 31.69
N LYS A 564 -15.49 -35.38 30.85
CA LYS A 564 -15.84 -33.99 30.58
C LYS A 564 -17.35 -33.88 30.41
N TYR A 565 -17.84 -32.64 30.47
CA TYR A 565 -19.26 -32.36 30.28
C TYR A 565 -19.50 -32.13 28.79
N THR A 566 -20.16 -33.08 28.15
CA THR A 566 -20.40 -33.01 26.71
C THR A 566 -21.51 -32.02 26.40
N MET A 567 -21.71 -31.78 25.10
CA MET A 567 -22.72 -30.82 24.66
C MET A 567 -24.13 -31.31 24.97
N PHE A 568 -24.35 -32.63 24.95
CA PHE A 568 -25.64 -33.16 25.36
C PHE A 568 -25.91 -32.88 26.83
N HIS A 569 -24.86 -32.90 27.66
CA HIS A 569 -25.02 -32.57 29.06
C HIS A 569 -25.49 -31.13 29.24
N TYR A 570 -24.89 -30.20 28.49
CA TYR A 570 -25.32 -28.81 28.57
C TYR A 570 -26.74 -28.64 28.06
N LEU A 571 -27.10 -29.33 26.97
CA LEU A 571 -28.47 -29.23 26.46
C LEU A 571 -29.48 -29.75 27.47
N ARG A 572 -29.19 -30.88 28.12
CA ARG A 572 -30.10 -31.41 29.11
C ARG A 572 -30.02 -30.68 30.44
N ALA A 573 -29.04 -29.79 30.62
CA ALA A 573 -28.99 -28.98 31.81
C ALA A 573 -30.01 -27.84 31.77
N GLN A 574 -30.39 -27.39 30.58
CA GLN A 574 -31.26 -26.23 30.42
C GLN A 574 -32.75 -26.58 30.47
N GLU A 575 -33.10 -27.85 30.57
CA GLU A 575 -34.50 -28.26 30.53
C GLU A 575 -35.13 -28.20 31.92
N PHE A 576 -36.46 -28.21 31.93
CA PHE A 576 -37.22 -28.18 33.18
C PHE A 576 -38.60 -28.77 32.92
N GLU A 577 -39.37 -28.89 34.01
CA GLU A 577 -40.59 -29.70 34.01
C GLU A 577 -41.86 -28.87 34.03
N HIS A 578 -41.76 -27.54 33.90
CA HIS A 578 -42.92 -26.65 34.03
C HIS A 578 -43.63 -26.87 35.36
N GLY A 579 -42.85 -26.99 36.42
CA GLY A 579 -43.40 -27.34 37.72
C GLY A 579 -44.11 -26.19 38.39
N LYS A 580 -44.69 -26.49 39.54
CA LYS A 580 -45.45 -25.48 40.28
C LYS A 580 -44.52 -24.49 40.98
N SER A 581 -43.38 -24.97 41.49
CA SER A 581 -42.47 -24.10 42.22
C SER A 581 -41.72 -23.17 41.26
N ARG A 582 -41.15 -22.11 41.84
CA ARG A 582 -40.42 -21.13 41.05
C ARG A 582 -39.18 -21.74 40.42
N ILE A 583 -38.87 -21.30 39.21
CA ILE A 583 -37.69 -21.75 38.48
C ILE A 583 -36.72 -20.58 38.39
N ALA A 584 -35.49 -20.80 38.84
CA ALA A 584 -34.47 -19.77 38.84
C ALA A 584 -33.36 -20.13 37.87
N LEU A 585 -32.88 -19.14 37.12
CA LEU A 585 -31.74 -19.35 36.26
C LEU A 585 -30.47 -19.43 37.09
N THR A 586 -29.45 -20.06 36.52
CA THR A 586 -28.16 -20.19 37.18
C THR A 586 -27.10 -20.38 36.10
N ASN A 587 -25.84 -20.21 36.50
CA ASN A 587 -24.72 -20.30 35.57
C ASN A 587 -23.82 -21.49 35.84
N SER A 588 -24.21 -22.39 36.74
CA SER A 588 -23.41 -23.54 37.12
C SER A 588 -24.13 -24.81 36.72
N VAL A 589 -23.61 -25.51 35.71
CA VAL A 589 -24.24 -26.75 35.27
C VAL A 589 -24.19 -27.82 36.36
N ASN A 590 -23.11 -27.83 37.15
CA ASN A 590 -22.98 -28.83 38.21
C ASN A 590 -24.14 -28.77 39.18
N GLU A 591 -24.79 -27.61 39.31
CA GLU A 591 -25.98 -27.49 40.13
C GLU A 591 -27.28 -27.54 39.34
N ALA A 592 -27.24 -27.22 38.04
CA ALA A 592 -28.46 -27.24 37.24
C ALA A 592 -28.93 -28.67 37.00
N LEU A 593 -28.02 -29.57 36.67
CA LEU A 593 -28.40 -30.97 36.52
C LEU A 593 -28.84 -31.58 37.84
N LEU A 594 -28.20 -31.19 38.94
CA LEU A 594 -28.51 -31.78 40.23
C LEU A 594 -29.87 -31.32 40.75
N ASN A 595 -30.17 -30.03 40.63
CA ASN A 595 -31.39 -29.47 41.18
C ASN A 595 -32.44 -29.36 40.09
N PRO A 596 -33.58 -30.05 40.21
CA PRO A 596 -34.63 -29.92 39.18
C PRO A 596 -35.19 -28.52 39.03
N SER A 597 -35.25 -27.74 40.11
CA SER A 597 -35.90 -26.43 40.10
C SER A 597 -34.93 -25.28 39.87
N ARG A 598 -33.91 -25.50 39.04
CA ARG A 598 -32.95 -24.46 38.71
C ARG A 598 -32.34 -24.81 37.35
N VAL A 599 -32.39 -23.86 36.41
CA VAL A 599 -32.03 -24.13 35.03
C VAL A 599 -30.78 -23.36 34.68
N TYR A 600 -29.83 -24.03 34.02
CA TYR A 600 -28.61 -23.38 33.57
C TYR A 600 -28.93 -22.38 32.45
N THR A 601 -28.14 -21.31 32.39
CA THR A 601 -28.26 -20.31 31.34
C THR A 601 -26.89 -19.74 31.03
N PHE A 602 -26.67 -19.42 29.76
CA PHE A 602 -25.38 -18.94 29.30
C PHE A 602 -25.35 -17.43 29.11
N PHE A 603 -26.35 -16.71 29.62
CA PHE A 603 -26.37 -15.26 29.50
C PHE A 603 -25.52 -14.64 30.61
N SER A 604 -25.45 -13.31 30.60
CA SER A 604 -24.63 -12.60 31.57
C SER A 604 -25.24 -12.69 32.97
N SER A 605 -24.41 -12.37 33.97
CA SER A 605 -24.87 -12.44 35.36
C SER A 605 -25.98 -11.45 35.65
N ASP A 606 -26.00 -10.32 34.94
CA ASP A 606 -27.04 -9.32 35.17
C ASP A 606 -28.42 -9.89 34.84
N TYR A 607 -28.52 -10.65 33.74
CA TYR A 607 -29.81 -11.19 33.34
C TYR A 607 -30.33 -12.20 34.36
N VAL A 608 -29.48 -13.12 34.81
CA VAL A 608 -29.91 -14.12 35.78
C VAL A 608 -30.23 -13.45 37.11
N LYS A 609 -29.51 -12.38 37.47
CA LYS A 609 -29.88 -11.62 38.66
C LYS A 609 -31.25 -10.99 38.50
N LYS A 610 -31.55 -10.47 37.31
CA LYS A 610 -32.83 -9.78 37.10
C LYS A 610 -33.99 -10.75 37.14
N VAL A 611 -33.92 -11.85 36.38
CA VAL A 611 -35.05 -12.76 36.28
C VAL A 611 -35.34 -13.51 37.58
N ASN A 612 -34.44 -13.45 38.55
CA ASN A 612 -34.62 -14.11 39.83
C ASN A 612 -35.19 -13.20 40.90
N LYS A 613 -35.54 -11.96 40.55
CA LYS A 613 -35.90 -10.94 41.52
C LYS A 613 -37.41 -10.85 41.66
N ALA A 614 -37.89 -10.85 42.90
CA ALA A 614 -39.31 -10.74 43.17
C ALA A 614 -39.74 -9.29 42.98
N THR A 615 -40.64 -9.04 42.03
CA THR A 615 -41.09 -7.71 41.67
C THR A 615 -42.58 -7.57 41.92
N GLU A 616 -42.98 -6.39 42.42
CA GLU A 616 -44.39 -6.13 42.65
C GLU A 616 -45.13 -5.97 41.33
N ALA A 617 -46.45 -5.78 41.42
CA ALA A 617 -47.24 -5.53 40.22
C ALA A 617 -46.94 -4.17 39.62
N ALA A 618 -46.64 -3.17 40.45
CA ALA A 618 -46.40 -1.82 39.97
C ALA A 618 -45.19 -1.76 39.05
N MET A 619 -44.24 -2.66 39.21
CA MET A 619 -43.05 -2.69 38.37
C MET A 619 -43.02 -3.88 37.42
N PHE A 620 -44.06 -4.72 37.43
CA PHE A 620 -44.07 -5.93 36.61
C PHE A 620 -44.00 -5.61 35.12
N LEU A 621 -44.79 -4.64 34.67
CA LEU A 621 -44.84 -4.30 33.25
C LEU A 621 -43.51 -3.78 32.76
N GLY A 622 -42.85 -2.92 33.55
CA GLY A 622 -41.52 -2.47 33.18
C GLY A 622 -40.50 -3.59 33.23
N TRP A 623 -40.64 -4.49 34.21
CA TRP A 623 -39.74 -5.62 34.35
C TRP A 623 -39.75 -6.49 33.10
N VAL A 624 -40.94 -6.78 32.58
CA VAL A 624 -41.04 -7.65 31.39
C VAL A 624 -40.35 -7.00 30.20
N GLU A 625 -40.58 -5.70 30.00
CA GLU A 625 -39.95 -5.01 28.88
C GLU A 625 -38.44 -4.99 29.02
N GLN A 626 -37.93 -4.75 30.24
CA GLN A 626 -36.49 -4.83 30.45
C GLN A 626 -35.97 -6.22 30.13
N LEU A 627 -36.72 -7.25 30.53
CA LEU A 627 -36.28 -8.62 30.30
C LEU A 627 -36.18 -8.91 28.80
N VAL A 628 -37.17 -8.49 28.03
CA VAL A 628 -37.11 -8.73 26.59
C VAL A 628 -35.98 -7.92 25.96
N TYR A 629 -35.72 -6.72 26.49
CA TYR A 629 -34.60 -5.92 25.97
C TYR A 629 -33.27 -6.62 26.22
N ASP A 630 -33.07 -7.16 27.43
CA ASP A 630 -31.84 -7.89 27.70
C ASP A 630 -31.74 -9.16 26.87
N PHE A 631 -32.88 -9.83 26.63
CA PHE A 631 -32.87 -11.00 25.76
C PHE A 631 -32.35 -10.64 24.37
N THR A 632 -32.91 -9.57 23.78
CA THR A 632 -32.45 -9.13 22.47
C THR A 632 -30.98 -8.73 22.51
N ASP A 633 -30.58 -8.05 23.57
CA ASP A 633 -29.18 -7.55 23.62
C ASP A 633 -28.24 -8.75 23.62
N GLU A 634 -28.45 -9.70 24.53
CA GLU A 634 -27.51 -10.83 24.67
C GLU A 634 -27.51 -11.69 23.40
N THR A 635 -28.68 -11.95 22.83
CA THR A 635 -28.73 -12.88 21.66
C THR A 635 -28.13 -12.24 20.41
N SER A 636 -28.24 -10.92 20.25
CA SER A 636 -27.80 -10.29 18.98
C SER A 636 -26.33 -9.86 19.02
N GLU A 637 -25.60 -10.23 20.07
CA GLU A 637 -24.23 -9.81 20.22
C GLU A 637 -23.35 -10.42 19.13
N VAL A 638 -22.29 -9.71 18.72
CA VAL A 638 -21.36 -10.30 17.71
C VAL A 638 -19.90 -10.00 18.11
N SER A 639 -18.93 -10.57 17.39
CA SER A 639 -17.50 -10.39 17.74
C SER A 639 -16.82 -9.40 16.79
N THR A 640 -16.11 -8.42 17.34
CA THR A 640 -15.48 -7.36 16.51
C THR A 640 -14.26 -7.89 15.76
N THR A 641 -13.38 -8.64 16.42
CA THR A 641 -12.12 -9.11 15.76
C THR A 641 -12.47 -9.70 14.39
N ASP A 642 -11.87 -9.18 13.32
CA ASP A 642 -12.24 -9.63 11.95
C ASP A 642 -10.99 -10.04 11.18
N LYS A 643 -9.82 -9.81 11.74
CA LYS A 643 -8.55 -10.13 11.03
C LYS A 643 -8.58 -11.60 10.62
N ILE A 644 -9.50 -12.37 11.20
CA ILE A 644 -9.64 -13.81 10.84
C ILE A 644 -10.00 -13.90 9.35
N ALA A 645 -9.78 -15.08 8.75
CA ALA A 645 -10.04 -15.27 7.30
C ALA A 645 -11.48 -15.74 7.06
N ASP A 646 -12.40 -14.81 6.85
CA ASP A 646 -13.77 -15.17 6.49
C ASP A 646 -14.54 -15.83 7.64
N ILE A 647 -14.10 -15.62 8.88
CA ILE A 647 -14.86 -16.03 10.05
C ILE A 647 -15.29 -14.73 10.71
N THR A 648 -15.58 -13.72 9.89
CA THR A 648 -15.82 -12.35 10.36
C THR A 648 -16.88 -12.29 11.46
N ILE A 649 -18.00 -12.99 11.25
CA ILE A 649 -19.10 -12.93 12.25
C ILE A 649 -18.93 -14.09 13.24
N ILE A 650 -18.24 -13.86 14.36
CA ILE A 650 -18.05 -14.92 15.38
C ILE A 650 -19.08 -14.68 16.49
N ILE A 651 -19.92 -15.68 16.77
CA ILE A 651 -20.95 -15.56 17.84
C ILE A 651 -20.34 -16.09 19.13
N PRO A 652 -20.11 -15.25 20.15
CA PRO A 652 -19.43 -15.70 21.36
C PRO A 652 -20.19 -16.70 22.24
N TYR A 653 -21.47 -16.46 22.49
CA TYR A 653 -22.21 -17.32 23.46
C TYR A 653 -22.17 -18.78 23.04
N ILE A 654 -21.75 -19.08 21.81
CA ILE A 654 -21.82 -20.48 21.40
C ILE A 654 -20.95 -21.35 22.31
N GLY A 655 -19.81 -20.81 22.74
CA GLY A 655 -18.91 -21.52 23.62
C GLY A 655 -19.59 -22.09 24.85
N PRO A 656 -20.08 -21.23 25.73
CA PRO A 656 -20.83 -21.74 26.91
C PRO A 656 -22.12 -22.44 26.55
N ALA A 657 -22.64 -22.25 25.33
CA ALA A 657 -23.92 -22.85 24.96
C ALA A 657 -23.81 -24.37 24.87
N LEU A 658 -22.71 -24.89 24.33
CA LEU A 658 -22.53 -26.32 24.18
C LEU A 658 -21.25 -26.84 24.82
N ASN A 659 -20.46 -25.98 25.45
CA ASN A 659 -19.11 -26.34 25.91
C ASN A 659 -18.30 -26.83 24.71
N ILE A 660 -18.04 -25.88 23.82
CA ILE A 660 -17.34 -26.14 22.57
C ILE A 660 -15.85 -26.12 22.86
N GLY A 661 -15.19 -27.25 22.66
CA GLY A 661 -13.78 -27.37 22.96
C GLY A 661 -13.45 -27.50 24.43
N ASN A 662 -14.45 -27.59 25.29
CA ASN A 662 -14.28 -27.75 26.74
C ASN A 662 -13.68 -26.51 27.40
N MET A 663 -14.12 -25.33 26.97
CA MET A 663 -13.94 -24.11 27.75
C MET A 663 -15.30 -23.47 27.97
N LEU A 664 -15.47 -22.82 29.13
CA LEU A 664 -16.73 -22.21 29.51
C LEU A 664 -16.64 -20.69 29.56
N TYR A 665 -15.79 -20.09 28.73
CA TYR A 665 -15.69 -18.65 28.62
C TYR A 665 -15.81 -18.25 27.15
N LYS A 666 -16.65 -17.24 26.89
CA LYS A 666 -16.85 -16.79 25.52
C LYS A 666 -15.58 -16.21 24.93
N ASP A 667 -14.83 -15.43 25.72
CA ASP A 667 -13.55 -14.92 25.27
C ASP A 667 -12.60 -16.08 24.97
N ASP A 668 -12.59 -17.09 25.86
CA ASP A 668 -11.78 -18.27 25.60
C ASP A 668 -12.23 -19.00 24.34
N PHE A 669 -13.55 -19.03 24.10
CA PHE A 669 -14.05 -19.67 22.88
C PHE A 669 -13.56 -18.94 21.65
N VAL A 670 -13.62 -17.61 21.64
CA VAL A 670 -13.16 -16.85 20.48
C VAL A 670 -11.67 -17.05 20.28
N GLY A 671 -10.90 -17.05 21.37
CA GLY A 671 -9.48 -17.27 21.25
C GLY A 671 -9.15 -18.63 20.68
N ALA A 672 -9.83 -19.67 21.16
CA ALA A 672 -9.62 -21.02 20.63
C ALA A 672 -10.05 -21.11 19.18
N LEU A 673 -11.13 -20.43 18.82
CA LEU A 673 -11.58 -20.41 17.44
C LEU A 673 -10.50 -19.83 16.53
N ILE A 674 -9.99 -18.66 16.88
CA ILE A 674 -8.97 -18.03 16.05
C ILE A 674 -7.70 -18.88 16.02
N PHE A 675 -7.36 -19.51 17.14
CA PHE A 675 -6.14 -20.30 17.20
C PHE A 675 -6.23 -21.57 16.35
N SER A 676 -7.36 -22.27 16.39
CA SER A 676 -7.44 -23.62 15.84
C SER A 676 -8.38 -23.74 14.65
N GLY A 677 -8.87 -22.64 14.10
CA GLY A 677 -9.71 -22.80 12.93
C GLY A 677 -11.09 -23.33 13.32
N ALA A 678 -11.73 -23.98 12.35
CA ALA A 678 -13.05 -24.55 12.54
C ALA A 678 -13.00 -25.98 13.07
N VAL A 679 -11.81 -26.47 13.45
CA VAL A 679 -11.68 -27.85 13.91
C VAL A 679 -12.42 -28.06 15.23
N ILE A 680 -12.40 -27.06 16.12
CA ILE A 680 -12.95 -27.24 17.46
C ILE A 680 -14.45 -27.49 17.41
N LEU A 681 -15.14 -26.98 16.38
CA LEU A 681 -16.57 -27.26 16.24
C LEU A 681 -16.82 -28.73 15.97
N LEU A 682 -15.98 -29.36 15.16
CA LEU A 682 -16.18 -30.74 14.78
C LEU A 682 -16.02 -31.66 15.98
N GLU A 683 -16.95 -32.62 16.13
CA GLU A 683 -16.84 -33.58 17.21
C GLU A 683 -15.77 -34.63 16.89
N PHE A 684 -15.67 -35.03 15.63
CA PHE A 684 -14.64 -35.96 15.19
C PHE A 684 -14.00 -35.43 13.91
N ILE A 685 -12.70 -35.62 13.80
CA ILE A 685 -11.94 -35.13 12.65
C ILE A 685 -12.03 -36.14 11.51
N PRO A 686 -12.56 -35.77 10.35
CA PRO A 686 -12.56 -36.69 9.22
C PRO A 686 -11.15 -37.00 8.75
N GLU A 687 -10.96 -38.22 8.26
CA GLU A 687 -9.67 -38.68 7.75
C GLU A 687 -9.79 -38.77 6.23
N ILE A 688 -9.10 -37.86 5.53
CA ILE A 688 -9.12 -37.79 4.08
C ILE A 688 -7.72 -38.10 3.57
N ALA A 689 -7.61 -39.06 2.67
CA ALA A 689 -6.32 -39.50 2.13
C ALA A 689 -6.49 -39.81 0.65
N ILE A 690 -5.87 -39.01 -0.20
CA ILE A 690 -5.89 -39.21 -1.64
C ILE A 690 -4.68 -40.07 -2.00
N PRO A 691 -4.88 -41.21 -2.68
CA PRO A 691 -3.72 -42.01 -3.11
C PRO A 691 -2.95 -41.30 -4.20
N VAL A 692 -1.71 -41.77 -4.40
CA VAL A 692 -0.87 -41.20 -5.45
C VAL A 692 -1.54 -41.46 -6.80
N LEU A 693 -1.90 -40.38 -7.49
CA LEU A 693 -2.62 -40.52 -8.75
C LEU A 693 -1.78 -41.26 -9.77
N GLY A 694 -2.43 -42.06 -10.60
CA GLY A 694 -1.72 -42.89 -11.54
C GLY A 694 -1.06 -42.09 -12.65
N THR A 695 -0.13 -42.75 -13.33
CA THR A 695 0.61 -42.15 -14.43
C THR A 695 -0.13 -42.37 -15.75
N PHE A 696 0.22 -41.56 -16.74
CA PHE A 696 -0.39 -41.62 -18.07
C PHE A 696 0.60 -42.26 -19.04
N ALA A 697 0.21 -43.43 -19.57
CA ALA A 697 1.06 -44.15 -20.51
C ALA A 697 0.67 -43.74 -21.93
N LEU A 698 1.60 -43.11 -22.64
CA LEU A 698 1.34 -42.57 -23.97
C LEU A 698 1.88 -43.52 -25.02
N VAL A 699 1.04 -43.89 -25.98
CA VAL A 699 1.46 -44.74 -27.08
C VAL A 699 1.99 -43.87 -28.20
N SER A 700 3.01 -44.35 -28.89
CA SER A 700 3.62 -43.64 -30.01
C SER A 700 3.26 -44.36 -31.30
N TYR A 701 2.80 -43.59 -32.29
CA TYR A 701 2.47 -44.12 -33.60
C TYR A 701 3.60 -43.83 -34.57
N ILE A 702 3.95 -44.82 -35.39
CA ILE A 702 5.12 -44.69 -36.26
C ILE A 702 4.76 -43.83 -37.47
N ALA A 703 5.57 -42.79 -37.70
CA ALA A 703 5.47 -41.92 -38.87
C ALA A 703 4.05 -41.39 -39.08
N ASN A 704 3.53 -40.72 -38.06
CA ASN A 704 2.19 -40.15 -38.12
C ASN A 704 2.23 -38.70 -37.65
N LYS A 705 1.39 -37.87 -38.25
CA LYS A 705 1.42 -36.43 -38.01
C LYS A 705 0.17 -35.86 -37.36
N VAL A 706 -1.00 -36.45 -37.58
CA VAL A 706 -2.24 -35.95 -36.99
C VAL A 706 -2.57 -36.67 -35.69
N LEU A 707 -2.33 -37.98 -35.62
CA LEU A 707 -2.72 -38.74 -34.44
C LEU A 707 -1.94 -38.31 -33.20
N THR A 708 -0.68 -37.91 -33.36
CA THR A 708 0.11 -37.51 -32.20
C THR A 708 -0.44 -36.23 -31.57
N VAL A 709 -0.86 -35.28 -32.41
CA VAL A 709 -1.50 -34.08 -31.88
C VAL A 709 -2.78 -34.46 -31.15
N GLN A 710 -3.50 -35.46 -31.67
CA GLN A 710 -4.68 -35.95 -30.97
C GLN A 710 -4.32 -36.55 -29.62
N THR A 711 -3.19 -37.25 -29.54
CA THR A 711 -2.76 -37.80 -28.26
C THR A 711 -2.44 -36.69 -27.26
N ILE A 712 -1.78 -35.63 -27.72
CA ILE A 712 -1.47 -34.51 -26.83
C ILE A 712 -2.76 -33.85 -26.33
N ASP A 713 -3.70 -33.62 -27.25
CA ASP A 713 -4.97 -33.00 -26.88
C ASP A 713 -5.72 -33.90 -25.89
N ASN A 714 -5.72 -35.21 -26.14
CA ASN A 714 -6.38 -36.14 -25.24
C ASN A 714 -5.73 -36.13 -23.87
N ALA A 715 -4.40 -36.05 -23.82
CA ALA A 715 -3.70 -36.00 -22.55
C ALA A 715 -4.11 -34.77 -21.75
N LEU A 716 -4.17 -33.61 -22.40
CA LEU A 716 -4.59 -32.41 -21.68
C LEU A 716 -6.04 -32.50 -21.21
N SER A 717 -6.92 -33.03 -22.07
CA SER A 717 -8.32 -33.18 -21.69
C SER A 717 -8.48 -34.13 -20.51
N LYS A 718 -7.77 -35.26 -20.53
CA LYS A 718 -7.85 -36.21 -19.42
C LYS A 718 -7.23 -35.63 -18.16
N ARG A 719 -6.23 -34.76 -18.29
CA ARG A 719 -5.72 -34.03 -17.15
C ARG A 719 -6.83 -33.19 -16.50
N ASN A 720 -7.57 -32.46 -17.33
CA ASN A 720 -8.69 -31.68 -16.79
C ASN A 720 -9.74 -32.59 -16.14
N GLU A 721 -10.00 -33.74 -16.76
CA GLU A 721 -10.96 -34.68 -16.20
C GLU A 721 -10.50 -35.19 -14.84
N LYS A 722 -9.21 -35.50 -14.70
CA LYS A 722 -8.68 -35.96 -13.43
C LYS A 722 -8.81 -34.89 -12.36
N TRP A 723 -8.51 -33.64 -12.71
CA TRP A 723 -8.69 -32.55 -11.76
C TRP A 723 -10.13 -32.46 -11.29
N ASP A 724 -11.08 -32.50 -12.24
CA ASP A 724 -12.49 -32.41 -11.88
C ASP A 724 -12.91 -33.59 -11.00
N GLU A 725 -12.44 -34.79 -11.32
CA GLU A 725 -12.85 -35.97 -10.58
C GLU A 725 -12.32 -35.95 -9.14
N VAL A 726 -11.05 -35.54 -8.95
CA VAL A 726 -10.52 -35.44 -7.60
C VAL A 726 -11.27 -34.38 -6.80
N TYR A 727 -11.56 -33.24 -7.44
CA TYR A 727 -12.32 -32.20 -6.74
C TYR A 727 -13.68 -32.71 -6.32
N LYS A 728 -14.36 -33.46 -7.20
CA LYS A 728 -15.67 -33.99 -6.87
C LYS A 728 -15.59 -34.99 -5.72
N TYR A 729 -14.56 -35.85 -5.72
CA TYR A 729 -14.42 -36.79 -4.62
C TYR A 729 -14.21 -36.09 -3.30
N ILE A 730 -13.36 -35.05 -3.28
CA ILE A 730 -13.12 -34.32 -2.05
C ILE A 730 -14.39 -33.62 -1.57
N VAL A 731 -15.15 -33.05 -2.51
CA VAL A 731 -16.40 -32.39 -2.14
C VAL A 731 -17.37 -33.39 -1.55
N THR A 732 -17.46 -34.59 -2.14
CA THR A 732 -18.33 -35.62 -1.60
C THR A 732 -17.92 -36.02 -0.19
N ASN A 733 -16.61 -36.19 0.04
CA ASN A 733 -16.14 -36.54 1.37
C ASN A 733 -16.46 -35.45 2.38
N TRP A 734 -16.26 -34.19 2.00
CA TRP A 734 -16.56 -33.09 2.90
C TRP A 734 -18.04 -33.01 3.22
N LEU A 735 -18.90 -33.20 2.21
CA LEU A 735 -20.34 -33.16 2.44
C LEU A 735 -20.78 -34.29 3.35
N ALA A 736 -20.20 -35.48 3.17
CA ALA A 736 -20.63 -36.63 3.97
C ALA A 736 -20.15 -36.53 5.41
N LYS A 737 -18.93 -36.04 5.63
CA LYS A 737 -18.31 -36.16 6.94
C LYS A 737 -18.27 -34.89 7.77
N VAL A 738 -18.41 -33.70 7.16
CA VAL A 738 -18.20 -32.44 7.86
C VAL A 738 -19.49 -31.65 8.01
N ASN A 739 -20.22 -31.46 6.91
CA ASN A 739 -21.38 -30.58 6.95
C ASN A 739 -22.48 -31.11 7.87
N THR A 740 -22.55 -32.43 8.05
CA THR A 740 -23.56 -33.00 8.92
C THR A 740 -23.39 -32.55 10.36
N GLN A 741 -22.14 -32.53 10.84
CA GLN A 741 -21.88 -32.06 12.20
C GLN A 741 -22.25 -30.59 12.37
N ILE A 742 -21.95 -29.77 11.36
CA ILE A 742 -22.31 -28.35 11.43
C ILE A 742 -23.83 -28.21 11.48
N ASP A 743 -24.55 -29.00 10.68
CA ASP A 743 -26.00 -28.95 10.71
C ASP A 743 -26.55 -29.34 12.09
N LEU A 744 -25.97 -30.39 12.69
CA LEU A 744 -26.43 -30.80 14.01
C LEU A 744 -26.17 -29.71 15.04
N ILE A 745 -25.00 -29.06 14.97
CA ILE A 745 -24.69 -27.98 15.90
C ILE A 745 -25.67 -26.83 15.71
N ARG A 746 -26.03 -26.54 14.46
CA ARG A 746 -27.02 -25.49 14.19
C ARG A 746 -28.37 -25.82 14.83
N LYS A 747 -28.83 -27.06 14.65
CA LYS A 747 -30.09 -27.47 15.24
C LYS A 747 -30.04 -27.38 16.76
N LYS A 748 -28.90 -27.75 17.35
CA LYS A 748 -28.77 -27.71 18.80
C LYS A 748 -28.74 -26.27 19.31
N MET A 749 -28.13 -25.36 18.56
CA MET A 749 -28.20 -23.94 18.91
C MET A 749 -29.64 -23.46 18.92
N LYS A 750 -30.41 -23.83 17.89
CA LYS A 750 -31.81 -23.44 17.86
C LYS A 750 -32.56 -24.00 19.07
N GLU A 751 -32.31 -25.26 19.40
CA GLU A 751 -32.98 -25.88 20.54
C GLU A 751 -32.61 -25.20 21.85
N ALA A 752 -31.34 -24.85 22.03
CA ALA A 752 -30.92 -24.18 23.26
C ALA A 752 -31.56 -22.81 23.39
N LEU A 753 -31.63 -22.06 22.28
CA LEU A 753 -32.28 -20.75 22.34
C LEU A 753 -33.76 -20.90 22.68
N GLU A 754 -34.43 -21.88 22.10
CA GLU A 754 -35.83 -22.13 22.43
C GLU A 754 -35.99 -22.46 23.91
N ASN A 755 -35.09 -23.28 24.44
CA ASN A 755 -35.16 -23.65 25.86
C ASN A 755 -34.99 -22.44 26.76
N GLN A 756 -34.05 -21.56 26.43
CA GLN A 756 -33.87 -20.35 27.23
C GLN A 756 -35.10 -19.46 27.19
N ALA A 757 -35.68 -19.29 26.00
CA ALA A 757 -36.88 -18.47 25.88
C ALA A 757 -38.04 -19.05 26.68
N GLU A 758 -38.21 -20.37 26.62
CA GLU A 758 -39.28 -21.02 27.37
C GLU A 758 -39.07 -20.88 28.87
N ALA A 759 -37.81 -20.98 29.33
CA ALA A 759 -37.53 -20.80 30.75
C ALA A 759 -37.90 -19.40 31.21
N THR A 760 -37.51 -18.38 30.44
CA THR A 760 -37.86 -17.02 30.81
C THR A 760 -39.37 -16.81 30.82
N LYS A 761 -40.06 -17.37 29.82
CA LYS A 761 -41.51 -17.24 29.77
C LYS A 761 -42.17 -17.89 30.98
N ALA A 762 -41.67 -19.06 31.38
CA ALA A 762 -42.23 -19.75 32.53
C ALA A 762 -42.01 -18.95 33.80
N ILE A 763 -40.84 -18.34 33.96
CA ILE A 763 -40.59 -17.51 35.13
C ILE A 763 -41.56 -16.34 35.17
N ILE A 764 -41.76 -15.69 34.02
CA ILE A 764 -42.66 -14.54 33.95
C ILE A 764 -44.08 -14.96 34.30
N ASN A 765 -44.54 -16.08 33.74
CA ASN A 765 -45.89 -16.55 34.00
C ASN A 765 -46.07 -16.89 35.47
N TYR A 766 -45.08 -17.54 36.08
CA TYR A 766 -45.18 -17.88 37.50
C TYR A 766 -45.24 -16.63 38.36
N GLN A 767 -44.45 -15.61 38.02
CA GLN A 767 -44.52 -14.37 38.79
C GLN A 767 -45.88 -13.70 38.61
N TYR A 768 -46.43 -13.73 37.40
CA TYR A 768 -47.75 -13.15 37.18
C TYR A 768 -48.80 -13.87 38.03
N ASN A 769 -48.71 -15.20 38.10
CA ASN A 769 -49.74 -15.99 38.75
C ASN A 769 -49.90 -15.64 40.22
N GLN A 770 -48.90 -15.00 40.84
CA GLN A 770 -48.89 -14.78 42.28
C GLN A 770 -49.74 -13.61 42.74
N TYR A 771 -50.16 -12.73 41.83
CA TYR A 771 -50.84 -11.50 42.21
C TYR A 771 -52.27 -11.79 42.68
N THR A 772 -52.96 -10.73 43.10
CA THR A 772 -54.37 -10.78 43.46
C THR A 772 -55.22 -10.36 42.27
N GLU A 773 -56.53 -10.61 42.36
CA GLU A 773 -57.41 -10.44 41.21
C GLU A 773 -57.42 -9.00 40.71
N GLU A 774 -57.52 -8.04 41.63
CA GLU A 774 -57.47 -6.64 41.23
C GLU A 774 -56.14 -6.31 40.56
N GLU A 775 -55.05 -6.92 41.02
CA GLU A 775 -53.75 -6.69 40.40
C GLU A 775 -53.71 -7.27 38.99
N LYS A 776 -54.28 -8.46 38.77
CA LYS A 776 -54.27 -9.01 37.43
C LYS A 776 -55.13 -8.19 36.48
N ASN A 777 -56.31 -7.76 36.92
CA ASN A 777 -57.17 -7.03 35.97
C ASN A 777 -56.70 -5.60 35.74
N ASN A 778 -56.13 -4.95 36.75
CA ASN A 778 -55.60 -3.60 36.53
C ASN A 778 -54.31 -3.63 35.72
N ILE A 779 -53.44 -4.59 36.00
CA ILE A 779 -52.18 -4.74 35.30
C ILE A 779 -52.31 -5.97 34.40
N ASN A 780 -52.68 -5.76 33.14
CA ASN A 780 -52.96 -6.85 32.23
C ASN A 780 -51.70 -7.22 31.45
N PHE A 781 -51.37 -8.51 31.44
CA PHE A 781 -50.26 -9.04 30.67
C PHE A 781 -50.72 -10.28 29.95
N ASN A 782 -50.40 -10.38 28.66
CA ASN A 782 -50.77 -11.54 27.85
C ASN A 782 -49.50 -12.24 27.38
N ILE A 783 -49.64 -13.53 27.11
CA ILE A 783 -48.47 -14.35 26.81
C ILE A 783 -48.16 -14.42 25.31
N ASP A 784 -49.17 -14.32 24.45
CA ASP A 784 -48.97 -14.55 23.03
C ASP A 784 -48.00 -13.52 22.43
N ASP A 785 -48.17 -12.24 22.77
CA ASP A 785 -47.29 -11.21 22.23
C ASP A 785 -45.86 -11.40 22.72
N LEU A 786 -45.69 -11.75 24.00
CA LEU A 786 -44.36 -12.01 24.53
C LEU A 786 -43.70 -13.16 23.79
N SER A 787 -44.45 -14.24 23.56
CA SER A 787 -43.90 -15.37 22.82
C SER A 787 -43.52 -14.97 21.41
N SER A 788 -44.37 -14.17 20.76
CA SER A 788 -44.08 -13.75 19.39
C SER A 788 -42.81 -12.92 19.31
N LYS A 789 -42.64 -11.96 20.23
CA LYS A 789 -41.45 -11.11 20.16
C LYS A 789 -40.19 -11.89 20.55
N LEU A 790 -40.30 -12.81 21.50
CA LEU A 790 -39.15 -13.65 21.82
C LEU A 790 -38.78 -14.54 20.64
N ASN A 791 -39.78 -15.06 19.93
CA ASN A 791 -39.50 -15.86 18.74
C ASN A 791 -38.83 -15.03 17.65
N GLU A 792 -39.27 -13.78 17.48
CA GLU A 792 -38.63 -12.94 16.47
C GLU A 792 -37.18 -12.65 16.85
N SER A 793 -36.91 -12.43 18.14
CA SER A 793 -35.52 -12.24 18.57
C SER A 793 -34.71 -13.51 18.33
N ILE A 794 -35.30 -14.67 18.58
CA ILE A 794 -34.62 -15.94 18.35
C ILE A 794 -34.27 -16.08 16.87
N ASN A 795 -35.20 -15.72 15.99
CA ASN A 795 -34.92 -15.79 14.56
C ASN A 795 -33.80 -14.82 14.17
N LYS A 796 -33.82 -13.61 14.75
CA LYS A 796 -32.78 -12.64 14.43
C LYS A 796 -31.40 -13.15 14.84
N ALA A 797 -31.31 -13.80 16.00
CA ALA A 797 -30.03 -14.40 16.39
C ALA A 797 -29.70 -15.62 15.51
N MET A 798 -30.71 -16.37 15.10
CA MET A 798 -30.49 -17.59 14.34
C MET A 798 -29.91 -17.28 12.97
N ILE A 799 -30.26 -16.12 12.40
CA ILE A 799 -29.66 -15.73 11.12
C ILE A 799 -28.14 -15.60 11.26
N ASN A 800 -27.69 -14.89 12.30
CA ASN A 800 -26.26 -14.73 12.52
C ASN A 800 -25.58 -16.06 12.81
N ILE A 801 -26.23 -16.91 13.61
CA ILE A 801 -25.63 -18.21 13.91
C ILE A 801 -25.48 -19.03 12.63
N ASN A 802 -26.50 -19.02 11.77
CA ASN A 802 -26.41 -19.75 10.50
C ASN A 802 -25.28 -19.21 9.64
N LYS A 803 -25.14 -17.89 9.56
CA LYS A 803 -24.06 -17.33 8.75
C LYS A 803 -22.69 -17.74 9.29
N PHE A 804 -22.52 -17.69 10.62
CA PHE A 804 -21.26 -18.08 11.22
C PHE A 804 -20.94 -19.54 10.94
N LEU A 805 -21.93 -20.42 11.06
CA LEU A 805 -21.67 -21.84 10.87
C LEU A 805 -21.39 -22.16 9.41
N ASN A 806 -22.08 -21.49 8.47
CA ASN A 806 -21.78 -21.67 7.06
C ASN A 806 -20.37 -21.23 6.75
N GLN A 807 -19.94 -20.09 7.31
CA GLN A 807 -18.58 -19.63 7.09
C GLN A 807 -17.57 -20.63 7.64
N CYS A 808 -17.85 -21.19 8.82
CA CYS A 808 -16.93 -22.18 9.38
C CYS A 808 -16.83 -23.42 8.50
N SER A 809 -17.97 -23.91 8.00
CA SER A 809 -17.93 -25.11 7.16
C SER A 809 -17.17 -24.87 5.88
N VAL A 810 -17.42 -23.74 5.22
CA VAL A 810 -16.73 -23.45 3.96
C VAL A 810 -15.24 -23.23 4.22
N SER A 811 -14.91 -22.56 5.33
CA SER A 811 -13.50 -22.35 5.67
C SER A 811 -12.79 -23.67 5.88
N TYR A 812 -13.42 -24.60 6.60
CA TYR A 812 -12.79 -25.91 6.80
C TYR A 812 -12.61 -26.64 5.48
N LEU A 813 -13.62 -26.58 4.61
CA LEU A 813 -13.51 -27.24 3.31
C LEU A 813 -12.33 -26.70 2.53
N MET A 814 -12.19 -25.38 2.47
CA MET A 814 -11.15 -24.79 1.64
C MET A 814 -9.78 -24.74 2.32
N ASN A 815 -9.71 -25.02 3.63
CA ASN A 815 -8.45 -24.95 4.35
C ASN A 815 -7.83 -26.33 4.61
N SER A 816 -8.63 -27.29 5.09
CA SER A 816 -8.08 -28.54 5.57
C SER A 816 -8.40 -29.74 4.68
N MET A 817 -9.14 -29.55 3.59
CA MET A 817 -9.49 -30.65 2.71
C MET A 817 -8.96 -30.47 1.30
N ILE A 818 -9.14 -29.28 0.71
CA ILE A 818 -8.71 -29.05 -0.67
C ILE A 818 -7.20 -29.20 -0.84
N PRO A 819 -6.35 -28.62 0.00
CA PRO A 819 -4.89 -28.74 -0.26
C PRO A 819 -4.38 -30.15 -0.35
N TYR A 820 -4.95 -31.08 0.42
CA TYR A 820 -4.47 -32.46 0.39
C TYR A 820 -4.71 -33.11 -0.97
N GLY A 821 -5.65 -32.57 -1.73
CA GLY A 821 -5.88 -33.06 -3.08
C GLY A 821 -5.15 -32.25 -4.12
N VAL A 822 -5.01 -30.94 -3.86
CA VAL A 822 -4.27 -30.08 -4.78
C VAL A 822 -2.83 -30.52 -4.87
N LYS A 823 -2.23 -30.94 -3.75
CA LYS A 823 -0.86 -31.44 -3.79
C LYS A 823 -0.74 -32.64 -4.72
N ARG A 824 -1.64 -33.61 -4.58
CA ARG A 824 -1.59 -34.79 -5.43
C ARG A 824 -1.79 -34.43 -6.90
N LEU A 825 -2.75 -33.54 -7.17
CA LEU A 825 -3.02 -33.17 -8.55
C LEU A 825 -1.83 -32.48 -9.19
N GLU A 826 -1.18 -31.57 -8.47
CA GLU A 826 -0.08 -30.84 -9.07
C GLU A 826 1.19 -31.67 -9.16
N ASP A 827 1.40 -32.61 -8.22
CA ASP A 827 2.48 -33.56 -8.39
C ASP A 827 2.25 -34.43 -9.62
N PHE A 828 1.01 -34.88 -9.83
CA PHE A 828 0.68 -35.63 -11.03
C PHE A 828 0.89 -34.80 -12.28
N ASP A 829 0.55 -33.51 -12.21
CA ASP A 829 0.75 -32.62 -13.36
C ASP A 829 2.23 -32.51 -13.71
N ALA A 830 3.08 -32.35 -12.69
CA ALA A 830 4.52 -32.29 -12.94
C ALA A 830 5.02 -33.59 -13.53
N SER A 831 4.53 -34.73 -13.03
CA SER A 831 4.96 -36.01 -13.58
C SER A 831 4.55 -36.15 -15.03
N LEU A 832 3.34 -35.70 -15.38
CA LEU A 832 2.85 -35.83 -16.75
C LEU A 832 3.55 -34.88 -17.70
N LYS A 833 3.97 -33.70 -17.21
CA LYS A 833 4.60 -32.72 -18.09
C LYS A 833 5.90 -33.26 -18.67
N ASP A 834 6.72 -33.92 -17.85
CA ASP A 834 7.97 -34.46 -18.34
C ASP A 834 7.73 -35.55 -19.38
N ALA A 835 6.74 -36.41 -19.13
CA ALA A 835 6.41 -37.44 -20.11
C ALA A 835 5.95 -36.83 -21.43
N LEU A 836 5.12 -35.78 -21.36
CA LEU A 836 4.67 -35.11 -22.57
C LEU A 836 5.83 -34.49 -23.33
N LEU A 837 6.73 -33.81 -22.63
CA LEU A 837 7.86 -33.17 -23.28
C LEU A 837 8.79 -34.20 -23.90
N LYS A 838 8.97 -35.35 -23.24
CA LYS A 838 9.74 -36.43 -23.85
C LYS A 838 9.01 -36.98 -25.07
N TYR A 839 7.68 -37.01 -25.04
CA TYR A 839 6.92 -37.54 -26.16
C TYR A 839 7.04 -36.64 -27.38
N ILE A 840 7.06 -35.32 -27.19
CA ILE A 840 7.27 -34.42 -28.32
C ILE A 840 8.60 -34.72 -28.99
N TYR A 841 9.62 -35.01 -28.19
CA TYR A 841 10.88 -35.54 -28.71
C TYR A 841 10.62 -36.91 -29.35
N ILE A 848 5.86 -33.89 -35.47
CA ILE A 848 7.01 -33.69 -36.36
C ILE A 848 6.88 -32.36 -37.10
N GLY A 849 7.81 -31.45 -36.84
CA GLY A 849 7.79 -30.14 -37.46
C GLY A 849 6.90 -29.13 -36.79
N GLN A 850 6.23 -29.49 -35.68
CA GLN A 850 5.36 -28.59 -34.94
C GLN A 850 5.73 -28.56 -33.46
N VAL A 851 7.02 -28.71 -33.15
CA VAL A 851 7.42 -28.89 -31.77
C VAL A 851 7.20 -27.62 -30.96
N ASP A 852 7.40 -26.45 -31.57
CA ASP A 852 7.39 -25.21 -30.79
C ASP A 852 6.00 -24.90 -30.25
N ARG A 853 4.98 -24.95 -31.13
CA ARG A 853 3.62 -24.67 -30.69
C ARG A 853 3.16 -25.67 -29.65
N LEU A 854 3.45 -26.95 -29.86
CA LEU A 854 3.04 -27.97 -28.90
C LEU A 854 3.73 -27.79 -27.56
N LYS A 855 5.02 -27.47 -27.56
CA LYS A 855 5.74 -27.24 -26.31
C LYS A 855 5.16 -26.04 -25.57
N ASP A 856 4.88 -24.96 -26.29
CA ASP A 856 4.28 -23.80 -25.65
C ASP A 856 2.91 -24.16 -25.06
N LYS A 857 2.12 -24.94 -25.81
CA LYS A 857 0.79 -25.31 -25.33
C LYS A 857 0.88 -26.15 -24.06
N VAL A 858 1.76 -27.15 -24.04
CA VAL A 858 1.84 -28.03 -22.87
C VAL A 858 2.39 -27.26 -21.67
N ASN A 859 3.44 -26.44 -21.87
CA ASN A 859 4.00 -25.67 -20.76
C ASN A 859 2.95 -24.73 -20.17
N ASN A 860 2.24 -23.99 -21.03
CA ASN A 860 1.26 -23.05 -20.53
C ASN A 860 0.07 -23.76 -19.90
N THR A 861 -0.30 -24.94 -20.42
CA THR A 861 -1.45 -25.66 -19.88
C THR A 861 -1.14 -26.23 -18.50
N LEU A 862 0.01 -26.87 -18.34
CA LEU A 862 0.32 -27.54 -17.10
C LEU A 862 1.05 -26.66 -16.09
N SER A 863 1.43 -25.44 -16.47
CA SER A 863 2.06 -24.54 -15.51
C SER A 863 1.05 -24.04 -14.49
N THR A 864 -0.17 -23.77 -14.92
CA THR A 864 -1.21 -23.24 -14.04
C THR A 864 -2.03 -24.38 -13.44
N ASP A 865 -3.14 -24.05 -12.82
CA ASP A 865 -4.02 -25.05 -12.21
C ASP A 865 -5.48 -24.70 -12.52
N ILE A 866 -6.33 -25.72 -12.49
CA ILE A 866 -7.76 -25.54 -12.72
C ILE A 866 -8.38 -24.97 -11.45
N PRO A 867 -9.10 -23.84 -11.54
CA PRO A 867 -9.69 -23.26 -10.34
C PRO A 867 -10.78 -24.15 -9.77
N PHE A 868 -10.94 -24.09 -8.46
CA PHE A 868 -11.98 -24.83 -7.77
C PHE A 868 -13.21 -23.94 -7.62
N GLN A 869 -14.25 -24.23 -8.38
CA GLN A 869 -15.52 -23.54 -8.28
C GLN A 869 -16.56 -24.51 -7.71
N LEU A 870 -17.15 -24.14 -6.58
CA LEU A 870 -18.09 -25.03 -5.91
C LEU A 870 -19.41 -25.15 -6.66
N SER A 871 -19.70 -24.24 -7.58
CA SER A 871 -20.98 -24.24 -8.27
C SER A 871 -21.19 -25.48 -9.13
N LYS A 872 -20.12 -26.21 -9.45
CA LYS A 872 -20.22 -27.39 -10.30
C LYS A 872 -20.39 -28.68 -9.52
N TYR A 873 -20.48 -28.62 -8.19
CA TYR A 873 -20.60 -29.82 -7.37
C TYR A 873 -21.74 -29.81 -6.37
N VAL A 874 -22.18 -28.64 -5.91
CA VAL A 874 -23.33 -28.54 -5.01
C VAL A 874 -24.31 -27.54 -5.60
N ASP A 875 -25.57 -27.67 -5.20
CA ASP A 875 -26.64 -26.80 -5.67
C ASP A 875 -27.34 -26.12 -4.51
N ASN A 876 -26.59 -25.77 -3.46
CA ASN A 876 -27.12 -25.10 -2.29
C ASN A 876 -26.79 -23.62 -2.38
N GLN A 877 -27.82 -22.79 -2.52
CA GLN A 877 -27.60 -21.35 -2.73
C GLN A 877 -26.93 -20.72 -1.51
N ARG A 878 -27.39 -21.08 -0.32
CA ARG A 878 -26.90 -20.45 0.90
C ARG A 878 -25.40 -20.70 1.08
N LEU A 879 -24.95 -21.91 0.76
CA LEU A 879 -23.54 -22.22 0.87
C LEU A 879 -22.73 -21.64 -0.28
N LEU A 880 -23.31 -21.60 -1.48
CA LEU A 880 -22.58 -21.07 -2.63
C LEU A 880 -22.31 -19.57 -2.46
N SER A 881 -23.24 -18.83 -1.86
CA SER A 881 -22.99 -17.41 -1.63
C SER A 881 -21.79 -17.21 -0.71
N THR A 882 -21.71 -17.97 0.37
CA THR A 882 -20.56 -17.84 1.27
C THR A 882 -19.28 -18.30 0.61
N PHE A 883 -19.35 -19.30 -0.28
CA PHE A 883 -18.16 -19.70 -1.00
C PHE A 883 -17.68 -18.60 -1.94
N THR A 884 -18.60 -17.91 -2.61
CA THR A 884 -18.21 -16.78 -3.45
C THR A 884 -17.57 -15.68 -2.61
N GLU A 885 -18.13 -15.41 -1.43
CA GLU A 885 -17.50 -14.45 -0.54
C GLU A 885 -16.10 -14.88 -0.12
N TYR A 886 -15.92 -16.19 0.13
CA TYR A 886 -14.60 -16.71 0.46
C TYR A 886 -13.61 -16.49 -0.69
N ILE A 887 -14.04 -16.76 -1.93
CA ILE A 887 -13.17 -16.60 -3.07
C ILE A 887 -12.85 -15.13 -3.33
N LYS A 888 -13.78 -14.23 -2.98
CA LYS A 888 -13.61 -12.82 -3.29
C LYS A 888 -12.31 -12.26 -2.72
N ASN A 889 -12.07 -12.48 -1.43
CA ASN A 889 -10.87 -11.93 -0.80
C ASN A 889 -9.62 -12.68 -1.26
N ILE A 890 -8.57 -11.92 -1.55
CA ILE A 890 -7.32 -12.51 -1.99
C ILE A 890 -6.59 -13.21 -0.86
N ILE A 891 -6.67 -12.67 0.36
CA ILE A 891 -5.91 -13.22 1.47
C ILE A 891 -6.38 -14.64 1.80
N ASN A 892 -7.68 -14.89 1.66
CA ASN A 892 -8.21 -16.22 1.96
C ASN A 892 -7.56 -17.30 1.12
N THR A 893 -7.10 -16.97 -0.09
CA THR A 893 -6.45 -17.94 -0.96
C THR A 893 -4.94 -17.99 -0.77
N SER A 894 -4.40 -17.29 0.22
CA SER A 894 -2.97 -17.32 0.46
C SER A 894 -2.55 -18.69 1.00
N ILE A 895 -1.26 -18.97 0.88
CA ILE A 895 -0.70 -20.25 1.32
C ILE A 895 -0.06 -20.14 2.70
N LEU A 896 0.56 -19.01 3.01
CA LEU A 896 1.14 -18.77 4.33
C LEU A 896 0.74 -17.38 4.79
N ASN A 897 0.17 -17.30 5.99
CA ASN A 897 -0.49 -16.09 6.45
C ASN A 897 -0.09 -15.76 7.90
N LEU A 898 1.21 -15.77 8.18
CA LEU A 898 1.69 -15.50 9.54
C LEU A 898 1.15 -14.20 10.10
N ARG A 899 0.35 -14.28 11.16
CA ARG A 899 -0.15 -13.10 11.85
C ARG A 899 -0.16 -13.38 13.35
N TYR A 900 -0.08 -12.30 14.13
CA TYR A 900 -0.11 -12.41 15.60
C TYR A 900 -1.56 -12.23 16.06
N GLU A 901 -2.10 -13.31 16.63
CA GLU A 901 -3.50 -13.25 17.10
C GLU A 901 -3.67 -13.96 18.43
N SER A 902 -4.22 -13.26 19.42
CA SER A 902 -4.51 -13.82 20.74
C SER A 902 -3.24 -14.32 21.43
N ASN A 903 -2.24 -13.44 21.51
CA ASN A 903 -0.97 -13.73 22.17
C ASN A 903 -0.33 -14.98 21.58
N HIS A 904 -0.42 -15.14 20.26
CA HIS A 904 0.20 -16.25 19.57
C HIS A 904 0.47 -15.86 18.12
N LEU A 905 1.66 -16.18 17.64
CA LEU A 905 2.00 -16.02 16.22
C LEU A 905 1.58 -17.28 15.49
N ILE A 906 0.53 -17.17 14.66
CA ILE A 906 -0.08 -18.34 14.06
C ILE A 906 -0.24 -18.11 12.55
N ASP A 907 -0.32 -19.23 11.84
CA ASP A 907 -0.53 -19.24 10.40
C ASP A 907 -2.02 -19.35 10.16
N LEU A 908 -2.66 -18.23 9.82
CA LEU A 908 -4.11 -18.22 9.63
C LEU A 908 -4.54 -19.04 8.43
N SER A 909 -3.63 -19.34 7.50
CA SER A 909 -3.97 -20.17 6.35
C SER A 909 -3.89 -21.66 6.67
N ARG A 910 -3.36 -22.03 7.83
CA ARG A 910 -3.39 -23.40 8.34
C ARG A 910 -2.60 -24.36 7.44
N TYR A 911 -1.56 -23.86 6.79
CA TYR A 911 -0.64 -24.72 6.06
C TYR A 911 0.62 -25.05 6.84
N ALA A 912 0.88 -24.35 7.94
CA ALA A 912 2.12 -24.48 8.68
C ALA A 912 1.95 -25.45 9.84
N SER A 913 2.93 -26.33 10.02
CA SER A 913 2.91 -27.31 11.09
C SER A 913 3.48 -26.75 12.39
N LYS A 914 4.62 -26.06 12.31
CA LYS A 914 5.28 -25.56 13.51
C LYS A 914 5.77 -24.13 13.28
N ILE A 915 5.29 -23.20 14.08
CA ILE A 915 5.81 -21.83 14.08
C ILE A 915 6.72 -21.73 15.29
N ASN A 916 8.01 -21.95 15.06
CA ASN A 916 9.01 -21.88 16.12
C ASN A 916 9.48 -20.44 16.28
N ILE A 917 9.55 -19.98 17.52
CA ILE A 917 9.92 -18.59 17.82
C ILE A 917 11.15 -18.61 18.73
N GLY A 918 12.15 -17.81 18.37
CA GLY A 918 13.32 -17.67 19.20
C GLY A 918 13.05 -16.84 20.44
N SER A 919 13.99 -16.90 21.37
CA SER A 919 13.85 -16.24 22.66
C SER A 919 14.28 -14.77 22.64
N LYS A 920 14.81 -14.29 21.52
CA LYS A 920 15.29 -12.92 21.41
C LYS A 920 14.61 -12.18 20.26
N VAL A 921 13.33 -12.46 20.06
CA VAL A 921 12.53 -11.83 19.01
C VAL A 921 11.51 -10.93 19.69
N ASN A 922 11.52 -9.64 19.35
CA ASN A 922 10.70 -8.69 20.08
C ASN A 922 9.40 -8.41 19.34
N PHE A 923 8.36 -8.11 20.11
CA PHE A 923 7.07 -7.70 19.57
C PHE A 923 6.71 -6.33 20.13
N ASP A 924 6.25 -5.44 19.27
CA ASP A 924 5.94 -4.09 19.70
C ASP A 924 4.71 -4.11 20.60
N PRO A 925 4.80 -3.60 21.83
CA PRO A 925 3.64 -3.68 22.75
C PRO A 925 2.41 -2.96 22.24
N ILE A 926 2.56 -1.84 21.52
CA ILE A 926 1.39 -1.10 21.06
C ILE A 926 0.67 -1.87 19.97
N ASP A 927 1.43 -2.41 19.01
CA ASP A 927 0.88 -3.20 17.91
C ASP A 927 1.76 -4.44 17.83
N LYS A 928 1.24 -5.58 18.27
CA LYS A 928 2.06 -6.78 18.38
C LYS A 928 2.37 -7.43 17.05
N ASN A 929 1.75 -6.98 15.95
CA ASN A 929 2.06 -7.55 14.64
C ASN A 929 3.49 -7.26 14.22
N GLN A 930 3.98 -6.05 14.50
CA GLN A 930 5.32 -5.66 14.09
C GLN A 930 6.36 -6.46 14.87
N ILE A 931 7.16 -7.24 14.15
CA ILE A 931 8.14 -8.14 14.75
C ILE A 931 9.52 -7.54 14.55
N GLN A 932 10.31 -7.49 15.62
CA GLN A 932 11.66 -6.94 15.57
C GLN A 932 12.66 -8.08 15.71
N LEU A 933 13.55 -8.20 14.73
CA LEU A 933 14.57 -9.24 14.69
C LEU A 933 15.94 -8.60 14.78
N PHE A 934 16.78 -9.12 15.68
CA PHE A 934 18.11 -8.60 15.92
C PHE A 934 19.15 -9.47 15.23
N ASN A 935 20.42 -9.06 15.34
CA ASN A 935 21.53 -9.83 14.79
C ASN A 935 22.14 -10.70 15.88
N LEU A 936 21.36 -11.71 16.28
CA LEU A 936 21.78 -12.68 17.28
C LEU A 936 21.46 -14.08 16.77
N GLU A 937 22.20 -15.07 17.28
CA GLU A 937 21.97 -16.44 16.86
C GLU A 937 20.62 -16.96 17.31
N SER A 938 20.06 -16.39 18.38
CA SER A 938 18.81 -16.86 18.94
C SER A 938 17.62 -15.98 18.58
N SER A 939 17.82 -14.94 17.77
CA SER A 939 16.73 -14.05 17.39
C SER A 939 16.18 -14.41 16.01
N LYS A 940 15.61 -15.61 15.92
CA LYS A 940 15.14 -16.16 14.66
C LYS A 940 13.71 -16.66 14.80
N ILE A 941 13.04 -16.76 13.66
CA ILE A 941 11.72 -17.38 13.57
C ILE A 941 11.79 -18.48 12.52
N GLU A 942 11.20 -19.62 12.82
CA GLU A 942 11.17 -20.74 11.89
C GLU A 942 9.73 -21.08 11.56
N VAL A 943 9.47 -21.33 10.28
CA VAL A 943 8.17 -21.82 9.85
C VAL A 943 8.39 -23.19 9.21
N ILE A 944 7.76 -24.21 9.77
CA ILE A 944 7.82 -25.57 9.27
C ILE A 944 6.44 -25.90 8.72
N LEU A 945 6.35 -26.12 7.41
CA LEU A 945 5.10 -26.40 6.76
C LEU A 945 4.73 -27.88 6.89
N LYS A 946 3.45 -28.16 6.67
CA LYS A 946 2.97 -29.53 6.73
C LYS A 946 3.54 -30.33 5.57
N ASN A 947 4.09 -31.51 5.87
CA ASN A 947 4.76 -32.30 4.85
C ASN A 947 3.79 -32.87 3.82
N ALA A 948 2.52 -33.01 4.14
CA ALA A 948 1.54 -33.60 3.25
C ALA A 948 0.78 -32.57 2.43
N ILE A 949 1.20 -31.31 2.48
CA ILE A 949 0.53 -30.25 1.73
C ILE A 949 1.51 -29.67 0.71
N VAL A 950 2.80 -29.71 1.03
CA VAL A 950 3.83 -29.15 0.16
C VAL A 950 4.13 -30.13 -0.95
N TYR A 951 4.01 -29.66 -2.20
CA TYR A 951 4.36 -30.44 -3.38
C TYR A 951 5.74 -30.05 -3.89
N ASN A 952 6.34 -30.96 -4.66
CA ASN A 952 7.70 -30.76 -5.12
C ASN A 952 7.79 -29.58 -6.09
N SER A 953 6.78 -29.42 -6.95
CA SER A 953 6.82 -28.43 -8.01
C SER A 953 6.24 -27.09 -7.61
N MET A 954 6.28 -26.75 -6.33
CA MET A 954 5.88 -25.42 -5.90
C MET A 954 6.98 -24.42 -6.27
N TYR A 955 6.75 -23.16 -5.93
CA TYR A 955 7.70 -22.07 -6.17
C TYR A 955 8.00 -21.87 -7.64
N GLU A 956 7.12 -22.32 -8.52
CA GLU A 956 7.24 -22.05 -9.95
C GLU A 956 6.49 -20.77 -10.32
N ASN A 957 5.28 -20.61 -9.82
CA ASN A 957 4.50 -19.37 -9.95
C ASN A 957 4.00 -19.01 -8.56
N PHE A 958 4.58 -17.98 -7.96
CA PHE A 958 4.23 -17.66 -6.58
C PHE A 958 4.56 -16.21 -6.27
N SER A 959 3.93 -15.70 -5.22
CA SER A 959 4.12 -14.33 -4.79
C SER A 959 4.44 -14.28 -3.30
N THR A 960 5.08 -13.19 -2.90
CA THR A 960 5.42 -12.95 -1.50
C THR A 960 5.21 -11.48 -1.21
N SER A 961 4.83 -11.16 0.02
CA SER A 961 4.62 -9.77 0.37
C SER A 961 4.84 -9.57 1.86
N PHE A 962 5.50 -8.47 2.22
CA PHE A 962 5.73 -8.17 3.62
C PHE A 962 6.05 -6.69 3.78
N TRP A 963 5.75 -6.15 4.95
CA TRP A 963 6.12 -4.79 5.30
C TRP A 963 7.41 -4.84 6.10
N ILE A 964 8.41 -4.06 5.68
CA ILE A 964 9.72 -4.09 6.29
C ILE A 964 10.16 -2.67 6.60
N ARG A 965 10.77 -2.49 7.76
CA ARG A 965 11.38 -1.24 8.19
C ARG A 965 12.85 -1.49 8.49
N ILE A 966 13.72 -0.77 7.81
CA ILE A 966 15.16 -0.95 7.88
C ILE A 966 15.80 0.32 8.42
N PRO A 967 16.41 0.29 9.59
CA PRO A 967 17.03 1.51 10.14
C PRO A 967 18.21 1.96 9.28
N LYS A 968 18.65 3.18 9.55
CA LYS A 968 19.76 3.76 8.80
C LYS A 968 21.05 2.99 9.05
N TYR A 969 21.89 2.94 8.03
CA TYR A 969 23.19 2.26 8.13
C TYR A 969 24.21 3.24 8.68
N PHE A 970 24.81 2.89 9.82
CA PHE A 970 25.71 3.79 10.52
C PHE A 970 27.17 3.39 10.40
N ASN A 971 27.53 2.17 10.72
CA ASN A 971 28.91 1.74 10.63
C ASN A 971 29.32 1.51 9.18
N SER A 972 30.57 1.84 8.88
CA SER A 972 31.12 1.67 7.54
C SER A 972 31.34 0.21 7.17
N ILE A 973 31.20 -0.71 8.13
CA ILE A 973 31.30 -2.13 7.81
C ILE A 973 30.13 -2.57 6.93
N SER A 974 28.99 -1.91 7.07
CA SER A 974 27.78 -2.32 6.35
C SER A 974 27.93 -2.23 4.84
N LEU A 975 28.86 -1.40 4.35
CA LEU A 975 29.04 -1.27 2.91
C LEU A 975 29.55 -2.58 2.31
N ASN A 976 28.96 -2.95 1.17
CA ASN A 976 29.32 -4.18 0.46
C ASN A 976 29.19 -5.40 1.37
N ASN A 977 28.06 -5.51 2.04
CA ASN A 977 27.79 -6.62 2.95
C ASN A 977 26.34 -7.06 2.76
N GLU A 978 26.15 -8.24 2.20
CA GLU A 978 24.82 -8.77 1.93
C GLU A 978 24.48 -9.84 2.95
N TYR A 979 23.38 -9.65 3.67
CA TYR A 979 22.93 -10.60 4.68
C TYR A 979 21.51 -11.04 4.40
N THR A 980 21.27 -12.34 4.46
CA THR A 980 19.94 -12.87 4.23
C THR A 980 19.03 -12.53 5.41
N ILE A 981 17.81 -12.08 5.12
CA ILE A 981 16.82 -11.86 6.16
C ILE A 981 15.66 -12.83 6.07
N ILE A 982 15.41 -13.46 4.92
CA ILE A 982 14.43 -14.53 4.80
C ILE A 982 15.04 -15.62 3.92
N ASN A 983 15.02 -16.86 4.40
CA ASN A 983 15.68 -17.95 3.71
C ASN A 983 14.72 -19.13 3.55
N CYS A 984 14.69 -19.69 2.34
CA CYS A 984 13.92 -20.89 2.05
C CYS A 984 14.70 -21.83 1.15
N MET A 985 16.00 -21.96 1.42
CA MET A 985 16.89 -22.72 0.57
C MET A 985 17.34 -23.98 1.29
N GLU A 986 17.34 -25.10 0.57
CA GLU A 986 17.92 -26.34 1.07
C GLU A 986 18.71 -26.98 -0.05
N ASN A 987 19.87 -27.55 0.30
CA ASN A 987 20.81 -28.11 -0.68
C ASN A 987 21.19 -27.06 -1.73
N ASN A 988 21.41 -25.83 -1.27
CA ASN A 988 21.77 -24.70 -2.13
C ASN A 988 20.79 -24.54 -3.28
N SER A 989 19.52 -24.33 -2.94
CA SER A 989 18.49 -24.17 -3.94
C SER A 989 17.22 -23.56 -3.35
N GLY A 990 16.70 -22.53 -3.97
CA GLY A 990 15.47 -21.90 -3.53
C GLY A 990 15.55 -20.41 -3.66
N TRP A 991 14.69 -19.72 -2.92
CA TRP A 991 14.58 -18.28 -2.96
C TRP A 991 14.95 -17.70 -1.61
N LYS A 992 15.63 -16.56 -1.62
CA LYS A 992 15.97 -15.88 -0.38
C LYS A 992 15.90 -14.37 -0.57
N VAL A 993 15.38 -13.69 0.45
CA VAL A 993 15.32 -12.24 0.48
C VAL A 993 16.46 -11.76 1.37
N SER A 994 17.36 -10.98 0.79
CA SER A 994 18.53 -10.47 1.49
C SER A 994 18.55 -8.94 1.42
N LEU A 995 19.47 -8.36 2.19
CA LEU A 995 19.58 -6.92 2.31
C LEU A 995 21.01 -6.50 2.05
N ASN A 996 21.19 -5.22 1.80
CA ASN A 996 22.53 -4.64 1.65
C ASN A 996 22.41 -3.13 1.84
N TYR A 997 23.53 -2.45 1.73
CA TYR A 997 23.56 -1.02 1.99
C TYR A 997 22.66 -0.30 1.01
N GLY A 998 21.49 0.12 1.47
CA GLY A 998 20.51 0.74 0.61
C GLY A 998 19.99 -0.16 -0.50
N GLU A 999 19.87 -1.47 -0.24
CA GLU A 999 19.41 -2.40 -1.26
C GLU A 999 18.58 -3.50 -0.65
N ILE A 1000 17.50 -3.87 -1.33
CA ILE A 1000 16.71 -5.07 -1.02
C ILE A 1000 16.84 -6.01 -2.21
N ILE A 1001 17.34 -7.22 -1.97
CA ILE A 1001 17.68 -8.15 -3.03
C ILE A 1001 16.81 -9.39 -2.89
N TRP A 1002 16.28 -9.87 -4.01
CA TRP A 1002 15.58 -11.13 -4.09
C TRP A 1002 16.38 -12.08 -4.97
N THR A 1003 16.70 -13.26 -4.45
CA THR A 1003 17.59 -14.18 -5.12
C THR A 1003 16.88 -15.51 -5.35
N LEU A 1004 16.98 -16.03 -6.57
CA LEU A 1004 16.44 -17.33 -6.94
C LEU A 1004 17.58 -18.17 -7.48
N GLN A 1005 17.81 -19.34 -6.89
CA GLN A 1005 18.95 -20.17 -7.26
C GLN A 1005 18.51 -21.61 -7.43
N ASP A 1006 19.06 -22.29 -8.44
CA ASP A 1006 18.74 -23.68 -8.72
C ASP A 1006 19.92 -24.57 -8.34
N THR A 1007 19.74 -25.88 -8.54
CA THR A 1007 20.75 -26.85 -8.15
C THR A 1007 22.04 -26.67 -8.94
N GLN A 1008 21.95 -26.26 -10.20
CA GLN A 1008 23.12 -26.12 -11.06
C GLN A 1008 23.91 -24.85 -10.77
N GLU A 1009 23.68 -24.21 -9.61
CA GLU A 1009 24.36 -23.02 -9.13
C GLU A 1009 24.02 -21.78 -9.93
N ILE A 1010 23.09 -21.84 -10.89
CA ILE A 1010 22.64 -20.64 -11.58
C ILE A 1010 21.87 -19.77 -10.60
N LYS A 1011 22.01 -18.46 -10.76
CA LYS A 1011 21.46 -17.50 -9.82
C LYS A 1011 20.85 -16.33 -10.57
N GLN A 1012 19.68 -15.89 -10.13
CA GLN A 1012 19.05 -14.72 -10.72
C GLN A 1012 18.61 -13.79 -9.59
N ARG A 1013 19.00 -12.52 -9.69
CA ARG A 1013 18.78 -11.55 -8.62
C ARG A 1013 18.00 -10.37 -9.17
N VAL A 1014 17.00 -9.92 -8.40
CA VAL A 1014 16.32 -8.67 -8.68
C VAL A 1014 16.51 -7.76 -7.49
N VAL A 1015 17.00 -6.55 -7.73
CA VAL A 1015 17.39 -5.66 -6.64
C VAL A 1015 16.59 -4.37 -6.73
N PHE A 1016 16.32 -3.80 -5.57
CA PHE A 1016 15.72 -2.47 -5.45
C PHE A 1016 16.69 -1.63 -4.64
N LYS A 1017 17.21 -0.56 -5.26
CA LYS A 1017 18.25 0.27 -4.67
C LYS A 1017 17.70 1.64 -4.35
N TYR A 1018 17.87 2.07 -3.10
CA TYR A 1018 17.50 3.40 -2.67
C TYR A 1018 18.71 4.05 -2.01
N SER A 1019 18.93 5.32 -2.31
CA SER A 1019 20.10 6.03 -1.83
C SER A 1019 19.87 6.58 -0.43
N GLN A 1020 20.97 6.77 0.29
CA GLN A 1020 20.93 7.36 1.63
C GLN A 1020 21.34 8.82 1.65
N MET A 1021 21.90 9.34 0.56
CA MET A 1021 22.35 10.72 0.51
C MET A 1021 21.27 11.57 -0.18
N ILE A 1022 20.21 11.83 0.58
CA ILE A 1022 19.08 12.63 0.12
C ILE A 1022 18.57 13.46 1.29
N ASN A 1023 17.92 14.58 0.96
CA ASN A 1023 17.42 15.47 2.00
C ASN A 1023 16.34 14.78 2.84
N ILE A 1024 15.34 14.20 2.19
CA ILE A 1024 14.28 13.47 2.88
C ILE A 1024 14.03 12.18 2.10
N SER A 1025 14.07 11.06 2.80
CA SER A 1025 13.96 9.75 2.18
C SER A 1025 12.66 9.07 2.58
N ASP A 1026 11.99 8.45 1.62
CA ASP A 1026 10.77 7.71 1.87
C ASP A 1026 11.03 6.23 2.15
N TYR A 1027 12.28 5.81 2.18
CA TYR A 1027 12.61 4.41 2.38
C TYR A 1027 13.64 4.16 3.48
N ILE A 1028 14.10 5.20 4.17
CA ILE A 1028 15.06 5.06 5.26
C ILE A 1028 14.30 5.09 6.57
N ASN A 1029 14.35 3.98 7.32
CA ASN A 1029 13.70 3.87 8.62
C ASN A 1029 12.20 4.14 8.53
N ARG A 1030 11.59 3.81 7.40
CA ARG A 1030 10.15 3.96 7.21
C ARG A 1030 9.58 2.67 6.62
N TRP A 1031 8.36 2.34 7.04
CA TRP A 1031 7.73 1.11 6.59
C TRP A 1031 7.57 1.12 5.08
N ILE A 1032 8.03 0.05 4.43
CA ILE A 1032 7.85 -0.11 2.99
C ILE A 1032 7.26 -1.48 2.72
N PHE A 1033 6.33 -1.54 1.77
CA PHE A 1033 5.58 -2.75 1.46
C PHE A 1033 6.22 -3.41 0.24
N VAL A 1034 7.03 -4.44 0.47
CA VAL A 1034 7.76 -5.12 -0.58
C VAL A 1034 6.97 -6.34 -1.03
N THR A 1035 6.73 -6.45 -2.33
CA THR A 1035 6.09 -7.65 -2.87
C THR A 1035 6.89 -8.14 -4.08
N ILE A 1036 6.94 -9.46 -4.23
CA ILE A 1036 7.75 -10.11 -5.25
C ILE A 1036 6.94 -11.21 -5.90
N THR A 1037 6.81 -11.17 -7.22
CA THR A 1037 6.00 -12.14 -7.96
C THR A 1037 6.89 -12.86 -8.96
N ASN A 1038 6.96 -14.18 -8.86
CA ASN A 1038 7.77 -15.00 -9.76
C ASN A 1038 6.88 -15.85 -10.63
N ASN A 1039 7.10 -15.77 -11.94
CA ASN A 1039 6.53 -16.70 -12.91
C ASN A 1039 7.68 -17.40 -13.61
N ARG A 1040 7.69 -18.73 -13.56
CA ARG A 1040 8.78 -19.47 -14.17
C ARG A 1040 8.82 -19.27 -15.68
N LEU A 1041 7.66 -19.05 -16.30
CA LEU A 1041 7.61 -18.97 -17.75
C LEU A 1041 8.28 -17.71 -18.28
N ASN A 1042 7.95 -16.55 -17.72
CA ASN A 1042 8.32 -15.29 -18.35
C ASN A 1042 9.33 -14.47 -17.53
N ASN A 1043 8.99 -14.09 -16.31
CA ASN A 1043 9.78 -13.10 -15.60
C ASN A 1043 9.55 -13.21 -14.11
N SER A 1044 10.45 -12.60 -13.35
CA SER A 1044 10.29 -12.39 -11.92
C SER A 1044 10.40 -10.89 -11.65
N LYS A 1045 9.41 -10.34 -10.97
CA LYS A 1045 9.32 -8.91 -10.75
C LYS A 1045 9.23 -8.59 -9.25
N ILE A 1046 9.68 -7.39 -8.91
CA ILE A 1046 9.61 -6.88 -7.54
C ILE A 1046 8.98 -5.49 -7.59
N TYR A 1047 7.94 -5.30 -6.77
CA TYR A 1047 7.24 -4.04 -6.60
C TYR A 1047 7.49 -3.52 -5.19
N ILE A 1048 7.71 -2.22 -5.07
CA ILE A 1048 7.87 -1.54 -3.80
C ILE A 1048 6.73 -0.55 -3.67
N ASN A 1049 5.96 -0.68 -2.59
CA ASN A 1049 4.81 0.19 -2.32
C ASN A 1049 3.81 0.16 -3.47
N GLY A 1050 3.58 -1.03 -4.02
CA GLY A 1050 2.55 -1.19 -5.03
C GLY A 1050 2.88 -0.58 -6.39
N ARG A 1051 4.15 -0.32 -6.67
CA ARG A 1051 4.58 0.20 -7.95
C ARG A 1051 5.70 -0.67 -8.49
N LEU A 1052 5.61 -1.06 -9.75
CA LEU A 1052 6.63 -1.91 -10.34
C LEU A 1052 7.98 -1.24 -10.27
N ILE A 1053 8.97 -1.97 -9.75
CA ILE A 1053 10.32 -1.45 -9.56
C ILE A 1053 11.32 -2.17 -10.45
N ASP A 1054 11.30 -3.49 -10.46
CA ASP A 1054 12.28 -4.19 -11.28
C ASP A 1054 11.73 -5.52 -11.75
N GLN A 1055 12.34 -6.05 -12.81
CA GLN A 1055 11.96 -7.35 -13.34
C GLN A 1055 13.12 -7.93 -14.12
N LYS A 1056 13.21 -9.26 -14.11
CA LYS A 1056 14.29 -9.95 -14.81
C LYS A 1056 13.84 -11.35 -15.19
N PRO A 1057 14.29 -11.88 -16.33
CA PRO A 1057 13.90 -13.25 -16.72
C PRO A 1057 14.52 -14.30 -15.81
N ILE A 1058 13.80 -15.40 -15.64
CA ILE A 1058 14.26 -16.51 -14.81
C ILE A 1058 14.10 -17.82 -15.58
N SER A 1059 13.70 -17.72 -16.85
CA SER A 1059 13.41 -18.93 -17.63
C SER A 1059 14.64 -19.80 -17.83
N ASN A 1060 15.85 -19.24 -17.73
CA ASN A 1060 17.06 -20.03 -17.94
C ASN A 1060 17.34 -20.98 -16.78
N LEU A 1061 16.73 -20.76 -15.62
CA LEU A 1061 17.02 -21.57 -14.46
C LEU A 1061 16.54 -23.00 -14.66
N GLY A 1062 17.22 -23.93 -13.99
CA GLY A 1062 16.91 -25.35 -14.14
C GLY A 1062 15.98 -25.89 -13.07
N ASN A 1063 16.54 -26.64 -12.12
CA ASN A 1063 15.77 -27.31 -11.09
C ASN A 1063 15.91 -26.48 -9.81
N ILE A 1064 14.86 -25.74 -9.48
CA ILE A 1064 14.80 -25.02 -8.21
C ILE A 1064 14.01 -25.92 -7.26
N HIS A 1065 14.74 -26.78 -6.55
CA HIS A 1065 14.09 -27.79 -5.72
C HIS A 1065 13.50 -27.13 -4.48
N ALA A 1066 12.23 -27.41 -4.22
CA ALA A 1066 11.50 -26.73 -3.17
C ALA A 1066 12.02 -27.14 -1.80
N SER A 1067 11.77 -26.28 -0.82
CA SER A 1067 12.19 -26.50 0.56
C SER A 1067 10.96 -26.60 1.47
N ASN A 1068 11.22 -26.73 2.76
CA ASN A 1068 10.17 -26.88 3.76
C ASN A 1068 10.27 -25.91 4.92
N ASN A 1069 11.45 -25.42 5.26
CA ASN A 1069 11.62 -24.49 6.36
C ASN A 1069 11.77 -23.08 5.84
N ILE A 1070 11.26 -22.12 6.60
CA ILE A 1070 11.43 -20.70 6.32
C ILE A 1070 12.12 -20.06 7.52
N MET A 1071 13.21 -19.35 7.25
CA MET A 1071 14.11 -18.79 8.26
C MET A 1071 14.00 -17.28 8.26
N PHE A 1072 13.34 -16.71 9.26
CA PHE A 1072 13.38 -15.27 9.50
C PHE A 1072 14.53 -15.02 10.45
N LYS A 1073 15.71 -14.75 9.89
CA LYS A 1073 16.90 -14.56 10.72
C LYS A 1073 17.95 -13.83 9.92
N LEU A 1074 18.61 -12.86 10.56
CA LEU A 1074 19.69 -12.11 9.93
C LEU A 1074 20.96 -12.96 9.97
N ASP A 1075 21.39 -13.43 8.81
CA ASP A 1075 22.53 -14.33 8.69
C ASP A 1075 23.61 -13.68 7.84
N GLY A 1076 24.85 -13.74 8.32
CA GLY A 1076 25.98 -13.20 7.59
C GLY A 1076 26.21 -11.71 7.72
N CYS A 1077 25.44 -11.02 8.56
CA CYS A 1077 25.60 -9.59 8.74
C CYS A 1077 26.79 -9.33 9.67
N ARG A 1078 27.78 -8.60 9.17
CA ARG A 1078 28.96 -8.30 9.97
C ARG A 1078 28.70 -7.19 10.99
N ASP A 1079 27.77 -6.29 10.71
CA ASP A 1079 27.39 -5.29 11.70
C ASP A 1079 26.73 -5.97 12.89
N THR A 1080 27.16 -5.59 14.10
CA THR A 1080 26.75 -6.32 15.29
C THR A 1080 25.43 -5.86 15.89
N HIS A 1081 25.05 -4.60 15.67
CA HIS A 1081 23.80 -4.07 16.22
C HIS A 1081 22.69 -3.98 15.19
N ARG A 1082 22.87 -4.56 14.01
CA ARG A 1082 21.87 -4.47 12.96
C ARG A 1082 20.60 -5.19 13.38
N TYR A 1083 19.46 -4.63 12.98
CA TYR A 1083 18.17 -5.24 13.26
C TYR A 1083 17.16 -4.72 12.25
N ILE A 1084 16.05 -5.44 12.12
CA ILE A 1084 15.00 -5.08 11.17
C ILE A 1084 13.64 -5.24 11.83
N TRP A 1085 12.64 -4.57 11.24
CA TRP A 1085 11.24 -4.79 11.60
C TRP A 1085 10.53 -5.42 10.41
N ILE A 1086 9.79 -6.49 10.66
CA ILE A 1086 9.06 -7.19 9.61
C ILE A 1086 7.66 -7.48 10.13
N LYS A 1087 6.67 -7.35 9.24
CA LYS A 1087 5.29 -7.61 9.64
C LYS A 1087 4.47 -7.95 8.41
N TYR A 1088 3.29 -8.53 8.68
CA TYR A 1088 2.30 -8.86 7.65
C TYR A 1088 2.90 -9.71 6.53
N PHE A 1089 3.70 -10.70 6.90
CA PHE A 1089 4.23 -11.62 5.89
C PHE A 1089 3.10 -12.44 5.28
N ASN A 1090 3.18 -12.65 3.98
CA ASN A 1090 2.16 -13.39 3.25
C ASN A 1090 2.81 -14.06 2.04
N LEU A 1091 2.39 -15.28 1.75
CA LEU A 1091 2.83 -16.02 0.59
C LEU A 1091 1.61 -16.45 -0.22
N PHE A 1092 1.77 -16.49 -1.54
CA PHE A 1092 0.70 -16.85 -2.45
C PHE A 1092 1.22 -17.85 -3.46
N ASP A 1093 0.34 -18.75 -3.88
CA ASP A 1093 0.69 -19.84 -4.79
C ASP A 1093 0.47 -19.49 -6.26
N LYS A 1094 0.24 -18.22 -6.58
CA LYS A 1094 0.03 -17.80 -7.96
C LYS A 1094 0.63 -16.42 -8.16
N GLU A 1095 0.95 -16.11 -9.42
CA GLU A 1095 1.44 -14.78 -9.75
C GLU A 1095 0.36 -13.75 -9.52
N LEU A 1096 0.77 -12.57 -9.04
CA LEU A 1096 -0.14 -11.48 -8.70
C LEU A 1096 0.03 -10.35 -9.70
N ASN A 1097 -1.07 -9.91 -10.29
CA ASN A 1097 -1.03 -8.79 -11.21
C ASN A 1097 -1.00 -7.47 -10.43
N GLU A 1098 -0.90 -6.36 -11.16
CA GLU A 1098 -0.76 -5.06 -10.50
C GLU A 1098 -2.00 -4.69 -9.71
N LYS A 1099 -3.18 -5.05 -10.21
CA LYS A 1099 -4.41 -4.70 -9.50
C LYS A 1099 -4.49 -5.38 -8.14
N GLU A 1100 -4.13 -6.67 -8.08
CA GLU A 1100 -4.16 -7.37 -6.80
C GLU A 1100 -3.10 -6.80 -5.85
N ILE A 1101 -1.95 -6.40 -6.38
CA ILE A 1101 -0.91 -5.81 -5.54
C ILE A 1101 -1.40 -4.50 -4.95
N LYS A 1102 -2.03 -3.65 -5.76
CA LYS A 1102 -2.55 -2.39 -5.25
C LYS A 1102 -3.66 -2.62 -4.23
N ASP A 1103 -4.52 -3.61 -4.47
CA ASP A 1103 -5.57 -3.93 -3.51
C ASP A 1103 -4.97 -4.40 -2.19
N LEU A 1104 -3.92 -5.23 -2.25
CA LEU A 1104 -3.24 -5.65 -1.04
C LEU A 1104 -2.65 -4.47 -0.29
N TYR A 1105 -2.02 -3.55 -1.03
CA TYR A 1105 -1.45 -2.37 -0.40
C TYR A 1105 -2.52 -1.53 0.28
N ASP A 1106 -3.67 -1.36 -0.38
CA ASP A 1106 -4.76 -0.58 0.19
C ASP A 1106 -5.32 -1.25 1.44
N ASN A 1107 -5.50 -2.57 1.40
CA ASN A 1107 -6.10 -3.27 2.54
C ASN A 1107 -5.16 -3.29 3.73
N GLN A 1108 -3.90 -3.64 3.52
CA GLN A 1108 -2.96 -3.79 4.62
C GLN A 1108 -2.49 -2.46 5.19
N SER A 1109 -2.75 -1.35 4.51
CA SER A 1109 -2.27 -0.05 4.98
C SER A 1109 -2.99 0.39 6.26
N ASN A 1110 -4.20 -0.11 6.52
CA ASN A 1110 -4.97 0.25 7.71
C ASN A 1110 -5.21 1.76 7.76
N SER A 1111 -5.99 2.23 6.78
CA SER A 1111 -6.24 3.66 6.63
C SER A 1111 -7.03 4.25 7.79
N GLY A 1112 -7.65 3.42 8.62
CA GLY A 1112 -8.45 3.95 9.70
C GLY A 1112 -7.66 4.62 10.81
N ILE A 1113 -6.33 4.45 10.83
CA ILE A 1113 -5.48 4.95 11.89
C ILE A 1113 -4.46 5.89 11.30
N LEU A 1114 -4.37 7.10 11.85
CA LEU A 1114 -3.36 8.05 11.42
C LEU A 1114 -1.97 7.56 11.79
N LYS A 1115 -0.98 7.91 10.96
CA LYS A 1115 0.36 7.39 11.09
C LYS A 1115 1.38 8.51 11.16
N ASP A 1116 2.44 8.29 11.92
CA ASP A 1116 3.51 9.28 12.06
C ASP A 1116 4.45 9.20 10.86
N PHE A 1117 5.60 9.84 10.96
CA PHE A 1117 6.54 9.87 9.84
C PHE A 1117 7.05 8.48 9.50
N TRP A 1118 7.46 7.71 10.51
CA TRP A 1118 8.06 6.41 10.26
C TRP A 1118 7.06 5.36 9.78
N GLY A 1119 5.78 5.64 9.86
CA GLY A 1119 4.76 4.69 9.47
C GLY A 1119 4.14 3.89 10.58
N ASP A 1120 4.41 4.24 11.84
CA ASP A 1120 3.81 3.56 12.98
C ASP A 1120 2.42 4.13 13.22
N TYR A 1121 1.81 3.77 14.35
CA TYR A 1121 0.49 4.28 14.70
C TYR A 1121 0.64 5.57 15.50
N LEU A 1122 -0.07 6.60 15.09
CA LEU A 1122 -0.06 7.84 15.84
C LEU A 1122 -0.68 7.62 17.21
N GLN A 1123 -0.15 8.30 18.23
CA GLN A 1123 -0.52 8.02 19.61
C GLN A 1123 -0.81 9.31 20.36
N TYR A 1124 -1.63 9.19 21.39
CA TYR A 1124 -1.96 10.31 22.26
C TYR A 1124 -0.85 10.56 23.27
N ASP A 1125 -0.76 11.80 23.73
CA ASP A 1125 0.17 12.19 24.80
C ASP A 1125 1.60 11.80 24.45
N LYS A 1126 2.00 12.05 23.22
CA LYS A 1126 3.36 11.82 22.77
C LYS A 1126 3.82 13.05 22.00
N PRO A 1127 5.03 13.55 22.24
CA PRO A 1127 5.50 14.75 21.54
C PRO A 1127 6.10 14.40 20.19
N TYR A 1128 5.49 14.93 19.12
CA TYR A 1128 5.97 14.75 17.76
C TYR A 1128 6.45 16.08 17.20
N TYR A 1129 7.59 16.06 16.52
CA TYR A 1129 8.00 17.22 15.75
C TYR A 1129 7.16 17.30 14.48
N MET A 1130 6.92 18.52 14.01
CA MET A 1130 6.07 18.75 12.85
C MET A 1130 6.90 18.99 11.61
N LEU A 1131 6.47 18.40 10.49
CA LEU A 1131 7.10 18.67 9.21
C LEU A 1131 6.00 18.89 8.17
N ASN A 1132 6.17 19.90 7.34
CA ASN A 1132 5.19 20.21 6.28
C ASN A 1132 5.68 19.65 4.96
N LEU A 1133 4.81 18.90 4.28
CA LEU A 1133 5.21 18.29 3.01
C LEU A 1133 5.36 19.34 1.91
N TYR A 1134 4.56 20.40 1.96
CA TYR A 1134 4.69 21.45 0.95
C TYR A 1134 6.05 22.13 1.00
N ASP A 1135 6.54 22.41 2.20
CA ASP A 1135 7.84 23.05 2.41
C ASP A 1135 8.62 22.22 3.41
N PRO A 1136 9.22 21.11 2.97
CA PRO A 1136 9.94 20.22 3.89
C PRO A 1136 11.29 20.74 4.34
N ASN A 1137 11.72 21.91 3.87
CA ASN A 1137 13.02 22.46 4.23
C ASN A 1137 12.94 23.47 5.36
N LYS A 1138 11.79 23.58 6.01
CA LYS A 1138 11.62 24.54 7.11
C LYS A 1138 10.81 23.90 8.22
N TYR A 1139 11.04 24.37 9.44
CA TYR A 1139 10.42 23.79 10.63
C TYR A 1139 9.57 24.83 11.33
N VAL A 1140 8.66 24.33 12.18
CA VAL A 1140 7.71 25.19 12.88
C VAL A 1140 8.37 25.74 14.14
N ASP A 1141 8.27 27.05 14.32
CA ASP A 1141 8.79 27.72 15.51
C ASP A 1141 7.73 28.68 16.04
N VAL A 1142 7.85 28.99 17.33
CA VAL A 1142 6.86 29.79 18.02
C VAL A 1142 7.42 31.20 18.20
N ASN A 1143 6.53 32.16 18.48
CA ASN A 1143 6.93 33.56 18.57
C ASN A 1143 6.06 34.21 19.63
N ASN A 1144 6.62 34.41 20.83
CA ASN A 1144 5.98 35.16 21.92
C ASN A 1144 4.61 34.56 22.27
N VAL A 1145 4.66 33.36 22.85
CA VAL A 1145 3.47 32.62 23.27
C VAL A 1145 2.48 33.54 23.97
N GLY A 1146 1.20 33.41 23.61
CA GLY A 1146 0.16 34.29 24.08
C GLY A 1146 -0.73 34.69 22.92
N ILE A 1147 -1.64 35.63 23.18
CA ILE A 1147 -2.55 36.09 22.13
C ILE A 1147 -1.78 36.85 21.06
N ARG A 1148 -0.82 37.68 21.46
CA ARG A 1148 -0.14 38.56 20.52
C ARG A 1148 1.01 37.89 19.77
N GLY A 1149 1.35 36.65 20.10
CA GLY A 1149 2.33 35.89 19.36
C GLY A 1149 1.70 35.08 18.25
N TYR A 1150 2.49 34.19 17.68
CA TYR A 1150 2.00 33.30 16.63
C TYR A 1150 3.02 32.17 16.45
N MET A 1151 2.85 31.40 15.39
CA MET A 1151 3.82 30.39 15.01
C MET A 1151 4.08 30.48 13.52
N TYR A 1152 5.33 30.32 13.12
CA TYR A 1152 5.72 30.44 11.74
C TYR A 1152 6.64 29.30 11.36
N LEU A 1153 7.11 29.31 10.12
CA LEU A 1153 8.00 28.27 9.61
C LEU A 1153 9.29 28.92 9.12
N LYS A 1154 10.41 28.47 9.68
CA LYS A 1154 11.71 29.01 9.33
C LYS A 1154 12.67 27.87 9.04
N GLY A 1155 13.59 28.10 8.10
CA GLY A 1155 14.56 27.12 7.73
C GLY A 1155 15.94 27.73 7.58
N PRO A 1156 16.89 26.95 7.04
CA PRO A 1156 16.77 25.55 6.63
C PRO A 1156 16.79 24.61 7.85
N ARG A 1157 16.40 23.35 7.66
CA ARG A 1157 16.37 22.41 8.78
C ARG A 1157 17.77 22.16 9.33
N GLY A 1158 18.75 21.97 8.46
CA GLY A 1158 20.10 21.68 8.87
C GLY A 1158 20.63 20.49 8.09
N SER A 1159 21.60 19.80 8.68
CA SER A 1159 22.23 18.67 8.03
C SER A 1159 22.79 17.72 9.07
N VAL A 1160 22.58 16.42 8.85
CA VAL A 1160 23.15 15.36 9.66
C VAL A 1160 23.95 14.46 8.73
N MET A 1161 25.24 14.34 8.97
CA MET A 1161 26.14 13.72 8.02
C MET A 1161 27.08 12.74 8.70
N THR A 1162 27.47 11.72 7.93
CA THR A 1162 28.56 10.82 8.26
C THR A 1162 29.29 10.57 6.96
N THR A 1163 30.53 11.05 6.86
CA THR A 1163 31.24 11.06 5.59
C THR A 1163 31.34 9.66 5.01
N ASN A 1164 31.04 9.53 3.72
CA ASN A 1164 31.07 8.29 2.95
C ASN A 1164 29.94 7.34 3.33
N ILE A 1165 29.02 7.76 4.19
CA ILE A 1165 27.92 6.89 4.58
C ILE A 1165 26.57 7.55 4.28
N TYR A 1166 26.31 8.71 4.88
CA TYR A 1166 25.01 9.33 4.65
C TYR A 1166 25.07 10.84 4.86
N LEU A 1167 24.07 11.52 4.32
CA LEU A 1167 23.92 12.97 4.50
C LEU A 1167 22.43 13.28 4.32
N ASN A 1168 21.71 13.42 5.43
CA ASN A 1168 20.28 13.66 5.39
C ASN A 1168 19.94 14.86 6.24
N SER A 1169 18.94 15.61 5.80
CA SER A 1169 18.51 16.79 6.54
C SER A 1169 17.96 16.39 7.90
N SER A 1170 18.31 17.16 8.93
CA SER A 1170 17.86 16.87 10.27
C SER A 1170 16.36 17.06 10.39
N LEU A 1171 15.72 16.22 11.21
CA LEU A 1171 14.27 16.26 11.39
C LEU A 1171 13.84 16.69 12.78
N TYR A 1172 14.60 16.36 13.82
CA TYR A 1172 14.22 16.69 15.20
C TYR A 1172 14.44 18.18 15.45
N ARG A 1173 13.65 18.99 14.77
CA ARG A 1173 13.76 20.44 14.86
C ARG A 1173 12.40 21.07 15.11
N GLY A 1174 12.41 22.21 15.79
CA GLY A 1174 11.20 22.97 16.00
C GLY A 1174 10.52 22.64 17.31
N ALA A 1175 9.30 23.17 17.43
CA ALA A 1175 8.49 22.99 18.63
C ALA A 1175 7.65 21.72 18.49
N LYS A 1176 7.68 20.89 19.52
CA LYS A 1176 7.03 19.59 19.46
C LYS A 1176 5.54 19.71 19.74
N PHE A 1177 4.75 18.95 18.97
CA PHE A 1177 3.30 18.93 19.11
C PHE A 1177 2.90 17.66 19.83
N ILE A 1178 1.98 17.79 20.79
CA ILE A 1178 1.42 16.63 21.47
C ILE A 1178 -0.09 16.69 21.32
N ILE A 1179 -0.72 15.52 21.34
CA ILE A 1179 -2.14 15.37 21.07
C ILE A 1179 -2.82 14.87 22.34
N LYS A 1180 -3.65 15.72 22.93
CA LYS A 1180 -4.33 15.35 24.19
C LYS A 1180 -5.74 14.94 23.81
N LYS A 1181 -6.32 13.91 24.44
CA LYS A 1181 -7.66 13.43 24.02
C LYS A 1181 -8.71 14.50 24.32
N TYR A 1182 -9.88 14.42 23.69
CA TYR A 1182 -10.98 15.36 24.03
C TYR A 1182 -12.26 14.58 24.18
N ALA A 1183 -12.58 13.73 23.19
CA ALA A 1183 -13.85 13.04 23.20
C ALA A 1183 -13.73 11.59 22.73
N SER A 1184 -12.54 11.01 22.77
CA SER A 1184 -12.35 9.63 22.35
C SER A 1184 -12.73 8.69 23.50
N GLY A 1185 -13.77 7.88 23.28
CA GLY A 1185 -14.19 6.94 24.30
C GLY A 1185 -13.32 5.71 24.43
N ASN A 1186 -12.49 5.43 23.42
CA ASN A 1186 -11.59 4.29 23.49
C ASN A 1186 -10.53 4.53 24.57
N LYS A 1187 -10.29 3.50 25.38
CA LYS A 1187 -9.35 3.63 26.49
C LYS A 1187 -7.89 3.58 26.06
N ASP A 1188 -7.60 3.07 24.86
CA ASP A 1188 -6.23 3.07 24.38
C ASP A 1188 -5.86 4.45 23.85
N ASN A 1189 -4.55 4.70 23.78
CA ASN A 1189 -4.03 5.99 23.37
C ASN A 1189 -3.83 6.10 21.86
N ILE A 1190 -4.38 5.16 21.09
CA ILE A 1190 -4.26 5.18 19.64
C ILE A 1190 -5.34 6.11 19.07
N VAL A 1191 -4.92 7.05 18.24
CA VAL A 1191 -5.85 7.97 17.58
C VAL A 1191 -6.33 7.33 16.29
N ARG A 1192 -7.55 7.66 15.89
CA ARG A 1192 -8.17 7.10 14.70
C ARG A 1192 -8.78 8.23 13.87
N ASN A 1193 -9.33 7.86 12.71
CA ASN A 1193 -9.90 8.83 11.80
C ASN A 1193 -11.09 9.55 12.43
N ASN A 1194 -11.22 10.82 12.05
CA ASN A 1194 -12.34 11.68 12.51
C ASN A 1194 -12.38 11.83 14.03
N ASP A 1195 -11.28 11.51 14.73
CA ASP A 1195 -11.26 11.76 16.19
C ASP A 1195 -11.25 13.26 16.43
N ARG A 1196 -11.72 13.72 17.58
CA ARG A 1196 -11.61 15.16 17.90
C ARG A 1196 -10.50 15.26 18.94
N VAL A 1197 -9.55 16.16 18.79
CA VAL A 1197 -8.40 16.14 19.74
C VAL A 1197 -7.95 17.55 20.07
N TYR A 1198 -7.24 17.71 21.18
CA TYR A 1198 -6.60 18.98 21.46
C TYR A 1198 -5.13 18.90 21.07
N ILE A 1199 -4.55 20.03 20.68
CA ILE A 1199 -3.15 20.10 20.28
C ILE A 1199 -2.43 21.01 21.26
N ASN A 1200 -1.31 20.53 21.80
CA ASN A 1200 -0.46 21.32 22.66
C ASN A 1200 0.91 21.49 22.02
N VAL A 1201 1.47 22.69 22.11
CA VAL A 1201 2.80 22.98 21.62
C VAL A 1201 3.70 23.25 22.82
N VAL A 1202 4.91 22.70 22.78
CA VAL A 1202 5.85 22.84 23.88
C VAL A 1202 6.81 23.97 23.57
N VAL A 1203 6.90 24.93 24.50
CA VAL A 1203 7.87 26.02 24.44
C VAL A 1203 8.53 26.09 25.80
N LYS A 1204 9.86 26.00 25.82
CA LYS A 1204 10.63 26.03 27.06
C LYS A 1204 10.12 24.99 28.06
N ASN A 1205 9.87 23.78 27.55
CA ASN A 1205 9.35 22.67 28.35
C ASN A 1205 8.05 23.05 29.08
N LYS A 1206 7.24 23.90 28.45
CA LYS A 1206 5.93 24.25 29.00
C LYS A 1206 4.91 24.16 27.88
N GLU A 1207 3.72 23.66 28.21
CA GLU A 1207 2.71 23.35 27.22
C GLU A 1207 1.75 24.52 27.04
N TYR A 1208 1.43 24.82 25.78
CA TYR A 1208 0.49 25.86 25.42
C TYR A 1208 -0.54 25.29 24.47
N ARG A 1209 -1.83 25.55 24.75
CA ARG A 1209 -2.89 25.07 23.90
C ARG A 1209 -2.87 25.80 22.56
N LEU A 1210 -3.13 25.07 21.49
CA LEU A 1210 -3.08 25.57 20.12
C LEU A 1210 -4.44 26.14 19.74
N ALA A 1211 -4.61 27.45 19.88
CA ALA A 1211 -5.91 28.05 19.70
C ALA A 1211 -5.80 29.32 18.87
N THR A 1212 -6.95 29.84 18.47
CA THR A 1212 -7.02 31.05 17.67
C THR A 1212 -8.36 31.73 17.90
N ASN A 1213 -8.42 33.00 17.56
CA ASN A 1213 -9.66 33.77 17.58
C ASN A 1213 -10.16 33.91 16.15
N ALA A 1214 -11.37 33.43 15.90
CA ALA A 1214 -11.89 33.35 14.53
C ALA A 1214 -12.61 34.61 14.07
N SER A 1215 -12.65 35.66 14.88
CA SER A 1215 -13.37 36.87 14.52
C SER A 1215 -12.52 37.88 13.75
N GLN A 1216 -11.22 37.63 13.62
CA GLN A 1216 -10.37 38.57 12.90
C GLN A 1216 -10.72 38.60 11.42
N ALA A 1217 -10.55 39.77 10.81
CA ALA A 1217 -10.95 39.97 9.43
C ALA A 1217 -10.12 39.12 8.49
N GLY A 1218 -10.72 38.79 7.35
CA GLY A 1218 -10.07 37.96 6.35
C GLY A 1218 -10.32 36.48 6.57
N VAL A 1219 -10.17 35.71 5.49
CA VAL A 1219 -10.38 34.28 5.57
C VAL A 1219 -9.32 33.63 6.44
N GLU A 1220 -8.09 34.14 6.40
CA GLU A 1220 -7.00 33.55 7.16
C GLU A 1220 -7.18 33.77 8.65
N LYS A 1221 -7.02 32.69 9.42
CA LYS A 1221 -7.11 32.74 10.87
C LYS A 1221 -5.78 32.27 11.43
N ILE A 1222 -4.91 33.21 11.79
CA ILE A 1222 -3.57 32.88 12.25
C ILE A 1222 -3.64 32.15 13.58
N LEU A 1223 -2.92 31.04 13.67
CA LEU A 1223 -2.91 30.24 14.90
C LEU A 1223 -2.00 30.87 15.94
N SER A 1224 -2.25 30.50 17.20
CA SER A 1224 -1.50 31.03 18.32
C SER A 1224 -1.40 29.97 19.41
N ALA A 1225 -0.48 30.19 20.34
CA ALA A 1225 -0.30 29.34 21.50
C ALA A 1225 -0.67 30.12 22.75
N LEU A 1226 -1.58 29.57 23.55
CA LEU A 1226 -2.07 30.27 24.74
C LEU A 1226 -1.92 29.38 25.96
N GLU A 1227 -1.68 30.01 27.11
CA GLU A 1227 -1.57 29.28 28.35
C GLU A 1227 -2.83 28.47 28.61
N ILE A 1228 -2.66 27.23 29.03
CA ILE A 1228 -3.74 26.25 29.14
C ILE A 1228 -4.92 26.81 29.94
N PRO A 1229 -4.71 27.55 31.03
CA PRO A 1229 -5.82 28.31 31.60
C PRO A 1229 -6.19 29.52 30.74
N ASP A 1230 -6.62 29.27 29.51
CA ASP A 1230 -7.03 30.30 28.57
C ASP A 1230 -8.55 30.48 28.63
N VAL A 1231 -9.07 31.24 27.67
CA VAL A 1231 -10.51 31.43 27.53
C VAL A 1231 -11.05 30.36 26.59
N GLY A 1232 -12.06 29.61 27.07
CA GLY A 1232 -12.65 28.57 26.26
C GLY A 1232 -13.41 29.07 25.04
N ASN A 1233 -13.67 30.38 24.96
CA ASN A 1233 -14.36 30.94 23.81
C ASN A 1233 -13.56 30.82 22.53
N LEU A 1234 -12.24 30.65 22.62
CA LEU A 1234 -11.40 30.57 21.43
C LEU A 1234 -11.44 29.16 20.85
N SER A 1235 -11.51 29.09 19.51
CA SER A 1235 -11.61 27.82 18.82
C SER A 1235 -10.33 27.02 19.02
N GLN A 1236 -10.45 25.82 19.60
CA GLN A 1236 -9.30 25.00 19.88
C GLN A 1236 -9.45 23.53 19.52
N VAL A 1237 -10.67 23.01 19.42
CA VAL A 1237 -10.87 21.59 19.17
C VAL A 1237 -10.50 21.27 17.72
N VAL A 1238 -9.65 20.27 17.53
CA VAL A 1238 -9.12 19.91 16.22
C VAL A 1238 -9.60 18.51 15.88
N VAL A 1239 -10.24 18.36 14.73
CA VAL A 1239 -10.65 17.04 14.26
C VAL A 1239 -9.58 16.54 13.29
N MET A 1240 -9.02 15.37 13.58
CA MET A 1240 -7.98 14.77 12.78
C MET A 1240 -8.61 13.82 11.76
N LYS A 1241 -8.16 13.93 10.51
CA LYS A 1241 -8.65 13.11 9.42
C LYS A 1241 -7.48 12.52 8.65
N SER A 1242 -7.70 11.33 8.09
CA SER A 1242 -6.71 10.67 7.25
C SER A 1242 -7.29 10.14 5.95
N LYS A 1243 -8.56 10.45 5.66
CA LYS A 1243 -9.21 10.00 4.44
C LYS A 1243 -9.98 11.15 3.81
N ASN A 1244 -10.19 11.06 2.50
CA ASN A 1244 -10.93 12.08 1.77
C ASN A 1244 -12.42 11.76 1.72
N ILE A 1248 -9.71 7.22 -0.66
CA ILE A 1248 -8.39 7.77 -0.94
C ILE A 1248 -7.87 8.51 0.30
N THR A 1249 -6.62 8.23 0.66
CA THR A 1249 -6.00 8.76 1.86
C THR A 1249 -4.94 9.80 1.50
N ASN A 1250 -4.96 10.93 2.18
CA ASN A 1250 -3.99 12.00 1.95
C ASN A 1250 -3.34 12.35 3.29
N LYS A 1251 -2.28 11.61 3.63
CA LYS A 1251 -1.46 11.86 4.82
C LYS A 1251 -2.31 12.03 6.08
N CYS A 1252 -1.94 12.99 6.92
CA CYS A 1252 -2.63 13.26 8.17
C CYS A 1252 -2.94 14.74 8.25
N LYS A 1253 -4.23 15.08 8.25
CA LYS A 1253 -4.64 16.47 8.21
C LYS A 1253 -5.43 16.83 9.47
N MET A 1254 -5.29 18.08 9.89
CA MET A 1254 -5.98 18.62 11.04
C MET A 1254 -6.97 19.66 10.58
N ASN A 1255 -8.15 19.67 11.20
CA ASN A 1255 -9.20 20.61 10.84
C ASN A 1255 -9.65 21.32 12.12
N LEU A 1256 -9.35 22.60 12.22
CA LEU A 1256 -9.82 23.41 13.33
C LEU A 1256 -11.32 23.61 13.20
N GLN A 1257 -12.03 23.37 14.31
CA GLN A 1257 -13.48 23.54 14.38
C GLN A 1257 -13.82 24.55 15.47
N ASP A 1258 -14.88 25.31 15.23
CA ASP A 1258 -15.38 26.20 16.25
C ASP A 1258 -16.06 25.40 17.37
N ASN A 1259 -16.35 26.08 18.48
CA ASN A 1259 -17.02 25.42 19.58
C ASN A 1259 -18.46 25.05 19.25
N ASN A 1260 -19.05 25.66 18.23
CA ASN A 1260 -20.44 25.42 17.86
C ASN A 1260 -20.60 24.43 16.72
N GLY A 1261 -19.50 23.78 16.30
CA GLY A 1261 -19.55 22.82 15.23
C GLY A 1261 -19.23 23.38 13.86
N ASN A 1262 -19.18 24.70 13.70
CA ASN A 1262 -18.78 25.28 12.44
C ASN A 1262 -17.30 24.99 12.17
N ASP A 1263 -16.98 24.74 10.90
CA ASP A 1263 -15.64 24.37 10.50
C ASP A 1263 -14.81 25.63 10.26
N ILE A 1264 -13.86 25.90 11.15
CA ILE A 1264 -12.92 26.99 10.89
C ILE A 1264 -12.06 26.69 9.68
N GLY A 1265 -11.59 25.45 9.57
CA GLY A 1265 -10.91 25.04 8.36
C GLY A 1265 -9.67 24.20 8.57
N PHE A 1266 -9.02 23.78 7.49
CA PHE A 1266 -7.85 22.94 7.62
C PHE A 1266 -6.66 23.75 8.10
N ILE A 1267 -5.84 23.14 8.96
CA ILE A 1267 -4.60 23.76 9.37
C ILE A 1267 -3.62 23.80 8.19
N GLY A 1268 -2.74 24.80 8.21
CA GLY A 1268 -1.80 24.97 7.13
C GLY A 1268 -1.01 26.24 7.36
N PHE A 1269 -0.31 26.68 6.32
CA PHE A 1269 0.53 27.87 6.45
C PHE A 1269 0.22 28.86 5.34
N HIS A 1270 0.16 30.15 5.68
CA HIS A 1270 -0.02 31.22 4.73
C HIS A 1270 1.14 32.20 4.87
N GLN A 1271 1.65 32.67 3.74
CA GLN A 1271 2.75 33.63 3.74
C GLN A 1271 2.25 35.02 4.10
N PHE A 1272 1.61 35.14 5.27
CA PHE A 1272 1.09 36.43 5.71
C PHE A 1272 2.24 37.41 5.85
N ASN A 1273 2.35 38.34 4.90
CA ASN A 1273 3.53 39.18 4.77
C ASN A 1273 4.80 38.32 4.75
N ASN A 1274 5.94 38.94 5.06
CA ASN A 1274 7.24 38.25 5.05
C ASN A 1274 7.23 36.96 5.86
N ILE A 1275 6.69 37.00 7.07
CA ILE A 1275 6.73 35.86 7.98
C ILE A 1275 5.65 34.86 7.54
N ALA A 1276 6.01 33.60 7.28
CA ALA A 1276 5.07 32.58 6.86
C ALA A 1276 4.40 31.98 8.08
N LYS A 1277 3.23 32.50 8.44
CA LYS A 1277 2.55 32.11 9.66
C LYS A 1277 1.73 30.84 9.43
N LEU A 1278 1.26 30.26 10.54
CA LEU A 1278 0.34 29.14 10.49
C LEU A 1278 -1.08 29.65 10.62
N VAL A 1279 -1.98 29.12 9.79
CA VAL A 1279 -3.36 29.57 9.73
C VAL A 1279 -4.29 28.37 9.60
N ALA A 1280 -5.50 28.54 10.10
CA ALA A 1280 -6.59 27.61 9.85
C ALA A 1280 -7.41 28.23 8.72
N SER A 1281 -7.22 27.71 7.51
CA SER A 1281 -7.80 28.30 6.31
C SER A 1281 -8.90 27.39 5.76
N ASN A 1282 -9.96 28.03 5.25
CA ASN A 1282 -11.02 27.29 4.58
C ASN A 1282 -10.77 27.10 3.09
N TRP A 1283 -9.73 27.74 2.55
CA TRP A 1283 -9.32 27.46 1.18
C TRP A 1283 -8.88 26.00 1.03
N TYR A 1284 -8.13 25.50 2.01
CA TYR A 1284 -7.68 24.11 1.97
C TYR A 1284 -8.85 23.15 2.03
N ASN A 1285 -10.00 23.57 2.57
CA ASN A 1285 -11.18 22.72 2.58
C ASN A 1285 -11.82 22.60 1.20
N ARG A 1286 -11.39 23.37 0.23
CA ARG A 1286 -11.97 23.40 -1.11
C ARG A 1286 -11.08 22.69 -2.13
N GLN A 1287 -10.49 21.56 -1.73
CA GLN A 1287 -9.65 20.76 -2.61
C GLN A 1287 -10.36 20.40 -3.92
N LEU A 1295 -1.94 22.16 -1.88
CA LEU A 1295 -1.30 21.48 -0.77
C LEU A 1295 -1.04 22.44 0.39
N GLY A 1296 -0.16 22.04 1.30
CA GLY A 1296 0.10 22.79 2.50
C GLY A 1296 -0.76 22.41 3.68
N CYS A 1297 -1.77 21.56 3.48
CA CYS A 1297 -2.60 21.06 4.55
C CYS A 1297 -2.25 19.63 4.95
N SER A 1298 -1.13 19.10 4.46
CA SER A 1298 -0.67 17.77 4.80
C SER A 1298 0.57 17.88 5.69
N TRP A 1299 0.57 17.14 6.80
CA TRP A 1299 1.62 17.25 7.79
C TRP A 1299 2.19 15.87 8.09
N GLU A 1300 3.37 15.86 8.70
CA GLU A 1300 4.04 14.64 9.10
C GLU A 1300 4.51 14.81 10.54
N PHE A 1301 4.25 13.79 11.36
CA PHE A 1301 4.65 13.77 12.75
C PHE A 1301 5.89 12.90 12.88
N ILE A 1302 6.98 13.49 13.34
CA ILE A 1302 8.25 12.80 13.49
C ILE A 1302 8.53 12.60 14.98
N PRO A 1303 8.37 11.40 15.52
CA PRO A 1303 8.76 11.15 16.91
C PRO A 1303 10.21 10.70 17.00
N VAL A 1304 10.76 10.85 18.20
CA VAL A 1304 12.14 10.45 18.45
C VAL A 1304 12.25 8.94 18.33
N ASP A 1305 13.06 8.47 17.40
CA ASP A 1305 13.22 7.04 17.14
C ASP A 1305 14.69 6.65 17.25
N ASP A 1306 14.92 5.42 17.68
CA ASP A 1306 16.28 4.91 17.87
C ASP A 1306 16.88 4.34 16.59
N GLY A 1307 16.16 4.39 15.48
CA GLY A 1307 16.70 3.93 14.21
C GLY A 1307 17.19 5.08 13.35
N TRP A 1308 16.89 6.31 13.75
CA TRP A 1308 17.31 7.48 13.00
C TRP A 1308 18.70 7.95 13.41
N GLY A 1309 19.01 7.91 14.70
CA GLY A 1309 20.35 8.19 15.17
C GLY A 1309 20.72 9.65 15.33
N GLU A 1310 19.78 10.57 15.10
CA GLU A 1310 20.04 11.97 15.34
C GLU A 1310 19.83 12.29 16.83
N ARG A 1311 20.74 13.10 17.38
CA ARG A 1311 20.65 13.47 18.78
C ARG A 1311 19.83 14.75 18.92
N PRO A 1312 18.71 14.72 19.64
CA PRO A 1312 17.88 15.93 19.81
C PRO A 1312 18.52 16.93 20.79
N LEU A 1313 19.36 17.80 20.24
CA LEU A 1313 20.04 18.82 21.04
C LEU A 1313 19.05 19.75 21.73
N ALA B 92 55.18 85.39 -35.24
CA ALA B 92 55.25 84.95 -33.85
C ALA B 92 55.80 86.05 -32.96
N HIS B 93 56.60 86.95 -33.54
CA HIS B 93 57.19 88.03 -32.77
C HIS B 93 56.12 88.99 -32.26
N GLN B 94 55.18 89.37 -33.13
CA GLN B 94 54.14 90.31 -32.71
C GLN B 94 53.21 89.68 -31.67
N TYR B 95 52.87 88.40 -31.85
CA TYR B 95 52.05 87.70 -30.86
C TYR B 95 52.79 87.61 -29.53
N GLU B 96 54.08 87.30 -29.56
CA GLU B 96 54.84 87.22 -28.33
C GLU B 96 54.91 88.58 -27.64
N THR B 97 55.09 89.65 -28.42
CA THR B 97 55.15 90.98 -27.86
C THR B 97 53.83 91.39 -27.22
N ILE B 98 52.71 91.11 -27.89
CA ILE B 98 51.42 91.49 -27.32
C ILE B 98 51.11 90.63 -26.09
N MET B 99 51.51 89.37 -26.09
CA MET B 99 51.32 88.54 -24.90
C MET B 99 52.18 89.04 -23.75
N ASP B 100 53.40 89.50 -24.05
CA ASP B 100 54.25 90.08 -23.02
C ASP B 100 53.62 91.35 -22.44
N GLU B 101 53.07 92.20 -23.31
CA GLU B 101 52.41 93.41 -22.84
C GLU B 101 51.17 93.09 -22.02
N CYS B 102 50.48 92.00 -22.34
CA CYS B 102 49.30 91.61 -21.57
C CYS B 102 49.66 91.34 -20.11
N GLY B 103 50.76 90.64 -19.88
CA GLY B 103 51.23 90.40 -18.53
C GLY B 103 50.43 89.32 -17.81
N HIS B 104 50.69 89.21 -16.52
CA HIS B 104 50.07 88.20 -15.67
C HIS B 104 49.11 88.87 -14.69
N GLY B 105 47.88 88.36 -14.63
CA GLY B 105 46.88 88.96 -13.77
C GLY B 105 45.73 88.04 -13.39
N ARG B 106 44.52 88.59 -13.37
CA ARG B 106 43.35 87.84 -12.93
C ARG B 106 43.04 86.66 -13.85
N PHE B 107 43.07 86.91 -15.16
CA PHE B 107 42.57 85.93 -16.12
C PHE B 107 43.41 84.66 -16.11
N GLN B 108 44.74 84.81 -16.15
CA GLN B 108 45.59 83.63 -16.17
C GLN B 108 45.48 82.83 -14.88
N TRP B 109 45.24 83.50 -13.75
CA TRP B 109 45.04 82.77 -12.50
C TRP B 109 43.73 81.99 -12.51
N ILE B 110 42.66 82.60 -13.01
CA ILE B 110 41.38 81.90 -13.07
C ILE B 110 41.50 80.68 -13.98
N LEU B 111 42.14 80.86 -15.15
CA LEU B 111 42.37 79.74 -16.05
C LEU B 111 43.25 78.67 -15.39
N PHE B 112 44.25 79.10 -14.62
CA PHE B 112 45.12 78.15 -13.95
C PHE B 112 44.34 77.29 -12.98
N PHE B 113 43.38 77.88 -12.26
CA PHE B 113 42.54 77.09 -11.37
C PHE B 113 41.65 76.13 -12.14
N VAL B 114 40.98 76.62 -13.19
CA VAL B 114 40.07 75.75 -13.94
C VAL B 114 40.80 74.69 -14.74
N LEU B 115 42.12 74.78 -14.86
CA LEU B 115 42.92 73.71 -15.46
C LEU B 115 43.54 72.79 -14.42
N GLY B 116 43.93 73.34 -13.28
CA GLY B 116 44.32 72.49 -12.17
C GLY B 116 43.22 71.57 -11.72
N LEU B 117 41.96 71.95 -11.99
CA LEU B 117 40.86 71.02 -11.76
C LEU B 117 41.02 69.76 -12.61
N ALA B 118 41.32 69.93 -13.90
CA ALA B 118 41.50 68.77 -14.77
C ALA B 118 42.74 67.96 -14.36
N LEU B 119 43.80 68.64 -13.94
CA LEU B 119 44.97 67.91 -13.46
C LEU B 119 44.65 67.12 -12.20
N MET B 120 43.82 67.69 -11.32
CA MET B 120 43.31 66.93 -10.19
C MET B 120 42.54 65.70 -10.64
N ALA B 121 41.73 65.84 -11.69
CA ALA B 121 40.99 64.69 -12.21
C ALA B 121 41.97 63.61 -12.68
N ASP B 122 43.04 64.00 -13.36
CA ASP B 122 44.04 63.02 -13.79
C ASP B 122 44.67 62.32 -12.58
N GLY B 123 44.99 63.08 -11.54
CA GLY B 123 45.58 62.49 -10.35
C GLY B 123 44.66 61.49 -9.69
N VAL B 124 43.38 61.86 -9.52
CA VAL B 124 42.44 60.94 -8.91
C VAL B 124 42.18 59.73 -9.78
N GLU B 125 42.29 59.87 -11.11
CA GLU B 125 42.20 58.68 -11.96
C GLU B 125 43.37 57.74 -11.72
N VAL B 126 44.59 58.29 -11.63
CA VAL B 126 45.75 57.44 -11.35
C VAL B 126 45.58 56.72 -10.03
N PHE B 127 45.10 57.44 -9.00
CA PHE B 127 44.87 56.79 -7.70
C PHE B 127 43.82 55.69 -7.81
N VAL B 128 42.66 56.00 -8.39
CA VAL B 128 41.57 55.04 -8.41
C VAL B 128 41.91 53.84 -9.29
N VAL B 129 42.90 53.96 -10.17
CA VAL B 129 43.34 52.81 -10.95
C VAL B 129 44.43 52.01 -10.26
N SER B 130 45.29 52.66 -9.46
CA SER B 130 46.44 51.97 -8.90
C SER B 130 46.27 51.51 -7.47
N PHE B 131 45.33 52.07 -6.70
CA PHE B 131 45.17 51.68 -5.30
C PHE B 131 43.73 51.42 -4.92
N ALA B 132 42.77 51.55 -5.83
CA ALA B 132 41.36 51.30 -5.51
C ALA B 132 40.86 50.05 -6.20
N LEU B 133 40.98 49.96 -7.52
CA LEU B 133 40.63 48.75 -8.25
C LEU B 133 41.49 47.56 -7.79
N PRO B 134 42.81 47.69 -7.67
CA PRO B 134 43.61 46.53 -7.23
C PRO B 134 43.28 46.05 -5.84
N SER B 135 42.62 46.89 -5.03
CA SER B 135 42.19 46.46 -3.68
C SER B 135 40.69 46.13 -3.72
N ALA B 136 40.02 46.44 -4.83
CA ALA B 136 38.58 46.13 -4.98
C ALA B 136 38.40 44.65 -5.31
N GLU B 137 39.33 44.07 -6.07
CA GLU B 137 39.22 42.65 -6.51
C GLU B 137 39.58 41.73 -5.34
N LYS B 138 39.84 42.29 -4.17
CA LYS B 138 40.25 41.48 -2.99
C LYS B 138 39.07 40.67 -2.47
N ASP B 139 39.33 39.68 -1.59
CA ASP B 139 38.25 38.83 -1.06
C ASP B 139 37.91 39.27 0.37
N MET B 140 36.87 40.08 0.52
CA MET B 140 36.49 40.62 1.84
C MET B 140 36.41 39.45 2.82
N CYS B 141 35.91 38.30 2.35
CA CYS B 141 35.75 37.12 3.23
C CYS B 141 37.08 36.72 3.85
N LEU B 142 38.13 36.62 3.02
CA LEU B 142 39.47 36.32 3.58
C LEU B 142 39.95 37.54 4.36
N SER B 143 40.04 37.43 5.68
CA SER B 143 40.53 38.54 6.52
C SER B 143 41.93 38.95 6.06
N SER B 144 42.62 38.09 5.29
CA SER B 144 43.95 38.45 4.73
C SER B 144 43.95 38.09 3.24
N SER B 145 44.34 39.03 2.37
CA SER B 145 44.26 38.77 0.90
C SER B 145 45.47 39.34 0.18
N LYS B 146 45.68 38.94 -1.08
CA LYS B 146 46.84 39.42 -1.88
C LYS B 146 46.43 40.65 -2.70
N LYS B 147 47.02 40.83 -3.88
CA LYS B 147 46.71 42.03 -4.71
C LYS B 147 46.70 41.65 -6.19
N GLY B 148 45.55 41.78 -6.86
CA GLY B 148 45.46 41.51 -8.31
C GLY B 148 45.48 42.81 -9.09
N MET B 149 45.72 42.75 -10.41
CA MET B 149 45.85 43.99 -11.21
C MET B 149 44.90 43.94 -12.42
N LEU B 150 43.75 43.30 -12.28
CA LEU B 150 42.82 43.13 -13.44
C LEU B 150 42.44 44.53 -13.96
N GLY B 151 42.04 45.43 -13.07
CA GLY B 151 41.59 46.77 -13.50
C GLY B 151 42.66 47.51 -14.29
N MET B 152 43.93 47.22 -14.04
CA MET B 152 45.05 47.95 -14.70
C MET B 152 44.74 48.20 -16.18
N ILE B 153 44.10 47.25 -16.87
CA ILE B 153 43.84 47.39 -18.33
C ILE B 153 43.35 48.80 -18.67
N VAL B 154 42.59 49.43 -17.78
CA VAL B 154 42.13 50.80 -18.01
C VAL B 154 43.32 51.71 -18.32
N TYR B 155 44.45 51.46 -17.67
CA TYR B 155 45.69 52.15 -18.03
C TYR B 155 45.95 52.03 -19.53
N LEU B 156 45.84 50.82 -20.07
CA LEU B 156 45.98 50.65 -21.51
C LEU B 156 45.03 51.56 -22.26
N GLY B 157 43.78 51.62 -21.81
CA GLY B 157 42.83 52.53 -22.41
C GLY B 157 43.32 53.98 -22.37
N MET B 158 43.85 54.40 -21.22
CA MET B 158 44.42 55.74 -21.13
C MET B 158 45.39 55.98 -22.26
N MET B 159 46.22 54.98 -22.56
CA MET B 159 47.17 55.07 -23.66
C MET B 159 46.48 55.55 -24.92
N ALA B 160 45.43 54.82 -25.34
CA ALA B 160 44.73 55.20 -26.56
C ALA B 160 44.20 56.62 -26.46
N GLY B 161 43.63 56.97 -25.32
CA GLY B 161 43.14 58.33 -25.16
C GLY B 161 44.25 59.33 -25.38
N ALA B 162 45.42 59.09 -24.77
CA ALA B 162 46.51 60.03 -24.87
C ALA B 162 47.00 60.17 -26.30
N PHE B 163 46.66 59.22 -27.17
CA PHE B 163 47.00 59.36 -28.58
C PHE B 163 45.79 59.76 -29.41
N ILE B 164 44.59 59.42 -28.98
CA ILE B 164 43.39 59.72 -29.75
C ILE B 164 42.88 61.12 -29.46
N LEU B 165 42.70 61.44 -28.19
CA LEU B 165 42.31 62.79 -27.77
C LEU B 165 43.51 63.69 -27.50
N GLY B 166 44.72 63.18 -27.68
CA GLY B 166 45.91 63.98 -27.46
C GLY B 166 46.45 64.58 -28.74
N GLY B 167 46.57 63.75 -29.78
CA GLY B 167 47.02 64.26 -31.07
C GLY B 167 45.95 64.94 -31.89
N LEU B 168 44.68 64.59 -31.65
CA LEU B 168 43.60 65.19 -32.42
C LEU B 168 43.47 66.68 -32.17
N ALA B 169 43.76 67.12 -30.95
CA ALA B 169 43.50 68.52 -30.58
C ALA B 169 44.32 69.48 -31.42
N ASP B 170 45.54 69.08 -31.81
CA ASP B 170 46.36 69.96 -32.63
C ASP B 170 45.77 70.19 -34.01
N LYS B 171 44.88 69.31 -34.48
CA LYS B 171 44.23 69.47 -35.76
C LYS B 171 42.81 70.01 -35.64
N LEU B 172 42.22 70.01 -34.46
CA LEU B 172 40.83 70.40 -34.28
C LEU B 172 40.64 71.54 -33.29
N GLY B 173 41.35 71.54 -32.19
CA GLY B 173 41.21 72.59 -31.19
C GLY B 173 41.54 72.08 -29.81
N ARG B 174 41.82 73.01 -28.90
CA ARG B 174 42.23 72.68 -27.55
C ARG B 174 41.09 72.78 -26.54
N LYS B 175 40.23 73.79 -26.69
CA LYS B 175 39.09 73.89 -25.78
C LYS B 175 38.03 72.85 -26.12
N ARG B 176 37.75 72.64 -27.40
CA ARG B 176 36.74 71.66 -27.79
C ARG B 176 37.16 70.24 -27.40
N VAL B 177 38.42 69.89 -27.65
CA VAL B 177 38.88 68.54 -27.35
C VAL B 177 38.88 68.28 -25.84
N LEU B 178 39.37 69.24 -25.06
CA LEU B 178 39.34 69.09 -23.61
C LEU B 178 37.91 69.02 -23.09
N SER B 179 37.02 69.83 -23.65
CA SER B 179 35.62 69.80 -23.25
C SER B 179 35.03 68.42 -23.49
N MET B 180 35.21 67.88 -24.70
CA MET B 180 34.67 66.57 -25.02
C MET B 180 35.28 65.48 -24.13
N SER B 181 36.60 65.53 -23.92
CA SER B 181 37.27 64.50 -23.15
C SER B 181 36.78 64.48 -21.71
N LEU B 182 36.81 65.63 -21.05
CA LEU B 182 36.37 65.65 -19.65
C LEU B 182 34.88 65.39 -19.54
N ALA B 183 34.08 65.82 -20.53
CA ALA B 183 32.66 65.53 -20.50
C ALA B 183 32.40 64.03 -20.56
N VAL B 184 33.09 63.32 -21.46
CA VAL B 184 32.87 61.89 -21.58
C VAL B 184 33.38 61.18 -20.33
N ASN B 185 34.49 61.65 -19.76
CA ASN B 185 34.99 61.07 -18.52
C ASN B 185 33.95 61.20 -17.41
N ALA B 186 33.42 62.41 -17.21
CA ALA B 186 32.45 62.62 -16.14
C ALA B 186 31.18 61.82 -16.37
N SER B 187 30.66 61.83 -17.60
CA SER B 187 29.43 61.12 -17.89
C SER B 187 29.57 59.63 -17.67
N PHE B 188 30.67 59.04 -18.14
CA PHE B 188 30.81 57.60 -18.01
C PHE B 188 31.21 57.19 -16.60
N ALA B 189 31.87 58.07 -15.85
CA ALA B 189 32.08 57.78 -14.43
C ALA B 189 30.75 57.77 -13.68
N SER B 190 29.88 58.75 -13.95
CA SER B 190 28.57 58.77 -13.33
C SER B 190 27.77 57.53 -13.72
N LEU B 191 27.88 57.10 -14.97
CA LEU B 191 27.23 55.86 -15.39
C LEU B 191 27.81 54.66 -14.65
N SER B 192 29.14 54.63 -14.46
CA SER B 192 29.78 53.56 -13.71
C SER B 192 29.27 53.51 -12.27
N SER B 193 28.89 54.66 -11.71
CA SER B 193 28.34 54.67 -10.37
C SER B 193 27.08 53.81 -10.28
N PHE B 194 26.17 53.94 -11.25
CA PHE B 194 24.93 53.17 -11.26
C PHE B 194 25.10 51.94 -12.15
N VAL B 195 25.87 50.99 -11.64
CA VAL B 195 26.18 49.75 -12.37
C VAL B 195 26.12 48.59 -11.40
N GLN B 196 25.51 47.48 -11.84
CA GLN B 196 25.48 46.25 -11.08
C GLN B 196 26.35 45.22 -11.80
N GLY B 197 27.29 44.64 -11.07
CA GLY B 197 28.22 43.68 -11.64
C GLY B 197 29.59 44.28 -11.85
N TYR B 198 30.62 43.45 -11.73
CA TYR B 198 31.99 43.93 -11.86
C TYR B 198 32.39 44.16 -13.30
N GLY B 199 31.92 43.34 -14.24
CA GLY B 199 32.34 43.49 -15.63
C GLY B 199 31.91 44.81 -16.23
N ALA B 200 30.64 45.17 -16.03
CA ALA B 200 30.14 46.44 -16.55
C ALA B 200 30.86 47.62 -15.90
N PHE B 201 31.12 47.51 -14.60
CA PHE B 201 31.84 48.58 -13.91
C PHE B 201 33.25 48.74 -14.46
N LEU B 202 33.93 47.62 -14.73
CA LEU B 202 35.27 47.70 -15.26
C LEU B 202 35.27 48.26 -16.68
N PHE B 203 34.28 47.89 -17.49
CA PHE B 203 34.17 48.47 -18.83
C PHE B 203 33.95 49.97 -18.75
N CYS B 204 33.08 50.41 -17.84
CA CYS B 204 32.82 51.84 -17.68
C CYS B 204 34.08 52.56 -17.20
N ARG B 205 34.83 51.95 -16.29
CA ARG B 205 36.09 52.55 -15.88
C ARG B 205 37.08 52.62 -17.03
N LEU B 206 37.09 51.61 -17.90
CA LEU B 206 37.98 51.63 -19.04
C LEU B 206 37.65 52.77 -19.99
N ILE B 207 36.37 52.98 -20.29
CA ILE B 207 36.03 54.08 -21.19
C ILE B 207 36.26 55.43 -20.50
N SER B 208 36.06 55.51 -19.18
CA SER B 208 36.40 56.73 -18.47
C SER B 208 37.90 57.02 -18.57
N GLY B 209 38.73 55.99 -18.44
CA GLY B 209 40.16 56.16 -18.65
C GLY B 209 40.48 56.59 -20.06
N ILE B 210 39.76 56.04 -21.05
CA ILE B 210 39.89 56.50 -22.42
C ILE B 210 39.66 57.99 -22.50
N GLY B 211 38.60 58.47 -21.84
CA GLY B 211 38.28 59.88 -21.89
C GLY B 211 39.31 60.76 -21.21
N ILE B 212 39.81 60.33 -20.05
CA ILE B 212 40.65 61.21 -19.25
C ILE B 212 42.11 61.16 -19.65
N GLY B 213 42.57 60.07 -20.27
CA GLY B 213 43.97 59.96 -20.63
C GLY B 213 44.44 61.01 -21.61
N GLY B 214 43.51 61.68 -22.28
CA GLY B 214 43.86 62.76 -23.20
C GLY B 214 43.66 64.13 -22.61
N ALA B 215 43.61 64.22 -21.28
CA ALA B 215 43.39 65.51 -20.61
C ALA B 215 44.71 66.23 -20.31
N LEU B 216 45.69 65.51 -19.79
CA LEU B 216 46.96 66.14 -19.40
C LEU B 216 47.67 66.84 -20.56
N PRO B 217 47.88 66.20 -21.71
CA PRO B 217 48.53 66.93 -22.81
C PRO B 217 47.75 68.17 -23.22
N ILE B 218 46.42 68.06 -23.22
CA ILE B 218 45.61 69.19 -23.67
C ILE B 218 45.67 70.33 -22.66
N VAL B 219 45.62 70.02 -21.37
CA VAL B 219 45.67 71.11 -20.38
C VAL B 219 47.03 71.80 -20.40
N PHE B 220 48.11 71.02 -20.51
CA PHE B 220 49.43 71.67 -20.55
C PHE B 220 49.62 72.49 -21.81
N ALA B 221 49.22 71.95 -22.97
CA ALA B 221 49.33 72.71 -24.21
C ALA B 221 48.45 73.95 -24.17
N TYR B 222 47.26 73.83 -23.59
CA TYR B 222 46.36 74.97 -23.44
C TYR B 222 47.00 76.07 -22.61
N PHE B 223 47.49 75.72 -21.42
CA PHE B 223 48.03 76.76 -20.56
C PHE B 223 49.36 77.30 -21.05
N SER B 224 50.05 76.56 -21.94
CA SER B 224 51.32 77.03 -22.44
C SER B 224 51.18 78.16 -23.45
N GLU B 225 50.00 78.32 -24.06
CA GLU B 225 49.77 79.37 -25.05
C GLU B 225 49.09 80.59 -24.44
N PHE B 226 49.18 80.77 -23.13
CA PHE B 226 48.53 81.90 -22.47
C PHE B 226 49.44 82.71 -21.56
N LEU B 227 50.49 82.12 -21.00
CA LEU B 227 51.31 82.80 -20.02
C LEU B 227 52.51 83.45 -20.69
N SER B 228 53.09 84.43 -19.99
CA SER B 228 54.18 85.21 -20.55
C SER B 228 55.41 84.33 -20.78
N ARG B 229 56.18 84.69 -21.81
CA ARG B 229 57.33 83.87 -22.21
C ARG B 229 58.38 83.80 -21.11
N GLU B 230 58.72 84.95 -20.52
CA GLU B 230 59.73 84.96 -19.47
C GLU B 230 59.27 84.22 -18.23
N LYS B 231 58.07 84.53 -17.75
CA LYS B 231 57.51 83.85 -16.58
C LYS B 231 56.69 82.63 -16.99
N ARG B 232 57.31 81.76 -17.78
CA ARG B 232 56.66 80.54 -18.27
C ARG B 232 56.99 79.32 -17.44
N GLY B 233 58.25 79.18 -17.00
CA GLY B 233 58.62 78.01 -16.23
C GLY B 233 57.93 77.94 -14.89
N GLU B 234 57.80 79.08 -14.21
CA GLU B 234 57.21 79.10 -12.87
C GLU B 234 55.78 78.63 -12.89
N HIS B 235 54.91 79.35 -13.59
CA HIS B 235 53.46 79.10 -13.51
C HIS B 235 53.12 77.68 -13.94
N LEU B 236 53.69 77.23 -15.06
CA LEU B 236 53.52 75.85 -15.49
C LEU B 236 53.88 74.88 -14.37
N SER B 237 55.04 75.10 -13.75
CA SER B 237 55.45 74.28 -12.62
C SER B 237 54.38 74.26 -11.54
N TRP B 238 53.80 75.43 -11.25
CA TRP B 238 52.76 75.47 -10.22
C TRP B 238 51.60 74.55 -10.57
N LEU B 239 51.23 74.49 -11.85
CA LEU B 239 50.14 73.62 -12.26
C LEU B 239 50.39 72.19 -11.81
N GLY B 240 51.65 71.76 -11.87
CA GLY B 240 51.97 70.38 -11.50
C GLY B 240 51.46 70.01 -10.13
N ILE B 241 51.52 70.94 -9.17
CA ILE B 241 51.14 70.61 -7.81
C ILE B 241 49.70 70.14 -7.76
N PHE B 242 48.83 70.73 -8.58
CA PHE B 242 47.44 70.30 -8.60
C PHE B 242 47.33 68.81 -8.86
N TRP B 243 48.08 68.33 -9.87
CA TRP B 243 48.14 66.90 -10.15
C TRP B 243 48.38 66.12 -8.86
N MET B 244 49.47 66.44 -8.17
CA MET B 244 49.78 65.71 -6.95
C MET B 244 48.67 65.88 -5.93
N THR B 245 48.17 67.11 -5.76
CA THR B 245 47.07 67.35 -4.84
C THR B 245 45.92 66.39 -5.13
N GLY B 246 45.63 66.16 -6.42
CA GLY B 246 44.59 65.22 -6.77
C GLY B 246 44.73 63.91 -6.05
N GLY B 247 45.88 63.25 -6.20
CA GLY B 247 46.06 61.98 -5.52
C GLY B 247 45.83 62.11 -4.04
N LEU B 248 46.40 63.15 -3.42
CA LEU B 248 46.21 63.37 -2.01
C LEU B 248 44.74 63.40 -1.67
N TYR B 249 43.97 64.23 -2.38
CA TYR B 249 42.54 64.31 -2.10
C TYR B 249 41.89 62.96 -2.35
N ALA B 250 42.21 62.34 -3.48
CA ALA B 250 41.62 61.04 -3.79
C ALA B 250 41.97 60.02 -2.73
N SER B 251 43.16 60.14 -2.13
CA SER B 251 43.51 59.23 -1.04
C SER B 251 42.76 59.61 0.23
N ALA B 252 42.74 60.92 0.55
CA ALA B 252 42.26 61.33 1.86
C ALA B 252 40.81 60.95 2.06
N MET B 253 40.00 61.10 1.02
CA MET B 253 38.60 60.72 1.09
C MET B 253 38.40 59.22 1.02
N ALA B 254 39.28 58.50 0.31
CA ALA B 254 39.06 57.08 0.08
C ALA B 254 38.99 56.30 1.38
N TRP B 255 39.99 56.47 2.25
CA TRP B 255 39.96 55.75 3.51
C TRP B 255 38.79 56.15 4.38
N SER B 256 38.21 57.33 4.13
CA SER B 256 37.04 57.74 4.88
C SER B 256 35.77 57.04 4.40
N ILE B 257 35.71 56.66 3.12
CA ILE B 257 34.51 56.13 2.51
C ILE B 257 34.57 54.63 2.34
N ILE B 258 35.66 54.12 1.75
CA ILE B 258 35.75 52.70 1.44
C ILE B 258 37.01 52.07 2.03
N PRO B 259 37.16 51.99 3.35
CA PRO B 259 38.26 51.24 3.95
C PRO B 259 37.89 49.78 4.18
N HIS B 260 37.36 49.12 3.16
CA HIS B 260 36.96 47.72 3.25
C HIS B 260 37.16 47.08 1.88
N TYR B 261 38.19 46.25 1.75
CA TYR B 261 38.47 45.62 0.47
C TYR B 261 37.42 44.58 0.14
N GLY B 262 37.40 44.14 -1.11
CA GLY B 262 36.44 43.18 -1.59
C GLY B 262 35.14 43.76 -2.08
N TRP B 263 35.00 45.08 -2.12
CA TRP B 263 33.76 45.67 -2.60
C TRP B 263 33.55 45.51 -4.10
N GLY B 264 34.59 45.12 -4.83
CA GLY B 264 34.47 44.96 -6.27
C GLY B 264 33.87 43.64 -6.67
N PHE B 265 34.48 42.55 -6.24
CA PHE B 265 34.01 41.21 -6.59
C PHE B 265 32.91 40.74 -5.64
N SER B 266 31.83 41.53 -5.52
CA SER B 266 30.70 41.13 -4.67
C SER B 266 29.46 41.88 -5.17
N MET B 267 28.57 41.14 -5.83
CA MET B 267 27.29 41.67 -6.28
C MET B 267 26.09 40.99 -5.62
N GLY B 268 26.30 39.94 -4.83
CA GLY B 268 25.22 39.29 -4.12
C GLY B 268 24.78 39.99 -2.86
N THR B 269 25.43 41.09 -2.50
CA THR B 269 25.07 41.84 -1.31
C THR B 269 23.84 42.72 -1.59
N ASN B 270 23.30 43.27 -0.51
CA ASN B 270 22.10 44.11 -0.60
C ASN B 270 22.43 45.42 -1.32
N TYR B 271 21.41 46.25 -1.50
CA TYR B 271 21.60 47.58 -2.07
C TYR B 271 22.41 48.49 -1.17
N HIS B 272 22.59 48.12 0.09
CA HIS B 272 23.51 48.82 0.98
C HIS B 272 24.93 48.39 0.64
N PHE B 273 25.88 48.74 1.50
CA PHE B 273 27.30 48.50 1.25
C PHE B 273 27.77 49.27 0.02
N HIS B 274 26.95 50.22 -0.43
CA HIS B 274 27.21 51.02 -1.62
C HIS B 274 28.19 52.16 -1.37
N SER B 275 29.09 52.00 -0.39
CA SER B 275 30.12 53.01 -0.16
C SER B 275 30.99 53.18 -1.39
N TRP B 276 31.21 52.11 -2.16
CA TRP B 276 31.93 52.26 -3.41
C TRP B 276 31.13 53.07 -4.42
N ARG B 277 29.80 52.97 -4.38
CA ARG B 277 28.97 53.75 -5.30
C ARG B 277 29.13 55.24 -5.04
N VAL B 278 29.00 55.65 -3.78
CA VAL B 278 29.15 57.07 -3.46
C VAL B 278 30.59 57.52 -3.68
N PHE B 279 31.57 56.64 -3.42
CA PHE B 279 32.95 57.00 -3.71
C PHE B 279 33.17 57.27 -5.19
N VAL B 280 32.62 56.42 -6.05
CA VAL B 280 32.74 56.63 -7.49
C VAL B 280 32.01 57.91 -7.90
N ILE B 281 30.86 58.18 -7.26
CA ILE B 281 30.14 59.42 -7.56
C ILE B 281 30.98 60.63 -7.22
N VAL B 282 31.61 60.62 -6.04
CA VAL B 282 32.31 61.81 -5.56
C VAL B 282 33.68 61.97 -6.20
N CYS B 283 34.29 60.88 -6.69
CA CYS B 283 35.56 61.02 -7.39
C CYS B 283 35.41 61.74 -8.72
N ALA B 284 34.19 61.94 -9.21
CA ALA B 284 33.94 62.71 -10.43
C ALA B 284 33.56 64.15 -10.13
N LEU B 285 33.94 64.65 -8.96
CA LEU B 285 33.63 66.03 -8.59
C LEU B 285 34.56 67.03 -9.26
N PRO B 286 35.90 66.86 -9.21
CA PRO B 286 36.77 67.85 -9.87
C PRO B 286 36.50 67.99 -11.35
N CYS B 287 36.26 66.89 -12.05
CA CYS B 287 35.95 66.98 -13.48
C CYS B 287 34.61 67.67 -13.71
N THR B 288 33.64 67.44 -12.83
CA THR B 288 32.35 68.10 -12.97
C THR B 288 32.49 69.62 -12.79
N VAL B 289 33.24 70.03 -11.77
CA VAL B 289 33.44 71.47 -11.56
C VAL B 289 34.24 72.07 -12.71
N SER B 290 35.19 71.31 -13.27
CA SER B 290 35.93 71.80 -14.43
C SER B 290 35.02 71.96 -15.64
N MET B 291 34.08 71.03 -15.83
CA MET B 291 33.12 71.15 -16.92
C MET B 291 32.20 72.36 -16.73
N VAL B 292 31.81 72.63 -15.48
CA VAL B 292 31.05 73.85 -15.21
C VAL B 292 31.88 75.07 -15.55
N ALA B 293 33.16 75.07 -15.17
CA ALA B 293 34.01 76.24 -15.31
C ALA B 293 34.39 76.52 -16.76
N LEU B 294 34.59 75.49 -17.58
CA LEU B 294 35.17 75.69 -18.90
C LEU B 294 34.23 76.43 -19.87
N LYS B 295 32.97 76.62 -19.52
CA LYS B 295 32.09 77.38 -20.39
C LYS B 295 32.53 78.84 -20.51
N PHE B 296 33.16 79.38 -19.46
CA PHE B 296 33.55 80.79 -19.47
C PHE B 296 34.91 81.01 -20.12
N MET B 297 35.83 80.05 -20.00
CA MET B 297 37.17 80.26 -20.52
C MET B 297 37.16 80.27 -22.04
N PRO B 298 38.02 81.06 -22.67
CA PRO B 298 38.03 81.15 -24.13
C PRO B 298 39.01 80.17 -24.77
N GLU B 299 39.02 80.10 -26.09
CA GLU B 299 39.88 79.16 -26.80
C GLU B 299 41.32 79.63 -26.73
N SER B 300 42.21 78.88 -27.37
CA SER B 300 43.62 79.21 -27.37
C SER B 300 43.90 80.29 -28.41
N PRO B 301 44.46 81.45 -28.03
CA PRO B 301 44.70 82.50 -29.03
C PRO B 301 45.73 82.13 -30.08
N ARG B 302 46.84 81.50 -29.68
CA ARG B 302 47.87 81.15 -30.65
C ARG B 302 47.38 80.13 -31.66
N PHE B 303 46.67 79.10 -31.19
CA PHE B 303 46.10 78.10 -32.10
C PHE B 303 45.07 78.74 -33.02
N LEU B 304 44.20 79.59 -32.47
CA LEU B 304 43.19 80.24 -33.28
C LEU B 304 43.82 81.08 -34.37
N LEU B 305 44.87 81.84 -34.03
CA LEU B 305 45.61 82.59 -35.04
C LEU B 305 46.21 81.64 -36.08
N GLU B 306 46.73 80.50 -35.63
CA GLU B 306 47.32 79.54 -36.56
C GLU B 306 46.30 79.06 -37.59
N MET B 307 45.09 78.75 -37.14
CA MET B 307 44.07 78.28 -38.08
C MET B 307 43.59 79.40 -38.99
N GLY B 308 43.34 80.58 -38.45
CA GLY B 308 42.84 81.70 -39.23
C GLY B 308 42.08 82.67 -38.34
N LYS B 309 41.09 83.32 -38.94
CA LYS B 309 40.18 84.25 -38.25
C LYS B 309 40.93 85.11 -37.22
N HIS B 310 41.90 85.86 -37.72
CA HIS B 310 42.74 86.67 -36.84
C HIS B 310 41.96 87.72 -36.08
N ASP B 311 40.77 88.09 -36.56
CA ASP B 311 39.93 89.04 -35.81
C ASP B 311 39.47 88.43 -34.49
N GLU B 312 39.14 87.13 -34.49
CA GLU B 312 38.77 86.47 -33.24
C GLU B 312 39.95 86.41 -32.28
N ALA B 313 41.16 86.16 -32.81
CA ALA B 313 42.35 86.21 -31.97
C ALA B 313 42.56 87.60 -31.39
N TRP B 314 42.35 88.64 -32.20
CA TRP B 314 42.47 89.99 -31.67
C TRP B 314 41.43 90.26 -30.60
N MET B 315 40.23 89.74 -30.78
CA MET B 315 39.18 89.92 -29.77
C MET B 315 39.55 89.27 -28.45
N ILE B 316 40.05 88.03 -28.50
CA ILE B 316 40.41 87.36 -27.25
C ILE B 316 41.63 88.04 -26.61
N LEU B 317 42.57 88.51 -27.42
CA LEU B 317 43.71 89.25 -26.87
C LEU B 317 43.25 90.52 -26.19
N LYS B 318 42.31 91.24 -26.80
CA LYS B 318 41.78 92.46 -26.20
C LYS B 318 41.04 92.16 -24.90
N GLN B 319 40.27 91.06 -24.86
CA GLN B 319 39.58 90.69 -23.64
C GLN B 319 40.55 90.36 -22.52
N VAL B 320 41.62 89.61 -22.84
CA VAL B 320 42.64 89.30 -21.83
C VAL B 320 43.30 90.58 -21.33
N HIS B 321 43.64 91.49 -22.25
CA HIS B 321 44.28 92.73 -21.86
C HIS B 321 43.37 93.57 -20.98
N ASP B 322 42.08 93.63 -21.31
CA ASP B 322 41.15 94.41 -20.50
C ASP B 322 41.00 93.81 -19.11
N THR B 323 40.91 92.47 -19.01
CA THR B 323 40.81 91.85 -17.70
C THR B 323 42.05 92.14 -16.86
N ASN B 324 43.24 92.01 -17.46
CA ASN B 324 44.47 92.27 -16.71
C ASN B 324 44.57 93.73 -16.30
N MET B 325 44.16 94.65 -17.18
CA MET B 325 44.18 96.06 -16.84
C MET B 325 43.24 96.38 -15.70
N ARG B 326 42.02 95.84 -15.74
CA ARG B 326 41.06 96.11 -14.68
C ARG B 326 41.51 95.49 -13.36
N ALA B 327 42.19 94.34 -13.42
CA ALA B 327 42.72 93.74 -12.19
C ALA B 327 43.85 94.57 -11.61
N LYS B 328 44.81 94.96 -12.44
CA LYS B 328 45.95 95.73 -11.98
C LYS B 328 45.65 97.21 -11.81
N GLY B 329 44.53 97.69 -12.34
CA GLY B 329 44.14 99.08 -12.19
C GLY B 329 44.94 100.02 -13.07
N ILE B 370 40.30 63.05 -41.59
CA ILE B 370 41.27 63.92 -40.95
C ILE B 370 42.27 63.10 -40.17
N PHE B 371 41.93 61.83 -39.92
CA PHE B 371 42.85 60.96 -39.20
C PHE B 371 44.10 60.68 -40.00
N LYS B 372 44.01 60.72 -41.34
CA LYS B 372 45.21 60.68 -42.15
C LYS B 372 46.13 61.85 -41.82
N GLN B 373 45.57 63.05 -41.72
CA GLN B 373 46.36 64.23 -41.39
C GLN B 373 46.96 64.09 -40.00
N VAL B 374 46.19 63.58 -39.04
CA VAL B 374 46.70 63.50 -37.68
C VAL B 374 47.80 62.44 -37.58
N TRP B 375 47.68 61.34 -38.32
CA TRP B 375 48.73 60.33 -38.31
C TRP B 375 50.01 60.86 -38.97
N ASP B 376 49.87 61.58 -40.09
CA ASP B 376 51.03 62.19 -40.71
C ASP B 376 51.64 63.25 -39.79
N ASN B 377 50.80 63.95 -39.01
CA ASN B 377 51.31 64.90 -38.03
C ASN B 377 52.11 64.20 -36.94
N ALA B 378 51.61 63.06 -36.45
CA ALA B 378 52.35 62.29 -35.46
C ALA B 378 53.68 61.80 -36.02
N LEU B 379 53.67 61.35 -37.28
CA LEU B 379 54.93 60.92 -37.91
C LEU B 379 55.88 62.09 -38.10
N TYR B 380 55.33 63.29 -38.34
CA TYR B 380 56.15 64.48 -38.45
C TYR B 380 56.78 64.86 -37.12
N CYS B 381 56.29 64.31 -36.02
CA CYS B 381 56.88 64.54 -34.71
C CYS B 381 58.01 63.56 -34.39
N VAL B 382 58.18 62.50 -35.17
CA VAL B 382 59.15 61.46 -34.82
C VAL B 382 60.17 61.26 -35.93
N MET B 383 59.71 60.86 -37.11
CA MET B 383 60.62 60.48 -38.20
C MET B 383 60.82 61.65 -39.17
N GLY B 384 61.21 62.79 -38.61
CA GLY B 384 61.43 63.98 -39.41
C GLY B 384 62.48 64.89 -38.81
N PRO B 385 62.28 66.21 -38.95
CA PRO B 385 63.20 67.14 -38.31
C PRO B 385 63.27 66.97 -36.81
N TYR B 386 62.13 66.67 -36.18
CA TYR B 386 62.08 66.35 -34.75
C TYR B 386 62.27 64.85 -34.62
N ARG B 387 63.53 64.42 -34.62
CA ARG B 387 63.86 63.01 -34.53
C ARG B 387 64.63 62.66 -33.27
N MET B 388 65.76 63.33 -33.02
CA MET B 388 66.54 62.99 -31.83
C MET B 388 65.89 63.52 -30.56
N ASN B 389 65.33 64.73 -30.63
CA ASN B 389 64.73 65.33 -29.44
C ASN B 389 63.57 64.48 -28.94
N THR B 390 62.69 64.03 -29.85
CA THR B 390 61.56 63.22 -29.43
C THR B 390 62.00 61.87 -28.88
N LEU B 391 63.05 61.28 -29.47
CA LEU B 391 63.55 60.01 -28.96
C LEU B 391 64.07 60.16 -27.53
N ILE B 392 64.86 61.21 -27.29
CA ILE B 392 65.38 61.43 -25.94
C ILE B 392 64.25 61.71 -24.97
N LEU B 393 63.27 62.50 -25.38
CA LEU B 393 62.14 62.82 -24.51
C LEU B 393 61.33 61.57 -24.18
N ALA B 394 61.11 60.70 -25.17
CA ALA B 394 60.40 59.45 -24.93
C ALA B 394 61.16 58.57 -23.96
N VAL B 395 62.49 58.50 -24.11
CA VAL B 395 63.29 57.68 -23.20
C VAL B 395 63.17 58.21 -21.78
N VAL B 396 63.28 59.53 -21.61
CA VAL B 396 63.20 60.11 -20.27
C VAL B 396 61.82 59.86 -19.65
N TRP B 397 60.76 60.08 -20.44
CA TRP B 397 59.41 59.90 -19.92
C TRP B 397 59.18 58.45 -19.52
N PHE B 398 59.62 57.50 -20.35
CA PHE B 398 59.47 56.09 -20.00
C PHE B 398 60.23 55.75 -18.73
N ALA B 399 61.46 56.24 -18.60
CA ALA B 399 62.26 55.91 -17.41
C ALA B 399 61.59 56.44 -16.15
N MET B 400 61.18 57.71 -16.15
CA MET B 400 60.56 58.27 -14.96
C MET B 400 59.22 57.59 -14.65
N ALA B 401 58.37 57.41 -15.65
CA ALA B 401 57.07 56.79 -15.40
C ALA B 401 57.19 55.31 -15.07
N PHE B 402 58.35 54.72 -15.34
CA PHE B 402 58.62 53.36 -14.89
C PHE B 402 58.98 53.35 -13.42
N SER B 403 60.06 54.06 -13.06
CA SER B 403 60.55 54.01 -11.69
C SER B 403 59.53 54.57 -10.70
N TYR B 404 58.95 55.73 -11.01
CA TYR B 404 58.05 56.38 -10.06
C TYR B 404 56.78 55.56 -9.84
N TYR B 405 56.13 55.16 -10.93
CA TYR B 405 54.90 54.40 -10.83
C TYR B 405 55.13 52.96 -10.41
N GLY B 406 56.39 52.51 -10.37
CA GLY B 406 56.66 51.24 -9.73
C GLY B 406 56.85 51.39 -8.23
N LEU B 407 57.66 52.36 -7.81
CA LEU B 407 57.95 52.53 -6.39
C LEU B 407 56.72 52.98 -5.60
N THR B 408 55.89 53.85 -6.21
CA THR B 408 54.74 54.37 -5.49
C THR B 408 53.78 53.27 -5.07
N VAL B 409 53.73 52.18 -5.84
CA VAL B 409 52.92 51.03 -5.46
C VAL B 409 53.74 49.97 -4.72
N TRP B 410 55.05 49.94 -4.93
CA TRP B 410 55.89 48.98 -4.20
C TRP B 410 55.89 49.28 -2.71
N PHE B 411 55.96 50.56 -2.34
CA PHE B 411 56.12 50.91 -0.93
C PHE B 411 54.97 50.43 -0.05
N PRO B 412 53.69 50.69 -0.36
CA PRO B 412 52.63 50.12 0.47
C PRO B 412 52.63 48.60 0.50
N ASP B 413 52.96 47.96 -0.63
CA ASP B 413 53.05 46.50 -0.64
C ASP B 413 54.17 46.03 0.27
N MET B 414 55.31 46.73 0.25
CA MET B 414 56.41 46.33 1.12
C MET B 414 56.06 46.52 2.59
N ILE B 415 55.32 47.59 2.92
CA ILE B 415 54.95 47.80 4.31
C ILE B 415 53.96 46.73 4.77
N ARG B 416 53.04 46.34 3.89
CA ARG B 416 52.12 45.26 4.22
C ARG B 416 52.87 43.94 4.40
N TYR B 417 53.87 43.69 3.55
CA TYR B 417 54.65 42.47 3.70
C TYR B 417 55.44 42.47 5.00
N PHE B 418 55.97 43.64 5.39
CA PHE B 418 56.68 43.71 6.67
C PHE B 418 55.75 43.39 7.83
N GLN B 419 54.54 43.96 7.82
CA GLN B 419 53.58 43.65 8.87
C GLN B 419 53.21 42.17 8.87
N ASP B 420 53.03 41.60 7.68
CA ASP B 420 52.68 40.19 7.55
C ASP B 420 53.80 39.31 8.12
N GLU B 421 55.05 39.67 7.83
CA GLU B 421 56.17 38.90 8.37
C GLU B 421 56.23 38.98 9.88
N GLU B 422 56.02 40.18 10.43
CA GLU B 422 55.99 40.33 11.89
C GLU B 422 54.89 39.46 12.49
N TYR B 423 53.73 39.41 11.84
CA TYR B 423 52.66 38.51 12.26
C TYR B 423 53.10 37.05 12.23
N LYS B 424 53.62 36.61 11.08
CA LYS B 424 53.96 35.20 10.88
C LYS B 424 55.05 34.75 11.82
N SER B 425 55.90 35.67 12.32
CA SER B 425 56.93 35.27 13.26
C SER B 425 56.31 34.69 14.54
N LYS B 426 55.22 35.30 15.03
CA LYS B 426 54.59 34.85 16.26
C LYS B 426 53.55 33.77 16.01
N MET B 427 53.95 32.68 15.35
CA MET B 427 53.06 31.56 15.10
C MET B 427 53.29 30.50 16.17
N LYS B 428 52.21 30.07 16.83
CA LYS B 428 52.29 29.11 17.91
C LYS B 428 51.95 27.72 17.39
N VAL B 429 52.91 26.81 17.48
CA VAL B 429 52.75 25.43 17.06
C VAL B 429 52.34 24.61 18.28
N PHE B 430 51.29 23.80 18.12
CA PHE B 430 50.75 23.00 19.21
C PHE B 430 50.79 21.53 18.80
N PHE B 431 51.32 20.69 19.68
CA PHE B 431 51.52 19.28 19.40
C PHE B 431 51.05 18.45 20.59
N GLY B 432 50.23 17.44 20.32
CA GLY B 432 49.83 16.52 21.37
C GLY B 432 49.03 17.14 22.50
N GLU B 433 47.90 17.76 22.19
CA GLU B 433 47.06 18.36 23.22
C GLU B 433 45.94 17.42 23.64
N HIS B 434 45.47 17.63 24.86
CA HIS B 434 44.38 16.81 25.42
C HIS B 434 43.50 17.79 26.21
N VAL B 435 42.55 18.46 25.57
CA VAL B 435 41.75 19.53 26.16
C VAL B 435 40.42 18.92 26.56
N TYR B 436 40.18 18.82 27.88
CA TYR B 436 39.05 18.09 28.42
C TYR B 436 38.10 19.07 29.09
N GLY B 437 36.83 19.05 28.68
CA GLY B 437 35.78 19.79 29.35
C GLY B 437 36.03 21.28 29.47
N ALA B 438 36.57 21.90 28.43
CA ALA B 438 36.94 23.31 28.46
C ALA B 438 35.93 24.11 27.65
N THR B 439 35.42 25.18 28.24
CA THR B 439 34.55 26.13 27.55
C THR B 439 35.40 27.30 27.10
N ILE B 440 35.38 27.59 25.81
CA ILE B 440 36.19 28.64 25.22
C ILE B 440 35.31 29.84 24.96
N ASN B 441 35.72 31.00 25.45
CA ASN B 441 34.93 32.23 25.44
C ASN B 441 35.65 33.40 24.79
N PHE B 442 36.98 33.36 24.71
CA PHE B 442 37.83 34.43 24.18
C PHE B 442 38.16 34.14 22.73
N THR B 443 39.12 34.89 22.17
CA THR B 443 39.57 34.73 20.79
C THR B 443 41.00 34.20 20.78
N MET B 444 41.23 33.11 20.06
CA MET B 444 42.57 32.59 19.85
C MET B 444 42.95 32.78 18.38
N GLU B 445 44.15 33.29 18.14
CA GLU B 445 44.58 33.67 16.81
C GLU B 445 46.01 33.22 16.56
N ASN B 446 46.31 32.97 15.28
CA ASN B 446 47.65 32.64 14.82
C ASN B 446 48.22 31.44 15.56
N GLN B 447 47.57 30.30 15.36
CA GLN B 447 47.99 29.05 15.97
C GLN B 447 47.79 27.92 14.98
N ILE B 448 48.58 26.86 15.13
CA ILE B 448 48.33 25.61 14.43
C ILE B 448 48.30 24.48 15.46
N HIS B 449 47.36 23.56 15.31
CA HIS B 449 47.23 22.40 16.17
C HIS B 449 47.49 21.15 15.34
N GLN B 450 48.28 20.23 15.88
CA GLN B 450 48.59 18.97 15.23
C GLN B 450 48.42 17.83 16.22
N HIS B 451 47.75 16.77 15.79
CA HIS B 451 47.47 15.59 16.62
C HIS B 451 46.74 15.98 17.89
N GLY B 452 45.94 17.03 17.84
CA GLY B 452 45.15 17.41 18.98
C GLY B 452 44.03 16.44 19.24
N LYS B 453 43.60 16.32 20.52
CA LYS B 453 42.45 15.44 20.87
C LYS B 453 41.49 16.27 21.70
N LEU B 454 40.68 17.09 21.06
CA LEU B 454 39.75 18.01 21.70
C LEU B 454 38.50 17.21 22.08
N VAL B 455 38.41 16.86 23.35
CA VAL B 455 37.35 15.98 23.86
C VAL B 455 36.42 16.81 24.74
N ASN B 456 35.13 16.80 24.41
CA ASN B 456 34.09 17.47 25.20
C ASN B 456 34.40 18.95 25.40
N ASP B 457 34.79 19.62 24.30
CA ASP B 457 35.06 21.04 24.34
C ASP B 457 33.80 21.82 23.99
N LYS B 458 33.92 23.15 23.98
CA LYS B 458 32.78 24.01 23.69
C LYS B 458 33.29 25.36 23.26
N PHE B 459 33.00 25.75 22.01
CA PHE B 459 33.39 27.04 21.47
C PHE B 459 32.13 27.87 21.30
N THR B 460 31.97 28.91 22.12
CA THR B 460 30.77 29.73 22.13
C THR B 460 31.14 31.19 21.99
N ARG B 461 30.60 31.85 20.96
CA ARG B 461 30.71 33.29 20.78
C ARG B 461 32.17 33.75 20.78
N MET B 462 32.92 33.26 19.79
CA MET B 462 34.34 33.54 19.73
C MET B 462 34.78 33.75 18.28
N TYR B 463 36.03 34.16 18.12
CA TYR B 463 36.62 34.54 16.84
C TYR B 463 37.81 33.63 16.55
N PHE B 464 37.78 32.97 15.40
CA PHE B 464 38.87 32.16 14.90
C PHE B 464 39.64 33.00 13.88
N LYS B 465 40.93 33.23 14.14
CA LYS B 465 41.73 34.09 13.26
C LYS B 465 43.05 33.40 12.94
N HIS B 466 43.20 32.99 11.69
CA HIS B 466 44.46 32.44 11.18
C HIS B 466 44.94 31.26 12.02
N VAL B 467 44.01 30.37 12.36
CA VAL B 467 44.30 29.18 13.15
C VAL B 467 43.98 27.95 12.32
N LEU B 468 44.86 26.97 12.37
CA LEU B 468 44.80 25.79 11.53
C LEU B 468 44.71 24.54 12.39
N PHE B 469 43.90 23.58 11.95
CA PHE B 469 43.74 22.30 12.62
C PHE B 469 44.18 21.18 11.68
N GLU B 470 45.08 20.33 12.14
CA GLU B 470 45.52 19.18 11.37
C GLU B 470 45.55 17.96 12.26
N ASP B 471 45.02 16.86 11.76
CA ASP B 471 45.07 15.56 12.45
C ASP B 471 44.45 15.64 13.84
N THR B 472 43.52 16.55 14.04
CA THR B 472 42.89 16.71 15.35
C THR B 472 41.63 15.87 15.43
N PHE B 473 41.40 15.26 16.59
CA PHE B 473 40.30 14.34 16.81
C PHE B 473 39.31 15.02 17.75
N PHE B 474 38.24 15.57 17.19
CA PHE B 474 37.22 16.18 18.02
C PHE B 474 36.36 15.10 18.68
N ASP B 475 35.60 15.51 19.69
CA ASP B 475 34.71 14.57 20.38
C ASP B 475 33.62 15.37 21.08
N GLU B 476 32.39 15.23 20.60
CA GLU B 476 31.20 15.85 21.19
C GLU B 476 31.40 17.33 21.51
N CYS B 477 32.25 18.00 20.75
CA CYS B 477 32.43 19.43 20.92
C CYS B 477 31.20 20.19 20.41
N TYR B 478 31.02 21.41 20.92
CA TYR B 478 29.88 22.23 20.59
C TYR B 478 30.36 23.58 20.08
N PHE B 479 29.92 23.95 18.89
CA PHE B 479 30.30 25.21 18.26
C PHE B 479 29.06 26.10 18.19
N GLU B 480 29.13 27.27 18.83
CA GLU B 480 27.98 28.18 18.87
C GLU B 480 28.46 29.61 18.66
N ASP B 481 27.90 30.27 17.65
CA ASP B 481 28.18 31.68 17.35
C ASP B 481 29.68 31.93 17.20
N VAL B 482 30.37 30.99 16.54
CA VAL B 482 31.79 31.10 16.26
C VAL B 482 31.97 31.70 14.88
N THR B 483 32.83 32.72 14.79
CA THR B 483 33.07 33.42 13.54
C THR B 483 34.52 33.19 13.13
N SER B 484 34.73 32.67 11.93
CA SER B 484 36.04 32.21 11.52
C SER B 484 36.56 32.99 10.32
N THR B 485 37.88 33.20 10.29
CA THR B 485 38.55 33.91 9.21
C THR B 485 39.87 33.22 8.93
N ASP B 486 40.03 32.74 7.70
CA ASP B 486 41.24 32.08 7.22
C ASP B 486 41.59 30.82 7.99
N THR B 487 40.68 30.30 8.81
CA THR B 487 40.91 29.03 9.47
C THR B 487 40.52 27.88 8.55
N TYR B 488 41.20 26.74 8.73
CA TYR B 488 41.01 25.63 7.81
C TYR B 488 41.26 24.33 8.55
N PHE B 489 40.28 23.42 8.51
CA PHE B 489 40.43 22.11 9.12
C PHE B 489 40.99 21.12 8.10
N LYS B 490 41.96 20.31 8.53
CA LYS B 490 42.60 19.35 7.64
C LYS B 490 42.75 18.01 8.34
N ASN B 491 42.42 16.94 7.62
CA ASN B 491 42.56 15.54 8.09
C ASN B 491 41.98 15.33 9.49
N CYS B 492 40.99 16.13 9.90
CA CYS B 492 40.47 16.02 11.24
C CYS B 492 39.33 15.00 11.31
N THR B 493 39.31 14.23 12.39
CA THR B 493 38.20 13.34 12.71
C THR B 493 37.26 14.09 13.65
N ILE B 494 36.08 14.41 13.16
CA ILE B 494 35.12 15.22 13.89
C ILE B 494 33.95 14.32 14.24
N GLU B 495 33.70 14.11 15.53
CA GLU B 495 32.76 13.10 15.98
C GLU B 495 31.78 13.68 16.98
N SER B 496 30.48 13.46 16.73
CA SER B 496 29.41 13.76 17.68
C SER B 496 29.30 15.25 18.00
N THR B 497 29.70 16.11 17.07
CA THR B 497 29.71 17.54 17.31
C THR B 497 28.41 18.17 16.84
N ILE B 498 28.21 19.43 17.24
CA ILE B 498 27.09 20.25 16.78
C ILE B 498 27.65 21.59 16.32
N PHE B 499 27.31 21.98 15.09
CA PHE B 499 27.71 23.25 14.52
C PHE B 499 26.44 24.09 14.36
N TYR B 500 26.07 24.82 15.41
CA TYR B 500 24.86 25.62 15.43
C TYR B 500 25.22 27.10 15.39
N ASN B 501 24.61 27.83 14.46
CA ASN B 501 24.81 29.28 14.32
C ASN B 501 26.29 29.58 14.12
N THR B 502 26.79 29.16 12.96
CA THR B 502 28.20 29.29 12.62
C THR B 502 28.34 29.62 11.14
N ASP B 503 29.53 30.10 10.78
CA ASP B 503 29.88 30.33 9.38
C ASP B 503 30.95 29.37 8.88
N LEU B 504 31.27 28.34 9.65
CA LEU B 504 32.23 27.32 9.23
C LEU B 504 31.56 26.45 8.17
N TYR B 505 31.61 26.93 6.93
CA TYR B 505 30.96 26.27 5.82
C TYR B 505 31.73 25.01 5.44
N GLU B 506 31.26 24.35 4.37
CA GLU B 506 31.90 23.12 3.93
C GLU B 506 33.30 23.39 3.40
N HIS B 507 33.49 24.49 2.68
CA HIS B 507 34.78 24.76 2.05
C HIS B 507 35.91 24.94 3.06
N LYS B 508 35.59 25.19 4.33
CA LYS B 508 36.61 25.31 5.37
C LYS B 508 37.09 23.96 5.86
N PHE B 509 36.51 22.86 5.39
CA PHE B 509 36.91 21.51 5.78
C PHE B 509 37.57 20.82 4.59
N ILE B 510 38.77 20.31 4.81
CA ILE B 510 39.57 19.68 3.76
C ILE B 510 39.92 18.27 4.20
N ASN B 511 39.41 17.28 3.46
CA ASN B 511 39.71 15.86 3.71
C ASN B 511 39.43 15.48 5.17
N CYS B 512 38.23 15.83 5.63
CA CYS B 512 37.81 15.57 7.00
C CYS B 512 36.71 14.51 7.03
N ARG B 513 36.77 13.66 8.04
CA ARG B 513 35.80 12.59 8.23
C ARG B 513 34.90 12.95 9.40
N PHE B 514 33.60 13.13 9.12
CA PHE B 514 32.61 13.36 10.17
C PHE B 514 32.11 12.01 10.69
N ILE B 515 31.73 12.00 11.96
CA ILE B 515 31.19 10.81 12.60
C ILE B 515 30.00 11.23 13.45
N ASN B 516 28.81 10.75 13.11
CA ASN B 516 27.62 10.95 13.93
C ASN B 516 27.37 12.44 14.20
N SER B 517 27.91 13.31 13.36
CA SER B 517 27.91 14.74 13.60
C SER B 517 26.63 15.37 13.06
N THR B 518 26.55 16.70 13.16
CA THR B 518 25.39 17.42 12.66
C THR B 518 25.79 18.82 12.25
N PHE B 519 24.93 19.45 11.48
CA PHE B 519 25.16 20.81 10.98
C PHE B 519 23.82 21.54 11.03
N LEU B 520 23.62 22.32 12.08
CA LEU B 520 22.31 22.98 12.25
C LEU B 520 22.36 24.37 11.64
N GLU B 521 21.58 25.30 12.18
CA GLU B 521 21.50 26.66 11.58
C GLU B 521 22.92 27.19 11.39
N GLN B 522 23.17 27.87 10.28
CA GLN B 522 24.54 28.37 10.01
C GLN B 522 24.48 29.84 9.61
N LYS B 523 25.25 30.69 10.29
CA LYS B 523 25.29 32.15 9.98
C LYS B 523 25.42 32.32 8.46
N GLU B 524 24.63 33.24 7.90
CA GLU B 524 24.65 33.45 6.42
C GLU B 524 25.76 34.44 6.07
N GLY B 525 26.54 34.12 5.04
CA GLY B 525 27.64 35.01 4.62
C GLY B 525 28.85 34.84 5.52
N CYS B 526 30.06 35.06 5.00
CA CYS B 526 31.24 35.01 5.88
C CYS B 526 31.31 36.29 6.70
N HIS B 527 31.98 36.24 7.84
CA HIS B 527 32.08 37.44 8.72
C HIS B 527 33.55 37.66 9.06
N MET B 528 34.00 38.92 9.02
CA MET B 528 35.41 39.24 9.36
C MET B 528 35.41 40.40 10.35
N ASP B 529 36.43 40.47 11.22
CA ASP B 529 36.55 41.63 12.14
C ASP B 529 37.09 42.80 11.31
N LEU B 530 36.25 43.45 10.51
CA LEU B 530 36.73 44.53 9.62
C LEU B 530 37.52 45.56 10.43
N GLU B 531 37.21 45.71 11.71
CA GLU B 531 38.00 46.64 12.57
C GLU B 531 39.48 46.30 12.41
N GLN B 532 39.82 45.01 12.40
CA GLN B 532 41.23 44.59 12.27
C GLN B 532 41.53 44.21 10.81
N ASP B 533 40.55 44.37 9.92
CA ASP B 533 40.73 43.97 8.51
C ASP B 533 40.58 45.19 7.59
N ASN B 534 41.06 46.35 8.04
CA ASN B 534 41.02 47.56 7.18
C ASN B 534 42.43 47.85 6.66
N ASP B 535 42.59 47.92 5.34
CA ASP B 535 43.91 48.26 4.75
C ASP B 535 44.06 49.78 4.77
N PHE B 536 43.44 50.44 5.75
CA PHE B 536 43.49 51.93 5.86
C PHE B 536 44.91 52.41 5.60
N LEU B 537 45.91 51.68 6.11
CA LEU B 537 47.33 52.08 5.91
C LEU B 537 47.60 52.27 4.41
N ILE B 538 47.19 51.33 3.55
CA ILE B 538 47.55 51.46 2.14
C ILE B 538 47.09 52.79 1.57
N TYR B 539 46.02 53.38 2.08
CA TYR B 539 45.58 54.70 1.65
C TYR B 539 46.30 55.81 2.41
N LEU B 540 46.56 55.59 3.70
CA LEU B 540 47.30 56.58 4.48
C LEU B 540 48.74 56.69 3.98
N VAL B 541 49.36 55.56 3.63
CA VAL B 541 50.71 55.59 3.09
C VAL B 541 50.75 56.34 1.77
N SER B 542 49.77 56.10 0.91
CA SER B 542 49.70 56.83 -0.36
C SER B 542 49.48 58.32 -0.12
N PHE B 543 48.66 58.65 0.87
CA PHE B 543 48.44 60.07 1.22
C PHE B 543 49.75 60.72 1.62
N LEU B 544 50.53 60.07 2.49
CA LEU B 544 51.81 60.63 2.90
C LEU B 544 52.77 60.74 1.73
N GLY B 545 52.79 59.73 0.85
CA GLY B 545 53.68 59.76 -0.29
C GLY B 545 53.37 60.91 -1.23
N SER B 546 52.08 61.16 -1.48
CA SER B 546 51.72 62.28 -2.34
C SER B 546 51.93 63.61 -1.64
N LEU B 547 51.78 63.65 -0.31
CA LEU B 547 51.99 64.89 0.44
C LEU B 547 53.47 65.28 0.45
N SER B 548 54.37 64.29 0.48
CA SER B 548 55.79 64.60 0.66
C SER B 548 56.37 65.41 -0.49
N VAL B 549 55.67 65.50 -1.62
CA VAL B 549 56.20 66.25 -2.76
C VAL B 549 55.88 67.74 -2.69
N LEU B 550 54.97 68.16 -1.82
CA LEU B 550 54.58 69.57 -1.77
C LEU B 550 55.73 70.47 -1.39
N PRO B 551 56.51 70.22 -0.33
CA PRO B 551 57.71 71.04 -0.10
C PRO B 551 58.73 70.92 -1.22
N GLY B 552 58.81 69.76 -1.87
CA GLY B 552 59.77 69.57 -2.94
C GLY B 552 59.35 70.12 -4.29
N ASN B 553 58.12 70.61 -4.40
CA ASN B 553 57.65 71.21 -5.65
C ASN B 553 57.86 72.72 -5.66
N ILE B 554 57.70 73.39 -4.51
CA ILE B 554 57.88 74.84 -4.46
C ILE B 554 59.35 75.20 -4.69
N ILE B 555 60.27 74.41 -4.12
CA ILE B 555 61.69 74.62 -4.36
C ILE B 555 62.08 74.33 -5.80
N SER B 556 61.16 73.85 -6.62
CA SER B 556 61.38 73.71 -8.06
C SER B 556 60.61 74.74 -8.86
N ALA B 557 59.50 75.26 -8.31
CA ALA B 557 58.74 76.28 -8.99
C ALA B 557 59.53 77.57 -9.10
N LEU B 558 59.94 78.13 -7.97
CA LEU B 558 60.74 79.35 -7.98
C LEU B 558 62.23 79.03 -8.05
N LEU B 559 62.59 78.09 -8.92
CA LEU B 559 63.98 77.83 -9.25
C LEU B 559 64.22 77.52 -10.72
N MET B 560 63.20 77.19 -11.50
CA MET B 560 63.45 76.70 -12.86
C MET B 560 63.90 77.82 -13.80
N ASP B 561 63.79 79.07 -13.37
CA ASP B 561 64.30 80.19 -14.14
C ASP B 561 65.74 80.54 -13.79
N ARG B 562 66.36 79.82 -12.86
CA ARG B 562 67.74 80.08 -12.47
C ARG B 562 68.69 78.96 -12.83
N ILE B 563 68.46 77.73 -12.36
CA ILE B 563 69.33 76.63 -12.76
C ILE B 563 69.11 76.26 -14.22
N GLY B 564 67.86 76.20 -14.66
CA GLY B 564 67.56 75.93 -16.04
C GLY B 564 66.51 74.84 -16.17
N ARG B 565 66.46 74.23 -17.35
CA ARG B 565 65.46 73.24 -17.69
C ARG B 565 66.05 71.87 -17.98
N LEU B 566 67.37 71.73 -18.03
CA LEU B 566 68.02 70.46 -18.23
C LEU B 566 68.89 70.03 -17.06
N LYS B 567 69.44 70.97 -16.30
CA LYS B 567 70.17 70.59 -15.09
C LYS B 567 69.22 70.13 -14.00
N MET B 568 68.01 70.70 -13.94
CA MET B 568 67.05 70.30 -12.91
C MET B 568 66.63 68.84 -13.08
N ILE B 569 66.26 68.46 -14.30
CA ILE B 569 65.75 67.10 -14.51
C ILE B 569 66.84 66.07 -14.23
N GLY B 570 68.04 66.30 -14.76
CA GLY B 570 69.13 65.36 -14.52
C GLY B 570 69.53 65.30 -13.06
N GLY B 571 69.64 66.46 -12.41
CA GLY B 571 70.00 66.47 -11.00
C GLY B 571 68.99 65.77 -10.13
N SER B 572 67.69 66.05 -10.36
CA SER B 572 66.64 65.40 -9.59
C SER B 572 66.64 63.90 -9.82
N MET B 573 66.82 63.47 -11.07
CA MET B 573 66.84 62.04 -11.36
C MET B 573 68.00 61.36 -10.66
N LEU B 574 69.19 61.94 -10.72
CA LEU B 574 70.36 61.31 -10.09
C LEU B 574 70.24 61.33 -8.56
N ILE B 575 69.68 62.40 -8.00
CA ILE B 575 69.53 62.45 -6.54
C ILE B 575 68.51 61.42 -6.07
N SER B 576 67.40 61.27 -6.81
CA SER B 576 66.44 60.23 -6.48
C SER B 576 67.07 58.85 -6.61
N ALA B 577 67.93 58.65 -7.61
CA ALA B 577 68.64 57.39 -7.73
C ALA B 577 69.53 57.12 -6.53
N VAL B 578 70.26 58.15 -6.08
CA VAL B 578 71.12 58.01 -4.89
C VAL B 578 70.28 57.66 -3.67
N CYS B 579 69.12 58.30 -3.53
CA CYS B 579 68.23 57.97 -2.41
C CYS B 579 67.73 56.53 -2.52
N CYS B 580 67.44 56.07 -3.74
CA CYS B 580 67.01 54.70 -3.94
C CYS B 580 68.09 53.71 -3.52
N PHE B 581 69.35 54.01 -3.85
CA PHE B 581 70.41 53.10 -3.44
C PHE B 581 70.59 53.03 -1.93
N PHE B 582 69.98 53.94 -1.17
CA PHE B 582 70.04 53.89 0.29
C PHE B 582 68.90 53.08 0.89
N LEU B 583 67.93 52.65 0.07
CA LEU B 583 66.77 51.96 0.61
C LEU B 583 67.12 50.55 1.05
N PHE B 584 68.14 49.94 0.43
CA PHE B 584 68.58 48.61 0.86
C PHE B 584 68.96 48.60 2.34
N PHE B 585 69.48 49.71 2.85
CA PHE B 585 69.85 49.79 4.26
C PHE B 585 68.62 49.64 5.16
N GLY B 586 67.51 50.24 4.78
CA GLY B 586 66.37 50.37 5.68
C GLY B 586 65.45 49.14 5.65
N ASN B 587 65.02 48.74 6.84
CA ASN B 587 64.01 47.67 7.00
C ASN B 587 63.24 47.97 8.28
N SER B 588 62.12 48.68 8.14
CA SER B 588 61.21 49.00 9.24
C SER B 588 60.04 49.78 8.64
N GLU B 589 58.98 49.93 9.45
CA GLU B 589 57.86 50.74 9.00
C GLU B 589 58.25 52.21 8.89
N SER B 590 58.86 52.75 9.96
CA SER B 590 59.32 54.13 9.92
C SER B 590 60.37 54.34 8.83
N ALA B 591 61.30 53.40 8.71
CA ALA B 591 62.33 53.51 7.68
C ALA B 591 61.69 53.51 6.29
N MET B 592 60.75 52.59 6.03
CA MET B 592 60.14 52.53 4.70
C MET B 592 59.37 53.80 4.38
N ILE B 593 58.57 54.29 5.33
CA ILE B 593 57.80 55.50 5.05
C ILE B 593 58.74 56.69 4.86
N GLY B 594 59.85 56.75 5.62
CA GLY B 594 60.79 57.84 5.43
C GLY B 594 61.45 57.80 4.07
N TRP B 595 61.88 56.61 3.62
CA TRP B 595 62.50 56.51 2.31
C TRP B 595 61.51 56.87 1.21
N GLN B 596 60.25 56.45 1.37
CA GLN B 596 59.23 56.81 0.40
C GLN B 596 59.05 58.33 0.33
N CYS B 597 58.99 58.97 1.50
CA CYS B 597 58.82 60.42 1.52
C CYS B 597 60.01 61.12 0.86
N LEU B 598 61.22 60.68 1.16
CA LEU B 598 62.41 61.30 0.57
C LEU B 598 62.41 61.14 -0.95
N PHE B 599 62.15 59.93 -1.44
CA PHE B 599 62.17 59.71 -2.87
C PHE B 599 61.09 60.52 -3.58
N CYS B 600 59.87 60.53 -3.02
CA CYS B 600 58.80 61.30 -3.66
C CYS B 600 59.09 62.79 -3.61
N GLY B 601 59.72 63.27 -2.54
CA GLY B 601 60.05 64.68 -2.46
C GLY B 601 61.09 65.10 -3.49
N THR B 602 62.08 64.23 -3.74
CA THR B 602 63.09 64.57 -4.73
C THR B 602 62.75 64.11 -6.14
N SER B 603 61.59 63.48 -6.34
CA SER B 603 61.17 63.08 -7.68
C SER B 603 59.93 63.81 -8.16
N ILE B 604 59.78 65.09 -7.83
CA ILE B 604 58.71 65.93 -8.35
C ILE B 604 59.25 67.07 -9.20
N ALA B 605 60.41 67.62 -8.83
CA ALA B 605 61.08 68.60 -9.68
C ALA B 605 61.40 67.99 -11.03
N ALA B 606 61.76 66.70 -11.04
CA ALA B 606 62.00 66.01 -12.30
C ALA B 606 60.76 66.04 -13.18
N TRP B 607 59.60 65.70 -12.61
CA TRP B 607 58.37 65.70 -13.39
C TRP B 607 58.05 67.10 -13.91
N ASN B 608 58.22 68.12 -13.07
CA ASN B 608 57.88 69.47 -13.49
C ASN B 608 58.78 69.95 -14.62
N ALA B 609 60.09 69.74 -14.47
CA ALA B 609 61.02 70.13 -15.52
C ALA B 609 60.76 69.34 -16.78
N LEU B 610 60.34 68.07 -16.65
CA LEU B 610 59.99 67.28 -17.82
C LEU B 610 58.79 67.88 -18.55
N ASP B 611 57.76 68.28 -17.80
CA ASP B 611 56.59 68.89 -18.43
C ASP B 611 56.97 70.16 -19.16
N VAL B 612 57.79 71.00 -18.54
CA VAL B 612 58.16 72.26 -19.18
C VAL B 612 59.01 72.01 -20.43
N ILE B 613 59.99 71.11 -20.34
CA ILE B 613 60.86 70.88 -21.48
C ILE B 613 60.12 70.18 -22.61
N THR B 614 59.06 69.42 -22.29
CA THR B 614 58.31 68.75 -23.34
C THR B 614 57.20 69.62 -23.92
N VAL B 615 56.81 70.69 -23.23
CA VAL B 615 55.85 71.63 -23.78
C VAL B 615 56.54 72.81 -24.48
N GLU B 616 57.81 73.07 -24.20
CA GLU B 616 58.50 74.23 -24.75
C GLU B 616 59.15 73.96 -26.09
N LEU B 617 59.48 72.70 -26.39
CA LEU B 617 60.26 72.39 -27.59
C LEU B 617 59.43 72.54 -28.86
N TYR B 618 58.36 71.76 -28.97
CA TYR B 618 57.64 71.66 -30.23
C TYR B 618 56.85 72.94 -30.50
N PRO B 619 56.64 73.26 -31.79
CA PRO B 619 55.80 74.42 -32.13
C PRO B 619 54.34 74.18 -31.79
N THR B 620 53.51 75.20 -32.02
CA THR B 620 52.08 75.09 -31.70
C THR B 620 51.32 74.20 -32.65
N ASN B 621 51.91 73.81 -33.78
CA ASN B 621 51.24 72.92 -34.71
C ASN B 621 51.56 71.44 -34.45
N GLN B 622 52.43 71.14 -33.49
CA GLN B 622 52.75 69.76 -33.15
C GLN B 622 52.78 69.52 -31.65
N ARG B 623 52.51 70.52 -30.81
CA ARG B 623 52.73 70.39 -29.39
C ARG B 623 51.78 69.38 -28.77
N ALA B 624 50.48 69.48 -29.09
CA ALA B 624 49.51 68.58 -28.50
C ALA B 624 49.79 67.13 -28.89
N THR B 625 50.14 66.88 -30.15
CA THR B 625 50.37 65.52 -30.62
C THR B 625 51.56 64.89 -29.92
N ALA B 626 52.69 65.60 -29.87
CA ALA B 626 53.88 65.05 -29.24
C ALA B 626 53.67 64.88 -27.74
N PHE B 627 53.03 65.84 -27.08
CA PHE B 627 52.73 65.67 -25.67
C PHE B 627 51.82 64.46 -25.46
N GLY B 628 50.89 64.22 -26.37
CA GLY B 628 50.01 63.08 -26.23
C GLY B 628 50.74 61.76 -26.37
N ILE B 629 51.62 61.64 -27.36
CA ILE B 629 52.36 60.39 -27.50
C ILE B 629 53.29 60.17 -26.31
N LEU B 630 53.88 61.24 -25.79
CA LEU B 630 54.75 61.08 -24.62
C LEU B 630 53.95 60.69 -23.39
N ASN B 631 52.74 61.22 -23.24
CA ASN B 631 51.89 60.82 -22.11
C ASN B 631 51.45 59.37 -22.26
N GLY B 632 51.18 58.92 -23.48
CA GLY B 632 50.87 57.52 -23.70
C GLY B 632 52.03 56.61 -23.32
N LEU B 633 53.24 57.00 -23.70
CA LEU B 633 54.41 56.22 -23.30
C LEU B 633 54.60 56.25 -21.79
N CYS B 634 54.28 57.39 -21.16
CA CYS B 634 54.32 57.47 -19.70
C CYS B 634 53.36 56.47 -19.06
N LYS B 635 52.15 56.37 -19.59
CA LYS B 635 51.19 55.41 -19.04
C LYS B 635 51.66 53.98 -19.29
N PHE B 636 52.31 53.73 -20.44
CA PHE B 636 52.85 52.41 -20.71
C PHE B 636 53.91 52.03 -19.68
N GLY B 637 54.80 52.98 -19.38
CA GLY B 637 55.77 52.75 -18.31
C GLY B 637 55.13 52.56 -16.96
N ALA B 638 54.02 53.27 -16.70
CA ALA B 638 53.30 53.07 -15.46
C ALA B 638 52.79 51.64 -15.34
N ILE B 639 52.23 51.10 -16.44
CA ILE B 639 51.81 49.71 -16.45
C ILE B 639 52.99 48.79 -16.12
N LEU B 640 54.10 48.99 -16.83
CA LEU B 640 55.25 48.10 -16.65
C LEU B 640 55.75 48.13 -15.21
N GLY B 641 55.92 49.32 -14.64
CA GLY B 641 56.42 49.43 -13.28
C GLY B 641 55.45 48.87 -12.26
N ASN B 642 54.19 49.27 -12.35
CA ASN B 642 53.21 48.84 -11.36
C ASN B 642 52.91 47.35 -11.47
N THR B 643 53.31 46.71 -12.57
CA THR B 643 53.25 45.26 -12.61
C THR B 643 54.50 44.63 -12.01
N ILE B 644 55.68 45.01 -12.52
CA ILE B 644 56.91 44.33 -12.13
C ILE B 644 57.20 44.53 -10.64
N PHE B 645 57.16 45.78 -10.17
CA PHE B 645 57.50 46.05 -8.78
C PHE B 645 56.50 45.41 -7.82
N ALA B 646 55.21 45.45 -8.16
CA ALA B 646 54.21 44.87 -7.29
C ALA B 646 54.21 43.35 -7.33
N SER B 647 54.80 42.76 -8.36
CA SER B 647 54.93 41.30 -8.38
C SER B 647 56.15 40.81 -7.61
N PHE B 648 57.23 41.59 -7.56
CA PHE B 648 58.43 41.19 -6.83
C PHE B 648 58.33 41.61 -5.36
N VAL B 649 57.39 41.01 -4.65
CA VAL B 649 57.21 41.24 -3.23
C VAL B 649 57.33 39.90 -2.51
N GLY B 650 58.20 39.84 -1.50
CA GLY B 650 58.42 38.63 -0.76
C GLY B 650 59.44 37.68 -1.37
N ILE B 651 59.95 37.98 -2.55
CA ILE B 651 60.96 37.16 -3.19
C ILE B 651 62.36 37.74 -3.04
N THR B 652 62.49 39.05 -3.23
CA THR B 652 63.77 39.73 -3.06
C THR B 652 63.51 41.22 -2.94
N LYS B 653 64.53 41.93 -2.47
CA LYS B 653 64.47 43.38 -2.32
C LYS B 653 65.50 44.11 -3.17
N VAL B 654 66.67 43.53 -3.39
CA VAL B 654 67.71 44.25 -4.12
C VAL B 654 67.44 44.26 -5.61
N VAL B 655 66.61 43.34 -6.11
CA VAL B 655 66.36 43.26 -7.54
C VAL B 655 65.52 44.46 -8.00
N PRO B 656 64.34 44.72 -7.44
CA PRO B 656 63.57 45.88 -7.90
C PRO B 656 64.27 47.20 -7.59
N ILE B 657 64.97 47.28 -6.46
CA ILE B 657 65.66 48.52 -6.11
C ILE B 657 66.80 48.80 -7.09
N LEU B 658 67.58 47.76 -7.40
CA LEU B 658 68.65 47.93 -8.38
C LEU B 658 68.09 48.29 -9.75
N LEU B 659 66.97 47.67 -10.14
CA LEU B 659 66.37 47.98 -11.43
C LEU B 659 65.89 49.42 -11.48
N ALA B 660 65.25 49.89 -10.41
CA ALA B 660 64.77 51.27 -10.37
C ALA B 660 65.94 52.26 -10.37
N ALA B 661 66.99 51.96 -9.62
CA ALA B 661 68.15 52.84 -9.60
C ALA B 661 68.82 52.89 -10.97
N ALA B 662 68.89 51.75 -11.66
CA ALA B 662 69.44 51.73 -13.00
C ALA B 662 68.60 52.56 -13.96
N SER B 663 67.27 52.44 -13.87
CA SER B 663 66.41 53.23 -14.75
C SER B 663 66.59 54.72 -14.49
N LEU B 664 66.63 55.12 -13.22
CA LEU B 664 66.81 56.53 -12.89
C LEU B 664 68.16 57.04 -13.37
N VAL B 665 69.22 56.26 -13.17
CA VAL B 665 70.55 56.70 -13.58
C VAL B 665 70.62 56.84 -15.09
N GLY B 666 70.08 55.87 -15.82
CA GLY B 666 70.07 55.97 -17.27
C GLY B 666 69.29 57.18 -17.77
N GLY B 667 68.11 57.40 -17.21
CA GLY B 667 67.32 58.56 -17.60
C GLY B 667 68.04 59.87 -17.30
N GLY B 668 68.59 59.99 -16.10
CA GLY B 668 69.28 61.21 -15.71
C GLY B 668 70.63 61.40 -16.35
N LEU B 669 71.16 60.36 -17.00
CA LEU B 669 72.36 60.55 -17.83
C LEU B 669 72.02 60.87 -19.26
N ILE B 670 70.87 60.39 -19.76
CA ILE B 670 70.48 60.70 -21.14
C ILE B 670 69.84 62.08 -21.23
N ALA B 671 69.13 62.52 -20.18
CA ALA B 671 68.39 63.77 -20.24
C ALA B 671 69.29 64.99 -20.43
N LEU B 672 70.59 64.86 -20.17
CA LEU B 672 71.51 65.95 -20.46
C LEU B 672 71.63 66.19 -21.95
N ARG B 673 71.60 65.12 -22.75
CA ARG B 673 71.72 65.22 -24.21
C ARG B 673 70.41 65.69 -24.83
N LEU B 674 70.01 66.91 -24.47
CA LEU B 674 68.80 67.54 -24.96
C LEU B 674 69.12 68.97 -25.37
N PRO B 675 68.43 69.49 -26.40
CA PRO B 675 68.65 70.89 -26.79
C PRO B 675 68.26 71.85 -25.68
N GLU B 676 69.01 72.94 -25.59
CA GLU B 676 68.78 73.94 -24.56
C GLU B 676 67.58 74.81 -24.90
N THR B 677 66.82 75.19 -23.87
CA THR B 677 65.64 76.05 -24.01
C THR B 677 65.68 77.07 -22.87
N ARG B 678 66.18 78.26 -23.16
CA ARG B 678 66.23 79.34 -22.17
C ARG B 678 66.42 80.69 -22.85
#